data_3M1I
#
_entry.id   3M1I
#
_cell.length_a   106.209
_cell.length_b   106.209
_cell.length_c   303.602
_cell.angle_alpha   90.00
_cell.angle_beta   90.00
_cell.angle_gamma   90.00
#
_symmetry.space_group_name_H-M   'P 43 21 2'
#
loop_
_entity.id
_entity.type
_entity.pdbx_description
1 polymer 'GTP-binding nuclear protein GSP1/CNR1'
2 polymer 'Ran-specific GTPase-activating protein 1'
3 polymer Exportin-1
4 non-polymer "GUANOSINE-5'-TRIPHOSPHATE"
5 non-polymer 'MAGNESIUM ION'
6 water water
#
loop_
_entity_poly.entity_id
_entity_poly.type
_entity_poly.pdbx_seq_one_letter_code
_entity_poly.pdbx_strand_id
1 'polypeptide(L)'
;MSAPAANGEVPTFKLVLVGDGGTGKTTFVKRHLTGEFEKKYIATIGVEVHPLSFYTNFGEIKFDVWDTAGLEKFGGLRDG
YYINAQCAIIMFDVTSRITYKNVPNWHRDLVRVCENIPIVLCGNKVDVKERKVKAKTITFHRKKNLQYYDISAKSNYNFE
KPFLWLARKLAGNPQLEFVASPALAPPEVQVDEQLMQQYQQEMEQATALPLPDEDDADL
;
A
2 'polypeptide(L)'
;DKKEEAAPKPPSSAVFSMFGGKKAEKPETKKDEEDTKEETKKEGDDAPESPDIHFEPVVHLEKVDVKTMEEDEEVLYKVR
AKLFRFDADAKEWKERGTGDCKFLKNKKTNKVRILMRRDKTLKICANHIIAPEYTLKPNVGSDRSWVYACTADIAEGEAE
AFTFAIRFGSKENADKFKEEFEKAQEINKKA
;
B
3 'polypeptide(L)'
;GAMEGILDFSNDLDIALLDQVVSTFYQGSGVQQKQAQEILTKFQDNPDAWQKADQILQFSTNPQSKFIALSILDKLITRK
WKLLPNDHRIGIRNFVVGMIISMCQDDEVFKTQKNLINKSDLTLVQILKQEWPQNWPEFIPELIGSSSSSVNVCENNMIV
LKLLSEEVFDFSAEQMTQAKALHLKNSMSKEFEQIFKLCFQVLEQGSSSSLIVATLESLLRYLHWIPYRYIYETNILELL
STKFMTSPDTRAITLKCLTEVSNLKIPQDNDLIKRQTVLFFQNTLQQIATSVMPVTADLKATYANANGNDQSFLQDLAMF
LTTYLARNRALLESDESLRELLLNAHQYLIQLSKIEERELFKTTLDYWHNLVADLFYEPLKKHIYEEICSQLRLVIIENM
VRPEEVLVVENDEGEIVREFVKESDTIQLYKSEREVLVYLTHLNVIDTEEIMISKLARQIDGSEWSWHNINTLSWAIGSI
SGTMSEDTEKRFVVTVIKDLLDLTVKKRGKDNKAVVASDIMYVVGQYPRFLKAHWNFLRTVILKLFEFMHETHEGVQDMA
CDTFIKIVQKCKYHFVIQQPRESEPFIQTIIRDIQKTTADLQPQQVHTFYKACGIIISEERSVAERNRLLSDLMQLPNMA
WDTIVEQSTANPTLLLDSETVKIIANIIKTNVAVCTSMGADFYPQLGHIYYNMLQLYRAVSSMISAQVAAEGLIATKTPK
VRGLRTIKKEILKLVETYISKARNLDDVVKVLVEPLLNAVLEDYMNNVPDARDAEVLNCMTTVVEKVGHMIPQGVILILQ
SVFECTLDMINKDFTEYPEHRVEFYKLLKVINEKSFAAFLELPPAAFKLFVDAICWAFKHNNRDVEVNGLQIALDLVKNI
ERMGNVPFANEFHKNYFFIFVSETFFVLTDSDHKSGFSKQALLLMKLISLVYDNKISVPLYQEAEVPQGTSNQVYLSQYL
ANMLSNAFPHLTSEQIASFLSALTKQYKDLVVFKGTLRDFLVQIKEVGGDPTDYLFAEDKENALMEQNRLEREKAAKIGG
LLKPSELDD
;
C
#
# COMPACT_ATOMS: atom_id res chain seq x y z
N VAL A 10 -27.23 15.04 -17.10
CA VAL A 10 -25.85 14.58 -17.40
C VAL A 10 -25.55 13.22 -16.80
N PRO A 11 -24.55 12.49 -17.36
CA PRO A 11 -24.52 11.03 -17.12
C PRO A 11 -24.16 10.64 -15.69
N THR A 12 -24.88 9.64 -15.16
CA THR A 12 -24.55 8.99 -13.86
C THR A 12 -24.12 7.49 -13.97
N PHE A 13 -22.96 7.18 -13.38
CA PHE A 13 -22.38 5.86 -13.48
C PHE A 13 -22.32 5.25 -12.07
N LYS A 14 -22.85 4.04 -11.90
CA LYS A 14 -22.66 3.35 -10.64
C LYS A 14 -21.21 2.76 -10.49
N LEU A 15 -20.57 3.10 -9.40
CA LEU A 15 -19.16 2.66 -9.09
C LEU A 15 -19.22 1.84 -7.82
N VAL A 16 -18.74 0.58 -7.85
CA VAL A 16 -18.73 -0.15 -6.56
C VAL A 16 -17.29 -0.21 -6.07
N LEU A 17 -17.10 0.07 -4.80
CA LEU A 17 -15.80 0.11 -4.18
C LEU A 17 -15.71 -1.07 -3.18
N VAL A 18 -14.76 -2.00 -3.39
CA VAL A 18 -14.66 -3.20 -2.60
C VAL A 18 -13.21 -3.44 -2.14
N GLY A 19 -13.05 -4.28 -1.10
CA GLY A 19 -11.65 -4.54 -0.63
C GLY A 19 -11.76 -4.78 0.84
N ASP A 20 -10.66 -5.28 1.43
CA ASP A 20 -10.74 -5.74 2.80
C ASP A 20 -11.06 -4.65 3.73
N GLY A 21 -11.56 -5.07 4.89
CA GLY A 21 -11.81 -4.13 5.98
C GLY A 21 -10.64 -3.29 6.37
N GLY A 22 -10.82 -1.96 6.55
CA GLY A 22 -9.65 -1.21 7.04
C GLY A 22 -8.65 -0.73 5.96
N THR A 23 -8.91 -1.01 4.66
CA THR A 23 -7.93 -0.67 3.62
C THR A 23 -8.01 0.83 3.23
N GLY A 24 -9.13 1.49 3.54
CA GLY A 24 -9.22 2.97 3.42
C GLY A 24 -10.27 3.37 2.36
N LYS A 25 -11.20 2.48 2.07
CA LYS A 25 -12.31 2.75 1.12
C LYS A 25 -13.14 3.98 1.50
N THR A 26 -13.62 4.03 2.73
CA THR A 26 -14.53 5.09 3.15
C THR A 26 -13.72 6.35 3.31
N THR A 27 -12.50 6.25 3.81
CA THR A 27 -11.55 7.42 3.91
C THR A 27 -11.29 8.07 2.54
N PHE A 28 -11.02 7.24 1.54
CA PHE A 28 -10.76 7.71 0.21
C PHE A 28 -12.05 8.42 -0.33
N VAL A 29 -13.24 7.85 -0.14
CA VAL A 29 -14.49 8.46 -0.65
C VAL A 29 -14.74 9.82 0.05
N LYS A 30 -14.52 9.87 1.37
CA LYS A 30 -14.77 11.07 2.10
C LYS A 30 -13.84 12.17 1.77
N ARG A 31 -12.56 11.80 1.58
CA ARG A 31 -11.61 12.72 1.06
C ARG A 31 -12.10 13.36 -0.23
N HIS A 32 -12.63 12.57 -1.19
CA HIS A 32 -13.21 13.14 -2.41
C HIS A 32 -14.53 13.96 -2.21
N LEU A 33 -15.41 13.51 -1.30
CA LEU A 33 -16.63 14.20 -0.96
C LEU A 33 -16.42 15.55 -0.29
N THR A 34 -15.62 15.60 0.78
CA THR A 34 -15.64 16.82 1.56
C THR A 34 -14.26 17.44 1.76
N GLY A 35 -13.21 16.70 1.36
CA GLY A 35 -11.85 17.19 1.51
C GLY A 35 -11.26 16.70 2.85
N GLU A 36 -12.02 16.07 3.72
CA GLU A 36 -11.50 15.76 5.07
C GLU A 36 -10.61 14.50 5.03
N PHE A 37 -9.79 14.28 6.05
CA PHE A 37 -9.05 13.03 6.18
C PHE A 37 -9.50 12.39 7.51
N GLU A 38 -10.34 11.36 7.43
CA GLU A 38 -10.90 10.75 8.65
C GLU A 38 -9.82 9.81 9.24
N LYS A 39 -9.34 10.12 10.44
CA LYS A 39 -8.33 9.31 11.12
C LYS A 39 -8.89 8.05 11.78
N LYS A 40 -10.14 8.08 12.22
CA LYS A 40 -10.68 6.91 12.93
C LYS A 40 -11.20 5.84 11.98
N TYR A 41 -11.14 4.59 12.45
CA TYR A 41 -11.70 3.52 11.70
C TYR A 41 -13.10 3.20 12.19
N ILE A 42 -14.15 3.53 11.39
CA ILE A 42 -15.48 3.04 11.73
C ILE A 42 -15.99 2.18 10.60
N ALA A 43 -15.99 0.88 10.83
CA ALA A 43 -16.28 -0.01 9.74
C ALA A 43 -17.62 0.26 9.08
N THR A 44 -17.67 0.16 7.76
CA THR A 44 -18.93 0.39 7.07
C THR A 44 -19.84 -0.87 7.34
N ILE A 45 -21.16 -0.71 7.34
CA ILE A 45 -22.08 -1.83 7.47
C ILE A 45 -22.94 -1.96 6.20
N GLY A 46 -22.76 -3.03 5.46
CA GLY A 46 -23.54 -3.24 4.20
C GLY A 46 -22.86 -2.33 3.13
N VAL A 47 -23.48 -1.21 2.85
CA VAL A 47 -22.97 -0.29 1.81
C VAL A 47 -23.42 1.09 2.22
N GLU A 48 -22.67 2.10 1.83
CA GLU A 48 -23.31 3.43 1.79
C GLU A 48 -23.18 4.02 0.38
N VAL A 49 -24.20 4.72 -0.07
CA VAL A 49 -24.21 5.19 -1.40
C VAL A 49 -23.95 6.69 -1.39
N HIS A 50 -22.98 7.20 -2.14
CA HIS A 50 -22.73 8.67 -2.09
C HIS A 50 -22.57 9.23 -3.50
N PRO A 51 -23.41 10.19 -3.90
CA PRO A 51 -23.15 10.86 -5.15
C PRO A 51 -21.81 11.68 -5.16
N LEU A 52 -21.05 11.58 -6.26
CA LEU A 52 -19.76 12.31 -6.39
C LEU A 52 -19.71 12.77 -7.86
N SER A 53 -19.49 14.06 -8.07
CA SER A 53 -19.48 14.65 -9.41
C SER A 53 -18.09 15.21 -9.66
N PHE A 54 -17.67 15.18 -10.92
CA PHE A 54 -16.50 15.97 -11.32
C PHE A 54 -16.79 16.83 -12.51
N TYR A 55 -16.19 18.01 -12.54
CA TYR A 55 -16.24 18.82 -13.76
C TYR A 55 -15.12 18.44 -14.72
N THR A 56 -15.48 18.16 -15.97
CA THR A 56 -14.49 17.82 -17.00
C THR A 56 -14.64 18.70 -18.22
N ASN A 57 -13.65 18.68 -19.10
CA ASN A 57 -13.74 19.34 -20.39
C ASN A 57 -14.80 18.66 -21.35
N PHE A 58 -15.47 17.63 -20.85
CA PHE A 58 -16.65 17.05 -21.52
C PHE A 58 -17.92 17.28 -20.69
N GLY A 59 -17.91 18.24 -19.81
CA GLY A 59 -19.04 18.47 -18.96
C GLY A 59 -18.91 17.69 -17.67
N GLU A 60 -19.95 17.81 -16.86
CA GLU A 60 -19.92 17.25 -15.57
C GLU A 60 -20.18 15.74 -15.70
N ILE A 61 -19.42 14.92 -14.98
CA ILE A 61 -19.74 13.52 -14.92
C ILE A 61 -20.01 13.07 -13.44
N LYS A 62 -20.95 12.16 -13.26
CA LYS A 62 -21.45 11.91 -11.95
C LYS A 62 -21.27 10.41 -11.68
N PHE A 63 -20.82 10.10 -10.50
CA PHE A 63 -20.69 8.71 -10.04
C PHE A 63 -21.65 8.54 -8.84
N ASP A 64 -22.40 7.42 -8.82
CA ASP A 64 -22.99 6.99 -7.53
C ASP A 64 -22.01 5.93 -6.95
N VAL A 65 -21.40 6.25 -5.83
CA VAL A 65 -20.32 5.45 -5.30
C VAL A 65 -20.91 4.55 -4.23
N TRP A 66 -20.88 3.25 -4.50
CA TRP A 66 -21.44 2.27 -3.53
C TRP A 66 -20.22 1.83 -2.76
N ASP A 67 -20.01 2.40 -1.58
CA ASP A 67 -18.85 2.08 -0.73
C ASP A 67 -19.26 0.87 0.17
N THR A 68 -18.75 -0.31 -0.13
CA THR A 68 -19.27 -1.52 0.47
C THR A 68 -18.40 -1.88 1.68
N ALA A 69 -18.96 -2.71 2.55
CA ALA A 69 -18.28 -3.18 3.78
C ALA A 69 -17.25 -4.27 3.43
N GLY A 70 -16.05 -4.16 3.95
CA GLY A 70 -15.03 -5.23 3.74
C GLY A 70 -14.95 -6.31 4.84
N LEU A 71 -15.48 -6.06 6.03
CA LEU A 71 -15.50 -7.10 7.09
C LEU A 71 -16.63 -8.06 6.83
N GLU A 72 -16.33 -9.36 6.92
CA GLU A 72 -17.34 -10.36 6.62
C GLU A 72 -18.62 -10.24 7.48
N LYS A 73 -18.50 -9.91 8.76
CA LYS A 73 -19.74 -9.79 9.56
C LYS A 73 -20.65 -8.65 9.13
N PHE A 74 -20.13 -7.68 8.36
CA PHE A 74 -20.95 -6.56 7.95
C PHE A 74 -21.19 -6.59 6.49
N GLY A 75 -20.94 -7.75 5.87
CA GLY A 75 -21.02 -7.85 4.40
C GLY A 75 -22.37 -7.44 3.82
N GLY A 76 -23.47 -7.59 4.62
CA GLY A 76 -24.81 -7.12 4.16
C GLY A 76 -25.15 -8.02 2.97
N LEU A 77 -25.55 -7.45 1.87
CA LEU A 77 -25.93 -8.23 0.67
C LEU A 77 -24.78 -8.72 -0.16
N ARG A 78 -23.57 -8.26 0.20
CA ARG A 78 -22.35 -8.70 -0.48
C ARG A 78 -22.41 -8.52 -1.96
N ASP A 79 -22.30 -9.62 -2.74
CA ASP A 79 -22.28 -9.45 -4.21
C ASP A 79 -23.62 -8.87 -4.77
N GLY A 80 -24.68 -8.83 -3.97
CA GLY A 80 -25.96 -8.20 -4.41
C GLY A 80 -25.74 -6.71 -4.68
N TYR A 81 -24.69 -6.14 -4.06
CA TYR A 81 -24.34 -4.71 -4.29
C TYR A 81 -23.84 -4.43 -5.70
N TYR A 82 -23.28 -5.44 -6.36
CA TYR A 82 -22.59 -5.19 -7.60
C TYR A 82 -23.54 -5.12 -8.76
N ILE A 83 -24.79 -5.57 -8.59
CA ILE A 83 -25.69 -5.60 -9.71
C ILE A 83 -25.80 -4.21 -10.36
N ASN A 84 -25.71 -4.22 -11.70
CA ASN A 84 -25.84 -2.95 -12.50
C ASN A 84 -24.62 -2.01 -12.34
N ALA A 85 -23.54 -2.43 -11.67
CA ALA A 85 -22.38 -1.51 -11.53
C ALA A 85 -21.85 -1.26 -12.92
N GLN A 86 -21.38 -0.03 -13.17
CA GLN A 86 -20.79 0.24 -14.48
C GLN A 86 -19.27 0.38 -14.44
N CYS A 87 -18.70 0.31 -13.23
CA CYS A 87 -17.28 0.40 -13.02
C CYS A 87 -16.99 0.09 -11.56
N ALA A 88 -15.71 -0.12 -11.20
CA ALA A 88 -15.38 -0.54 -9.81
C ALA A 88 -13.95 -0.16 -9.44
N ILE A 89 -13.70 -0.01 -8.13
CA ILE A 89 -12.34 0.11 -7.60
C ILE A 89 -12.17 -1.06 -6.60
N ILE A 90 -11.08 -1.81 -6.69
CA ILE A 90 -10.76 -2.83 -5.68
C ILE A 90 -9.61 -2.20 -4.91
N MET A 91 -9.75 -2.10 -3.60
CA MET A 91 -8.74 -1.46 -2.83
C MET A 91 -7.97 -2.47 -1.90
N PHE A 92 -6.66 -2.28 -1.72
CA PHE A 92 -5.96 -3.00 -0.65
C PHE A 92 -5.03 -2.04 0.00
N ASP A 93 -4.31 -2.52 1.02
CA ASP A 93 -3.51 -1.62 1.81
C ASP A 93 -2.06 -2.15 1.70
N VAL A 94 -1.10 -1.32 1.26
CA VAL A 94 0.25 -1.85 1.00
C VAL A 94 1.05 -2.05 2.29
N THR A 95 0.43 -1.69 3.42
CA THR A 95 1.02 -1.96 4.72
C THR A 95 0.46 -3.31 5.29
N SER A 96 -0.43 -3.99 4.59
CA SER A 96 -0.98 -5.25 5.13
C SER A 96 -1.03 -6.28 4.02
N ARG A 97 -0.12 -7.27 4.03
CA ARG A 97 -0.05 -8.27 2.95
C ARG A 97 -1.33 -9.06 2.76
N ILE A 98 -2.04 -9.34 3.83
CA ILE A 98 -3.23 -10.18 3.71
C ILE A 98 -4.29 -9.44 2.83
N THR A 99 -4.25 -8.10 2.76
CA THR A 99 -5.28 -7.40 1.92
C THR A 99 -5.03 -7.55 0.44
N TYR A 100 -3.76 -7.66 0.06
CA TYR A 100 -3.42 -7.95 -1.30
C TYR A 100 -3.70 -9.43 -1.58
N LYS A 101 -3.42 -10.32 -0.64
CA LYS A 101 -3.76 -11.75 -0.80
C LYS A 101 -5.25 -11.97 -1.09
N ASN A 102 -6.11 -11.12 -0.52
CA ASN A 102 -7.58 -11.19 -0.77
C ASN A 102 -8.09 -10.55 -2.07
N VAL A 103 -7.23 -9.83 -2.79
CA VAL A 103 -7.69 -9.15 -3.98
C VAL A 103 -8.27 -10.12 -5.02
N PRO A 104 -7.66 -11.29 -5.20
CA PRO A 104 -8.31 -12.18 -6.22
C PRO A 104 -9.72 -12.65 -5.84
N ASN A 105 -9.99 -12.66 -4.54
CA ASN A 105 -11.31 -13.06 -4.00
C ASN A 105 -12.34 -11.95 -4.26
N TRP A 106 -11.99 -10.68 -3.97
CA TRP A 106 -12.89 -9.55 -4.37
C TRP A 106 -13.13 -9.51 -5.88
N HIS A 107 -12.05 -9.67 -6.65
CA HIS A 107 -12.20 -9.57 -8.07
C HIS A 107 -13.10 -10.72 -8.63
N ARG A 108 -12.90 -11.93 -8.12
CA ARG A 108 -13.69 -13.05 -8.55
C ARG A 108 -15.22 -12.75 -8.34
N ASP A 109 -15.58 -12.35 -7.13
CA ASP A 109 -16.94 -12.16 -6.78
C ASP A 109 -17.55 -10.99 -7.59
N LEU A 110 -16.76 -9.95 -7.82
CA LEU A 110 -17.16 -8.85 -8.61
C LEU A 110 -17.40 -9.21 -10.07
N VAL A 111 -16.47 -9.88 -10.72
CA VAL A 111 -16.65 -10.02 -12.17
C VAL A 111 -17.63 -11.16 -12.52
N ARG A 112 -17.96 -12.00 -11.53
CA ARG A 112 -19.08 -12.97 -11.72
C ARG A 112 -20.41 -12.26 -11.94
N VAL A 113 -20.59 -11.12 -11.27
CA VAL A 113 -21.79 -10.29 -11.47
C VAL A 113 -21.66 -9.25 -12.62
N CYS A 114 -20.48 -8.63 -12.75
CA CYS A 114 -20.21 -7.57 -13.72
C CYS A 114 -19.10 -8.03 -14.64
N GLU A 115 -19.46 -8.68 -15.72
CA GLU A 115 -18.47 -9.37 -16.53
C GLU A 115 -17.61 -8.42 -17.39
N ASN A 116 -18.14 -7.25 -17.73
CA ASN A 116 -17.44 -6.40 -18.67
C ASN A 116 -17.38 -4.91 -18.22
N ILE A 117 -16.78 -4.63 -17.07
CA ILE A 117 -16.73 -3.21 -16.70
C ILE A 117 -15.25 -2.81 -16.43
N PRO A 118 -14.97 -1.52 -16.57
CA PRO A 118 -13.60 -1.05 -16.23
C PRO A 118 -13.39 -1.10 -14.71
N ILE A 119 -12.24 -1.59 -14.27
CA ILE A 119 -12.00 -1.75 -12.85
C ILE A 119 -10.56 -1.26 -12.55
N VAL A 120 -10.40 -0.48 -11.48
CA VAL A 120 -9.11 0.06 -11.08
C VAL A 120 -8.76 -0.68 -9.77
N LEU A 121 -7.52 -1.18 -9.72
CA LEU A 121 -6.97 -1.72 -8.49
C LEU A 121 -6.09 -0.66 -7.82
N CYS A 122 -6.33 -0.37 -6.53
CA CYS A 122 -5.57 0.67 -5.82
C CYS A 122 -4.92 0.10 -4.62
N GLY A 123 -3.61 0.32 -4.52
CA GLY A 123 -2.89 -0.01 -3.32
C GLY A 123 -2.75 1.26 -2.51
N ASN A 124 -3.50 1.35 -1.40
CA ASN A 124 -3.57 2.54 -0.60
C ASN A 124 -2.50 2.54 0.50
N LYS A 125 -2.32 3.71 1.12
CA LYS A 125 -1.42 3.96 2.25
C LYS A 125 0.03 3.90 1.84
N VAL A 126 0.34 4.31 0.62
CA VAL A 126 1.75 4.38 0.25
C VAL A 126 2.51 5.47 0.96
N ASP A 127 1.86 6.32 1.75
CA ASP A 127 2.56 7.32 2.57
C ASP A 127 3.32 6.66 3.75
N VAL A 128 2.98 5.43 4.10
CA VAL A 128 3.56 4.81 5.35
C VAL A 128 4.98 4.33 5.03
N LYS A 129 5.93 4.76 5.85
CA LYS A 129 7.34 4.33 5.76
C LYS A 129 7.55 2.83 5.54
N GLU A 130 6.98 2.01 6.43
CA GLU A 130 7.22 0.55 6.43
C GLU A 130 6.20 -0.16 5.50
N ARG A 131 6.49 -0.08 4.22
CA ARG A 131 5.60 -0.65 3.21
C ARG A 131 5.78 -2.16 3.20
N LYS A 132 4.70 -2.93 3.16
CA LYS A 132 4.88 -4.38 3.19
C LYS A 132 4.64 -5.07 1.83
N VAL A 133 3.75 -4.52 0.99
CA VAL A 133 3.44 -5.12 -0.31
C VAL A 133 4.24 -4.24 -1.28
N LYS A 134 5.40 -4.71 -1.71
CA LYS A 134 6.23 -3.90 -2.62
C LYS A 134 5.77 -3.95 -4.09
N ALA A 135 6.26 -3.01 -4.89
CA ALA A 135 5.95 -2.96 -6.34
C ALA A 135 5.99 -4.31 -7.06
N LYS A 136 7.00 -5.17 -6.82
CA LYS A 136 7.23 -6.33 -7.63
C LYS A 136 6.29 -7.43 -7.29
N THR A 137 5.70 -7.36 -6.11
CA THR A 137 4.67 -8.30 -5.81
C THR A 137 3.37 -7.92 -6.55
N ILE A 138 3.17 -6.65 -6.87
CA ILE A 138 1.78 -6.26 -7.27
C ILE A 138 1.68 -6.50 -8.79
N THR A 139 1.11 -7.63 -9.17
CA THR A 139 1.01 -8.00 -10.60
C THR A 139 -0.35 -8.56 -10.96
N PHE A 140 -1.24 -8.71 -9.97
CA PHE A 140 -2.62 -9.25 -10.27
C PHE A 140 -3.39 -8.57 -11.43
N HIS A 141 -3.34 -7.24 -11.47
CA HIS A 141 -3.97 -6.52 -12.54
C HIS A 141 -3.59 -6.89 -13.92
N ARG A 142 -2.39 -7.47 -14.16
CA ARG A 142 -1.91 -7.61 -15.53
C ARG A 142 -2.77 -8.59 -16.43
N LYS A 143 -3.01 -9.81 -15.94
CA LYS A 143 -3.80 -10.77 -16.75
C LYS A 143 -5.29 -10.39 -16.70
N LYS A 144 -5.66 -9.55 -15.73
CA LYS A 144 -7.04 -9.28 -15.54
C LYS A 144 -7.46 -7.93 -16.16
N ASN A 145 -6.51 -7.24 -16.83
CA ASN A 145 -6.78 -6.02 -17.53
C ASN A 145 -7.30 -4.94 -16.55
N LEU A 146 -6.77 -4.92 -15.35
CA LEU A 146 -7.22 -3.88 -14.42
C LEU A 146 -6.25 -2.76 -14.47
N GLN A 147 -6.68 -1.53 -14.19
CA GLN A 147 -5.70 -0.39 -14.14
C GLN A 147 -5.20 -0.36 -12.69
N TYR A 148 -3.93 -0.05 -12.43
CA TYR A 148 -3.42 -0.16 -11.09
C TYR A 148 -2.81 1.23 -10.72
N TYR A 149 -3.07 1.71 -9.51
CA TYR A 149 -2.38 2.90 -8.98
C TYR A 149 -1.95 2.63 -7.55
N ASP A 150 -0.71 3.02 -7.22
CA ASP A 150 -0.34 3.31 -5.81
C ASP A 150 -1.08 4.61 -5.40
N ILE A 151 -1.76 4.66 -4.24
CA ILE A 151 -2.40 5.88 -3.83
C ILE A 151 -2.23 6.07 -2.36
N SER A 152 -2.50 7.30 -1.89
CA SER A 152 -2.61 7.50 -0.47
C SER A 152 -3.71 8.53 -0.25
N ALA A 153 -4.77 8.12 0.44
CA ALA A 153 -5.86 9.06 0.84
C ALA A 153 -5.29 10.11 1.82
N LYS A 154 -4.22 9.75 2.54
CA LYS A 154 -3.60 10.68 3.51
C LYS A 154 -2.73 11.81 2.90
N SER A 155 -1.78 11.43 2.05
CA SER A 155 -0.94 12.44 1.41
C SER A 155 -1.60 12.96 0.11
N ASN A 156 -2.73 12.37 -0.33
CA ASN A 156 -3.39 12.69 -1.66
C ASN A 156 -2.64 12.21 -2.85
N TYR A 157 -1.56 11.43 -2.61
CA TYR A 157 -0.83 10.90 -3.74
C TYR A 157 -1.71 10.12 -4.77
N ASN A 158 -1.74 10.54 -6.05
CA ASN A 158 -2.56 9.93 -7.07
C ASN A 158 -4.02 9.79 -6.69
N PHE A 159 -4.54 10.57 -5.76
CA PHE A 159 -5.90 10.25 -5.22
C PHE A 159 -7.02 10.49 -6.32
N GLU A 160 -6.74 11.27 -7.36
CA GLU A 160 -7.76 11.59 -8.37
C GLU A 160 -7.67 10.57 -9.54
N LYS A 161 -6.56 9.79 -9.62
CA LYS A 161 -6.35 9.02 -10.80
C LYS A 161 -7.39 7.92 -11.03
N PRO A 162 -7.85 7.25 -9.99
CA PRO A 162 -8.85 6.18 -10.26
C PRO A 162 -10.08 6.76 -10.90
N PHE A 163 -10.58 7.91 -10.43
CA PHE A 163 -11.76 8.49 -11.09
C PHE A 163 -11.50 9.07 -12.48
N LEU A 164 -10.34 9.66 -12.69
CA LEU A 164 -10.00 10.18 -14.02
C LEU A 164 -9.94 9.02 -15.00
N TRP A 165 -9.34 7.88 -14.60
CA TRP A 165 -9.18 6.79 -15.54
C TRP A 165 -10.57 6.22 -15.88
N LEU A 166 -11.37 6.01 -14.86
CA LEU A 166 -12.75 5.51 -15.04
C LEU A 166 -13.57 6.43 -15.90
N ALA A 167 -13.48 7.74 -15.68
CA ALA A 167 -14.20 8.70 -16.48
C ALA A 167 -13.87 8.65 -17.96
N ARG A 168 -12.59 8.46 -18.25
CA ARG A 168 -12.14 8.30 -19.63
C ARG A 168 -12.69 7.04 -20.27
N LYS A 169 -12.62 5.92 -19.55
CA LYS A 169 -13.22 4.68 -20.05
C LYS A 169 -14.75 4.85 -20.27
N LEU A 170 -15.47 5.35 -19.27
CA LEU A 170 -16.94 5.40 -19.34
C LEU A 170 -17.43 6.41 -20.43
N ALA A 171 -16.77 7.57 -20.52
CA ALA A 171 -17.10 8.56 -21.57
C ALA A 171 -16.61 8.11 -22.96
N GLY A 172 -15.77 7.07 -22.99
CA GLY A 172 -15.18 6.56 -24.22
C GLY A 172 -14.36 7.66 -24.85
N ASN A 173 -13.81 8.56 -24.02
CA ASN A 173 -12.94 9.59 -24.55
C ASN A 173 -11.62 9.77 -23.81
N PRO A 174 -10.50 9.38 -24.45
CA PRO A 174 -9.25 9.45 -23.67
C PRO A 174 -8.71 10.91 -23.50
N GLN A 175 -9.29 11.90 -24.19
CA GLN A 175 -8.88 13.29 -23.95
C GLN A 175 -9.64 14.01 -22.76
N LEU A 176 -10.53 13.29 -22.08
CA LEU A 176 -11.20 13.83 -20.93
C LEU A 176 -10.18 14.27 -19.84
N GLU A 177 -10.40 15.46 -19.27
CA GLU A 177 -9.52 15.99 -18.21
C GLU A 177 -10.40 16.63 -17.16
N PHE A 178 -9.93 16.66 -15.91
CA PHE A 178 -10.59 17.45 -14.87
C PHE A 178 -10.37 18.94 -15.15
N VAL A 179 -11.41 19.75 -15.02
CA VAL A 179 -11.23 21.21 -15.27
C VAL A 179 -11.78 21.96 -14.04
N ALA A 180 -11.43 23.23 -13.88
CA ALA A 180 -11.99 24.07 -12.83
C ALA A 180 -13.49 24.23 -12.96
N SER A 181 -14.25 23.93 -11.90
CA SER A 181 -15.69 24.29 -11.84
C SER A 181 -15.92 25.82 -11.85
N PRO A 182 -17.08 26.27 -12.37
CA PRO A 182 -17.32 27.71 -12.37
C PRO A 182 -17.41 28.26 -10.94
N ALA A 183 -16.81 29.42 -10.75
CA ALA A 183 -16.77 30.07 -9.44
C ALA A 183 -17.67 31.29 -9.50
N LEU A 184 -18.97 31.08 -9.24
CA LEU A 184 -19.98 32.16 -9.15
C LEU A 184 -19.55 33.19 -8.12
N ALA A 185 -19.89 34.43 -8.41
CA ALA A 185 -19.69 35.56 -7.48
C ALA A 185 -20.39 35.28 -6.14
N PRO A 186 -19.65 35.43 -5.04
CA PRO A 186 -20.26 35.11 -3.75
C PRO A 186 -21.00 36.36 -3.29
N PRO A 187 -21.96 36.22 -2.37
CA PRO A 187 -22.78 37.36 -1.97
C PRO A 187 -22.14 38.26 -0.89
N GLU A 188 -22.52 39.54 -0.89
CA GLU A 188 -22.54 40.44 0.32
C GLU A 188 -23.20 39.85 1.59
N GLN A 197 -22.20 38.74 15.30
CA GLN A 197 -22.32 39.00 16.75
C GLN A 197 -22.52 37.70 17.51
N GLN A 198 -23.45 36.90 16.93
CA GLN A 198 -23.88 35.56 17.43
C GLN A 198 -22.79 34.46 17.25
N TYR A 199 -21.84 34.70 16.33
CA TYR A 199 -20.80 33.69 16.01
C TYR A 199 -19.49 33.81 16.82
N GLN A 200 -19.51 34.69 17.83
CA GLN A 200 -18.33 34.95 18.65
C GLN A 200 -17.94 33.79 19.60
N GLN A 201 -18.92 33.05 20.12
CA GLN A 201 -18.62 31.85 20.90
C GLN A 201 -17.91 30.71 20.11
N GLU A 202 -18.33 30.45 18.88
CA GLU A 202 -17.72 29.38 18.09
C GLU A 202 -16.23 29.72 17.78
N MET A 203 -15.92 31.01 17.75
CA MET A 203 -14.58 31.56 17.49
C MET A 203 -13.72 31.43 18.69
N GLU A 204 -14.31 31.68 19.85
CA GLU A 204 -13.60 31.50 21.08
C GLU A 204 -13.08 30.08 21.10
N GLN A 205 -13.96 29.10 20.85
CA GLN A 205 -13.57 27.70 20.97
C GLN A 205 -12.83 27.07 19.77
N ALA A 206 -13.04 27.60 18.57
CA ALA A 206 -12.27 27.11 17.43
C ALA A 206 -10.81 27.56 17.59
N THR A 207 -10.58 28.82 17.99
CA THR A 207 -9.21 29.29 18.24
C THR A 207 -8.50 28.52 19.37
N ALA A 208 -9.27 27.98 20.34
CA ALA A 208 -8.71 27.23 21.49
C ALA A 208 -8.53 25.72 21.20
N LEU A 209 -8.96 25.26 20.04
CA LEU A 209 -8.73 23.87 19.68
C LEU A 209 -7.63 23.78 18.59
N PRO A 210 -6.56 23.01 18.90
CA PRO A 210 -5.39 22.88 17.97
C PRO A 210 -5.77 22.23 16.67
N LEU A 211 -5.24 22.76 15.58
CA LEU A 211 -5.33 22.16 14.25
C LEU A 211 -4.60 20.81 14.24
N PRO A 212 -5.13 19.81 13.53
CA PRO A 212 -4.39 18.52 13.51
C PRO A 212 -3.13 18.63 12.67
N ASP A 213 -2.17 17.74 12.96
CA ASP A 213 -0.96 17.51 12.19
C ASP A 213 -0.10 18.75 12.05
N GLU A 214 0.19 19.42 13.15
CA GLU A 214 0.90 20.67 13.08
C GLU A 214 2.35 20.39 12.74
N ASP A 215 2.84 19.23 13.16
CA ASP A 215 4.21 18.87 12.85
C ASP A 215 4.34 17.93 11.68
N ASP A 216 3.24 17.35 11.23
CA ASP A 216 3.24 16.76 9.87
C ASP A 216 3.38 17.95 8.92
N ALA A 217 2.24 18.51 8.52
CA ALA A 217 2.20 19.70 7.68
C ALA A 217 3.55 20.01 7.00
N LEU B 61 -20.35 12.00 -25.73
CA LEU B 61 -20.22 13.37 -25.12
C LEU B 61 -19.46 14.34 -26.00
N GLU B 62 -19.94 15.58 -25.99
CA GLU B 62 -19.29 16.63 -26.74
C GLU B 62 -18.44 17.50 -25.83
N LYS B 63 -17.30 17.94 -26.37
CA LYS B 63 -16.41 18.89 -25.70
C LYS B 63 -17.20 20.13 -25.30
N VAL B 64 -17.02 20.53 -24.05
CA VAL B 64 -17.73 21.62 -23.43
C VAL B 64 -16.63 22.59 -22.99
N ASP B 65 -16.75 23.83 -23.44
CA ASP B 65 -15.76 24.87 -23.17
C ASP B 65 -16.01 25.60 -21.85
N VAL B 66 -17.19 25.39 -21.24
CA VAL B 66 -17.72 26.31 -20.19
C VAL B 66 -16.81 26.48 -18.98
N LYS B 67 -16.72 27.74 -18.52
CA LYS B 67 -15.50 28.28 -17.92
C LYS B 67 -15.54 28.67 -16.43
N THR B 68 -14.43 29.27 -16.02
CA THR B 68 -14.00 29.33 -14.61
C THR B 68 -14.73 30.42 -13.82
N MET B 69 -15.32 31.37 -14.55
CA MET B 69 -15.95 32.59 -14.00
C MET B 69 -14.99 33.48 -13.18
N GLU B 70 -13.71 33.44 -13.56
CA GLU B 70 -12.65 34.22 -12.94
C GLU B 70 -12.00 35.06 -14.03
N GLU B 71 -12.54 35.03 -15.24
CA GLU B 71 -11.89 35.76 -16.31
C GLU B 71 -11.98 37.31 -16.16
N ASP B 72 -12.99 37.80 -15.42
CA ASP B 72 -13.08 39.27 -15.21
C ASP B 72 -12.47 39.71 -13.89
N GLU B 73 -11.55 38.88 -13.35
CA GLU B 73 -10.82 39.21 -12.10
C GLU B 73 -9.30 39.36 -12.21
N GLU B 74 -8.71 40.20 -11.36
CA GLU B 74 -7.27 40.33 -11.25
C GLU B 74 -6.80 39.59 -10.00
N VAL B 75 -5.66 38.91 -10.11
CA VAL B 75 -5.11 38.14 -9.02
C VAL B 75 -4.26 39.10 -8.21
N LEU B 76 -4.73 39.44 -7.00
CA LEU B 76 -3.98 40.37 -6.15
C LEU B 76 -2.88 39.65 -5.43
N TYR B 77 -3.10 38.35 -5.21
CA TYR B 77 -2.26 37.62 -4.28
C TYR B 77 -2.63 36.15 -4.32
N LYS B 78 -1.61 35.30 -4.26
CA LYS B 78 -1.79 33.88 -4.39
C LYS B 78 -0.80 33.20 -3.41
N VAL B 79 -1.27 32.16 -2.72
CA VAL B 79 -0.42 31.47 -1.77
C VAL B 79 -0.95 30.06 -1.59
N ARG B 80 -0.01 29.17 -1.38
CA ARG B 80 -0.29 27.83 -1.11
C ARG B 80 -0.84 27.63 0.32
N ALA B 81 -1.95 26.91 0.49
CA ALA B 81 -2.52 26.85 1.84
C ALA B 81 -3.32 25.57 2.12
N LYS B 82 -3.57 25.31 3.40
CA LYS B 82 -4.47 24.19 3.74
C LYS B 82 -5.63 24.77 4.53
N LEU B 83 -6.83 24.49 4.04
CA LEU B 83 -8.04 25.11 4.62
C LEU B 83 -8.73 24.06 5.51
N PHE B 84 -9.20 24.48 6.67
CA PHE B 84 -9.97 23.62 7.58
C PHE B 84 -11.26 24.35 7.92
N ARG B 85 -12.32 23.59 8.20
CA ARG B 85 -13.55 24.12 8.76
C ARG B 85 -13.81 23.48 10.12
N PHE B 86 -14.31 24.29 11.06
CA PHE B 86 -14.63 23.82 12.42
C PHE B 86 -15.97 23.09 12.38
N ASP B 87 -15.98 21.85 12.88
CA ASP B 87 -17.20 21.09 12.98
C ASP B 87 -17.66 21.19 14.46
N ALA B 88 -18.81 21.83 14.68
CA ALA B 88 -19.25 22.08 16.06
C ALA B 88 -19.97 20.85 16.59
N ASP B 89 -20.70 20.15 15.71
CA ASP B 89 -21.38 18.92 16.13
C ASP B 89 -20.35 17.88 16.64
N ALA B 90 -19.19 17.73 16.00
CA ALA B 90 -18.07 17.07 16.71
C ALA B 90 -17.25 18.17 17.40
N LYS B 91 -16.31 17.87 18.27
CA LYS B 91 -15.54 19.05 18.74
C LYS B 91 -14.24 19.21 17.94
N GLU B 92 -14.34 19.36 16.61
CA GLU B 92 -13.14 19.18 15.75
C GLU B 92 -12.96 19.99 14.44
N TRP B 93 -11.71 20.16 14.07
CA TRP B 93 -11.27 20.62 12.76
C TRP B 93 -11.27 19.54 11.70
N LYS B 94 -11.90 19.85 10.58
CA LYS B 94 -11.88 19.01 9.40
C LYS B 94 -11.22 19.72 8.21
N GLU B 95 -10.29 19.05 7.54
CA GLU B 95 -9.71 19.62 6.32
C GLU B 95 -10.78 19.80 5.26
N ARG B 96 -10.71 20.92 4.58
CA ARG B 96 -11.56 21.16 3.44
C ARG B 96 -10.83 21.14 2.09
N GLY B 97 -9.55 21.47 2.08
CA GLY B 97 -8.78 21.54 0.81
C GLY B 97 -7.35 22.02 1.01
N THR B 98 -6.46 21.57 0.13
CA THR B 98 -5.10 22.05 0.02
C THR B 98 -4.93 22.52 -1.43
N GLY B 99 -4.35 23.71 -1.63
CA GLY B 99 -4.13 24.25 -2.99
C GLY B 99 -3.78 25.73 -2.93
N ASP B 100 -3.91 26.43 -4.07
CA ASP B 100 -3.69 27.87 -4.11
C ASP B 100 -4.90 28.63 -3.63
N CYS B 101 -4.65 29.44 -2.61
CA CYS B 101 -5.59 30.42 -2.17
C CYS B 101 -5.29 31.73 -2.93
N LYS B 102 -6.29 32.28 -3.61
CA LYS B 102 -6.15 33.53 -4.41
C LYS B 102 -7.09 34.60 -3.90
N PHE B 103 -6.66 35.86 -3.91
CA PHE B 103 -7.54 36.98 -3.69
C PHE B 103 -7.82 37.52 -5.08
N LEU B 104 -9.09 37.54 -5.45
CA LEU B 104 -9.48 37.94 -6.78
C LEU B 104 -10.32 39.20 -6.65
N LYS B 105 -9.88 40.22 -7.37
CA LYS B 105 -10.57 41.51 -7.45
C LYS B 105 -11.37 41.68 -8.77
N ASN B 106 -12.68 41.80 -8.66
CA ASN B 106 -13.56 42.04 -9.79
C ASN B 106 -13.19 43.37 -10.49
N LYS B 107 -12.92 43.31 -11.78
CA LYS B 107 -12.46 44.45 -12.53
C LYS B 107 -13.59 45.49 -12.66
N LYS B 108 -14.86 45.06 -12.56
CA LYS B 108 -16.01 45.98 -12.62
C LYS B 108 -16.43 46.59 -11.28
N THR B 109 -16.49 45.78 -10.22
CA THR B 109 -16.98 46.25 -8.92
C THR B 109 -15.89 46.61 -7.92
N ASN B 110 -14.66 46.21 -8.24
CA ASN B 110 -13.54 46.29 -7.30
C ASN B 110 -13.76 45.51 -5.99
N LYS B 111 -14.68 44.57 -5.95
CA LYS B 111 -14.86 43.73 -4.78
C LYS B 111 -13.77 42.62 -4.77
N VAL B 112 -13.26 42.27 -3.58
CA VAL B 112 -12.24 41.22 -3.49
C VAL B 112 -12.82 39.99 -2.78
N ARG B 113 -12.64 38.82 -3.40
CA ARG B 113 -13.03 37.57 -2.77
C ARG B 113 -11.81 36.72 -2.59
N ILE B 114 -11.96 35.75 -1.72
CA ILE B 114 -10.98 34.63 -1.65
C ILE B 114 -11.57 33.50 -2.49
N LEU B 115 -10.77 32.89 -3.33
CA LEU B 115 -11.24 31.75 -4.10
C LEU B 115 -10.11 30.75 -3.94
N MET B 116 -10.42 29.58 -3.38
CA MET B 116 -9.39 28.55 -3.21
C MET B 116 -9.86 27.28 -3.89
N ARG B 117 -8.96 26.61 -4.61
CA ARG B 117 -9.28 25.38 -5.29
C ARG B 117 -8.34 24.26 -4.85
N ARG B 118 -8.85 23.04 -4.80
CA ARG B 118 -8.05 21.88 -4.45
C ARG B 118 -7.14 21.49 -5.62
N ASP B 119 -5.91 21.08 -5.28
CA ASP B 119 -5.04 20.47 -6.30
C ASP B 119 -5.71 19.30 -6.98
N LYS B 120 -5.38 19.15 -8.28
CA LYS B 120 -5.78 18.01 -9.07
C LYS B 120 -7.24 17.99 -9.50
N THR B 121 -8.19 18.00 -8.57
CA THR B 121 -9.61 17.97 -8.99
C THR B 121 -10.06 19.43 -9.29
N LEU B 122 -9.32 20.42 -8.80
CA LEU B 122 -9.65 21.86 -8.97
C LEU B 122 -11.00 22.27 -8.43
N LYS B 123 -11.52 21.47 -7.48
CA LYS B 123 -12.84 21.75 -6.87
C LYS B 123 -12.66 22.89 -5.92
N ILE B 124 -13.73 23.67 -5.74
CA ILE B 124 -13.62 24.90 -4.97
C ILE B 124 -13.77 24.55 -3.52
N CYS B 125 -12.85 25.05 -2.69
CA CYS B 125 -12.99 24.84 -1.26
C CYS B 125 -13.22 26.11 -0.43
N ALA B 126 -13.07 27.30 -1.02
CA ALA B 126 -13.46 28.55 -0.36
C ALA B 126 -13.79 29.53 -1.47
N ASN B 127 -14.93 30.21 -1.32
CA ASN B 127 -15.44 31.22 -2.27
C ASN B 127 -16.30 32.18 -1.50
N HIS B 128 -15.68 33.28 -1.03
CA HIS B 128 -16.38 34.26 -0.23
C HIS B 128 -15.74 35.63 -0.33
N ILE B 129 -16.57 36.66 -0.10
CA ILE B 129 -16.07 38.04 -0.10
C ILE B 129 -15.20 38.19 1.16
N ILE B 130 -14.08 38.89 1.07
CA ILE B 130 -13.26 39.28 2.25
C ILE B 130 -13.96 40.49 2.95
N ALA B 131 -14.91 40.23 3.83
CA ALA B 131 -15.77 41.30 4.38
C ALA B 131 -14.92 42.17 5.34
N PRO B 132 -15.04 43.53 5.31
CA PRO B 132 -14.27 44.39 6.25
C PRO B 132 -14.44 43.99 7.72
N GLU B 133 -15.61 43.45 8.04
CA GLU B 133 -15.92 43.09 9.41
C GLU B 133 -15.08 41.92 9.92
N TYR B 134 -14.57 41.08 9.02
CA TYR B 134 -13.94 39.82 9.47
C TYR B 134 -12.64 40.10 10.21
N THR B 135 -12.34 39.25 11.20
CA THR B 135 -11.08 39.37 11.95
C THR B 135 -10.22 38.08 11.93
N LEU B 136 -8.96 38.16 11.48
CA LEU B 136 -8.02 37.03 11.56
C LEU B 136 -7.52 36.82 12.99
N LYS B 137 -7.77 35.64 13.59
CA LYS B 137 -7.22 35.30 14.92
C LYS B 137 -6.25 34.06 14.94
N PRO B 138 -5.19 34.10 15.79
CA PRO B 138 -4.27 32.95 15.93
C PRO B 138 -5.01 31.74 16.47
N ASN B 139 -4.56 30.56 16.10
CA ASN B 139 -5.06 29.33 16.69
C ASN B 139 -4.05 28.91 17.73
N VAL B 140 -4.48 28.33 18.83
CA VAL B 140 -3.52 28.12 19.94
C VAL B 140 -2.45 27.09 19.55
N GLY B 141 -2.70 26.34 18.46
CA GLY B 141 -1.82 25.22 18.13
C GLY B 141 -0.70 25.57 17.18
N SER B 142 -0.70 26.80 16.67
CA SER B 142 0.04 27.07 15.44
C SER B 142 0.60 28.47 15.42
N ASP B 143 1.80 28.62 14.88
CA ASP B 143 2.36 29.97 14.61
C ASP B 143 2.25 30.38 13.10
N ARG B 144 1.46 29.64 12.32
CA ARG B 144 1.49 29.82 10.87
C ARG B 144 0.08 29.59 10.31
N SER B 145 -0.94 30.02 11.07
CA SER B 145 -2.33 29.78 10.70
C SER B 145 -3.17 30.98 11.14
N TRP B 146 -4.29 31.21 10.46
CA TRP B 146 -5.31 32.16 10.99
C TRP B 146 -6.61 31.46 11.10
N VAL B 147 -7.41 31.88 12.08
CA VAL B 147 -8.81 31.49 12.10
C VAL B 147 -9.70 32.70 11.99
N TYR B 148 -10.80 32.54 11.25
CA TYR B 148 -11.77 33.65 11.17
C TYR B 148 -13.14 33.09 10.86
N ALA B 149 -14.14 33.88 11.17
CA ALA B 149 -15.53 33.52 10.98
C ALA B 149 -15.94 34.06 9.59
N CYS B 150 -16.58 33.21 8.81
CA CYS B 150 -17.12 33.58 7.50
C CYS B 150 -18.66 33.48 7.54
N THR B 151 -19.40 34.44 6.98
CA THR B 151 -20.85 34.38 7.14
C THR B 151 -21.56 33.92 5.89
N ALA B 152 -20.84 33.84 4.77
CA ALA B 152 -21.47 33.59 3.49
C ALA B 152 -20.45 32.96 2.54
N ASP B 153 -20.21 31.66 2.68
CA ASP B 153 -19.30 30.96 1.76
C ASP B 153 -20.10 30.07 0.79
N ILE B 154 -19.77 30.10 -0.50
CA ILE B 154 -20.54 29.33 -1.46
C ILE B 154 -19.75 28.20 -2.14
N ALA B 155 -18.68 27.74 -1.51
CA ALA B 155 -17.90 26.70 -2.13
C ALA B 155 -18.77 25.45 -2.37
N GLU B 156 -19.69 25.14 -1.46
CA GLU B 156 -20.48 23.90 -1.57
C GLU B 156 -21.94 24.07 -1.90
N GLY B 157 -22.36 25.25 -2.32
CA GLY B 157 -23.73 25.38 -2.75
C GLY B 157 -24.30 26.67 -2.28
N GLU B 158 -25.45 26.62 -1.61
CA GLU B 158 -26.02 27.87 -1.13
C GLU B 158 -25.14 28.43 0.04
N ALA B 159 -25.16 29.74 0.23
CA ALA B 159 -24.32 30.44 1.20
C ALA B 159 -24.48 29.92 2.61
N GLU B 160 -23.37 29.58 3.26
CA GLU B 160 -23.43 29.14 4.66
C GLU B 160 -22.30 29.80 5.44
N ALA B 161 -22.49 29.88 6.76
CA ALA B 161 -21.50 30.45 7.69
C ALA B 161 -20.56 29.36 8.12
N PHE B 162 -19.28 29.70 8.28
CA PHE B 162 -18.28 28.76 8.78
C PHE B 162 -17.27 29.48 9.62
N THR B 163 -16.67 28.74 10.55
CA THR B 163 -15.37 29.12 11.10
C THR B 163 -14.28 28.39 10.34
N PHE B 164 -13.43 29.13 9.62
CA PHE B 164 -12.38 28.50 8.85
C PHE B 164 -11.07 28.65 9.61
N ALA B 165 -10.13 27.72 9.40
CA ALA B 165 -8.74 28.03 9.72
C ALA B 165 -7.95 27.78 8.46
N ILE B 166 -6.94 28.61 8.23
CA ILE B 166 -6.13 28.44 7.06
C ILE B 166 -4.67 28.36 7.54
N ARG B 167 -3.91 27.35 7.07
CA ARG B 167 -2.59 27.14 7.58
C ARG B 167 -1.63 27.21 6.41
N PHE B 168 -0.49 27.83 6.64
CA PHE B 168 0.51 28.01 5.60
C PHE B 168 1.80 27.27 5.87
N GLY B 169 2.66 27.28 4.84
CA GLY B 169 4.00 26.67 4.91
C GLY B 169 4.88 27.25 6.00
N SER B 170 4.72 28.53 6.31
CA SER B 170 5.68 29.13 7.22
C SER B 170 4.96 30.26 7.90
N LYS B 171 5.54 30.71 8.99
CA LYS B 171 5.07 31.89 9.67
C LYS B 171 5.15 33.11 8.75
N GLU B 172 6.16 33.17 7.88
CA GLU B 172 6.29 34.28 6.91
C GLU B 172 5.11 34.37 5.93
N ASN B 173 4.68 33.23 5.39
CA ASN B 173 3.50 33.20 4.54
C ASN B 173 2.23 33.62 5.32
N ALA B 174 2.01 33.09 6.53
CA ALA B 174 0.85 33.51 7.37
C ALA B 174 0.80 35.05 7.56
N ASP B 175 1.98 35.62 7.76
CA ASP B 175 2.16 37.08 7.97
C ASP B 175 1.82 37.94 6.74
N LYS B 176 2.35 37.60 5.58
CA LYS B 176 1.93 38.17 4.30
C LYS B 176 0.41 37.96 4.01
N PHE B 177 -0.12 36.77 4.22
CA PHE B 177 -1.57 36.59 4.09
C PHE B 177 -2.37 37.65 4.87
N LYS B 178 -2.01 37.87 6.15
CA LYS B 178 -2.75 38.79 6.99
C LYS B 178 -2.70 40.22 6.37
N GLU B 179 -1.51 40.62 5.93
CA GLU B 179 -1.27 41.95 5.42
C GLU B 179 -2.13 42.12 4.16
N GLU B 180 -2.15 41.10 3.27
CA GLU B 180 -2.97 41.12 2.06
C GLU B 180 -4.48 41.03 2.37
N PHE B 181 -4.87 40.24 3.37
CA PHE B 181 -6.29 40.09 3.74
C PHE B 181 -6.84 41.44 4.23
N GLU B 182 -6.06 42.13 5.07
CA GLU B 182 -6.41 43.48 5.55
C GLU B 182 -6.35 44.59 4.45
N LYS B 183 -5.30 44.58 3.64
CA LYS B 183 -5.34 45.35 2.38
C LYS B 183 -6.64 45.15 1.57
N ALA B 184 -7.11 43.91 1.45
CA ALA B 184 -8.31 43.60 0.66
C ALA B 184 -9.60 44.09 1.35
N GLN B 185 -9.57 44.08 2.69
CA GLN B 185 -10.68 44.53 3.49
C GLN B 185 -10.90 46.02 3.27
N GLU B 186 -9.79 46.77 3.21
CA GLU B 186 -9.75 48.19 2.83
C GLU B 186 -10.28 48.43 1.44
N ILE B 187 -9.85 47.61 0.47
CA ILE B 187 -10.38 47.77 -0.87
C ILE B 187 -11.90 47.63 -0.85
N ASN B 188 -12.36 46.59 -0.17
CA ASN B 188 -13.78 46.26 -0.06
C ASN B 188 -14.63 47.26 0.68
N LYS B 189 -14.03 47.91 1.66
CA LYS B 189 -14.74 48.87 2.47
C LYS B 189 -14.98 50.14 1.64
N LYS B 190 -13.88 50.68 1.13
CA LYS B 190 -13.82 51.92 0.39
C LYS B 190 -14.08 51.63 -1.05
N ALA B 191 -15.12 50.82 -1.33
CA ALA B 191 -15.72 50.62 -2.69
C ALA B 191 -16.72 49.45 -2.73
N GLY C 1 -41.94 1.95 8.11
CA GLY C 1 -43.37 1.90 7.66
C GLY C 1 -43.59 0.61 6.87
N ALA C 2 -44.45 0.69 5.86
CA ALA C 2 -44.87 -0.49 5.05
C ALA C 2 -43.73 -1.43 4.51
N MET C 3 -42.56 -0.87 4.21
CA MET C 3 -41.49 -1.71 3.66
C MET C 3 -41.06 -2.82 4.63
N GLU C 4 -41.16 -2.54 5.94
CA GLU C 4 -40.82 -3.47 7.03
C GLU C 4 -41.69 -4.71 7.11
N GLY C 5 -42.88 -4.65 6.46
CA GLY C 5 -43.75 -5.81 6.31
C GLY C 5 -43.08 -7.14 5.91
N ILE C 6 -42.00 -7.10 5.11
CA ILE C 6 -41.40 -8.36 4.65
C ILE C 6 -40.61 -9.10 5.78
N LEU C 7 -40.33 -8.41 6.89
CA LEU C 7 -39.59 -8.98 8.01
C LEU C 7 -40.51 -9.84 8.95
N ASP C 8 -41.81 -9.69 8.78
CA ASP C 8 -42.82 -10.55 9.51
C ASP C 8 -42.95 -11.96 8.87
N PHE C 9 -42.26 -12.95 9.42
CA PHE C 9 -42.28 -14.32 8.90
C PHE C 9 -43.39 -15.20 9.46
N SER C 10 -44.18 -14.61 10.37
CA SER C 10 -45.41 -15.28 10.89
C SER C 10 -46.50 -15.17 9.82
N ASN C 11 -46.40 -14.14 8.96
CA ASN C 11 -47.34 -13.96 7.85
C ASN C 11 -46.79 -14.42 6.53
N ASP C 12 -47.62 -14.65 5.53
CA ASP C 12 -47.04 -14.96 4.21
C ASP C 12 -46.18 -13.83 3.71
N LEU C 13 -45.19 -14.17 2.89
CA LEU C 13 -44.37 -13.14 2.32
C LEU C 13 -45.16 -12.50 1.19
N ASP C 14 -45.23 -11.17 1.18
CA ASP C 14 -45.83 -10.41 0.10
C ASP C 14 -44.78 -10.15 -0.99
N ILE C 15 -44.90 -10.84 -2.13
CA ILE C 15 -43.85 -10.79 -3.19
C ILE C 15 -43.84 -9.43 -3.90
N ALA C 16 -45.04 -8.86 -4.06
CA ALA C 16 -45.16 -7.60 -4.71
C ALA C 16 -44.48 -6.54 -3.78
N LEU C 17 -44.65 -6.62 -2.46
CA LEU C 17 -44.00 -5.66 -1.57
C LEU C 17 -42.42 -5.84 -1.61
N LEU C 18 -41.99 -7.10 -1.51
CA LEU C 18 -40.56 -7.39 -1.56
C LEU C 18 -40.01 -6.78 -2.85
N ASP C 19 -40.71 -7.00 -3.96
CA ASP C 19 -40.27 -6.45 -5.24
C ASP C 19 -40.09 -4.92 -5.22
N GLN C 20 -41.02 -4.26 -4.50
CA GLN C 20 -40.92 -2.82 -4.37
C GLN C 20 -39.79 -2.41 -3.40
N VAL C 21 -39.57 -3.19 -2.36
CA VAL C 21 -38.39 -2.90 -1.47
C VAL C 21 -37.04 -3.02 -2.27
N VAL C 22 -36.96 -4.07 -3.05
CA VAL C 22 -35.74 -4.28 -3.84
C VAL C 22 -35.57 -3.13 -4.91
N SER C 23 -36.66 -2.74 -5.59
CA SER C 23 -36.53 -1.69 -6.61
C SER C 23 -36.20 -0.31 -5.94
N THR C 24 -36.71 -0.09 -4.73
CA THR C 24 -36.34 1.10 -3.92
C THR C 24 -34.85 1.11 -3.61
N PHE C 25 -34.29 -0.05 -3.26
CA PHE C 25 -32.86 -0.08 -2.99
C PHE C 25 -32.03 0.15 -4.26
N TYR C 26 -32.29 -0.62 -5.32
CA TYR C 26 -31.46 -0.52 -6.50
C TYR C 26 -31.67 0.72 -7.32
N GLN C 27 -32.92 1.15 -7.45
CA GLN C 27 -33.21 2.29 -8.32
C GLN C 27 -33.54 3.59 -7.61
N GLY C 28 -33.79 3.55 -6.29
CA GLY C 28 -34.13 4.79 -5.60
C GLY C 28 -32.90 5.49 -5.08
N SER C 29 -33.08 6.33 -4.06
CA SER C 29 -31.93 7.10 -3.55
C SER C 29 -32.17 7.65 -2.17
N GLY C 30 -31.13 8.29 -1.64
CA GLY C 30 -31.14 8.98 -0.34
C GLY C 30 -31.69 8.07 0.75
N VAL C 31 -32.58 8.65 1.57
CA VAL C 31 -33.06 8.01 2.79
C VAL C 31 -33.92 6.74 2.49
N GLN C 32 -34.83 6.82 1.55
CA GLN C 32 -35.59 5.67 1.15
C GLN C 32 -34.65 4.46 0.73
N GLN C 33 -33.67 4.76 -0.10
CA GLN C 33 -32.77 3.72 -0.59
C GLN C 33 -32.05 3.10 0.63
N LYS C 34 -31.62 3.97 1.55
CA LYS C 34 -30.99 3.58 2.81
C LYS C 34 -31.83 2.69 3.68
N GLN C 35 -33.10 3.06 3.87
CA GLN C 35 -33.97 2.20 4.66
C GLN C 35 -34.24 0.90 3.96
N ALA C 36 -34.41 0.91 2.63
CA ALA C 36 -34.65 -0.36 1.91
C ALA C 36 -33.42 -1.31 2.08
N GLN C 37 -32.25 -0.71 2.05
CA GLN C 37 -31.01 -1.47 2.24
C GLN C 37 -30.99 -2.20 3.59
N GLU C 38 -31.30 -1.50 4.65
CA GLU C 38 -31.25 -2.13 5.98
C GLU C 38 -32.35 -3.21 6.09
N ILE C 39 -33.49 -2.98 5.47
CA ILE C 39 -34.53 -4.00 5.53
C ILE C 39 -34.10 -5.28 4.75
N LEU C 40 -33.52 -5.12 3.55
CA LEU C 40 -33.19 -6.28 2.75
C LEU C 40 -32.11 -7.09 3.46
N THR C 41 -31.25 -6.39 4.20
CA THR C 41 -30.14 -7.02 4.92
C THR C 41 -30.75 -7.86 6.07
N LYS C 42 -31.78 -7.32 6.71
CA LYS C 42 -32.46 -8.12 7.78
C LYS C 42 -33.23 -9.29 7.19
N PHE C 43 -33.91 -9.05 6.07
CA PHE C 43 -34.62 -10.15 5.44
C PHE C 43 -33.63 -11.28 5.05
N GLN C 44 -32.55 -10.91 4.36
CA GLN C 44 -31.58 -11.91 3.90
C GLN C 44 -30.95 -12.65 5.12
N ASP C 45 -30.79 -12.00 6.24
CA ASP C 45 -30.13 -12.57 7.36
C ASP C 45 -31.08 -13.39 8.25
N ASN C 46 -32.37 -13.34 8.00
CA ASN C 46 -33.27 -14.12 8.89
C ASN C 46 -32.98 -15.61 8.70
N PRO C 47 -32.80 -16.36 9.80
CA PRO C 47 -32.48 -17.83 9.70
C PRO C 47 -33.48 -18.63 8.85
N ASP C 48 -34.69 -18.08 8.66
CA ASP C 48 -35.75 -18.80 7.92
C ASP C 48 -35.99 -18.31 6.48
N ALA C 49 -35.27 -17.27 6.06
CA ALA C 49 -35.55 -16.58 4.79
C ALA C 49 -35.39 -17.58 3.65
N TRP C 50 -34.53 -18.60 3.86
CA TRP C 50 -34.35 -19.59 2.77
C TRP C 50 -35.62 -20.34 2.39
N GLN C 51 -36.55 -20.43 3.33
CA GLN C 51 -37.87 -21.06 3.05
C GLN C 51 -38.76 -20.30 2.02
N LYS C 52 -38.43 -19.03 1.77
CA LYS C 52 -39.18 -18.13 0.84
C LYS C 52 -38.58 -18.19 -0.53
N ALA C 53 -37.42 -18.82 -0.66
CA ALA C 53 -36.69 -18.69 -1.94
C ALA C 53 -37.44 -19.23 -3.16
N ASP C 54 -38.03 -20.42 -2.99
CA ASP C 54 -38.78 -21.03 -4.09
C ASP C 54 -39.90 -20.08 -4.54
N GLN C 55 -40.55 -19.47 -3.58
CA GLN C 55 -41.72 -18.64 -3.77
C GLN C 55 -41.30 -17.38 -4.53
N ILE C 56 -40.15 -16.83 -4.13
CA ILE C 56 -39.64 -15.64 -4.78
C ILE C 56 -39.25 -15.98 -6.23
N LEU C 57 -38.54 -17.10 -6.43
CA LEU C 57 -38.09 -17.49 -7.77
C LEU C 57 -39.30 -17.72 -8.71
N GLN C 58 -40.33 -18.39 -8.19
CA GLN C 58 -41.59 -18.60 -8.93
C GLN C 58 -42.36 -17.33 -9.31
N PHE C 59 -42.61 -16.44 -8.34
CA PHE C 59 -43.57 -15.37 -8.52
C PHE C 59 -43.03 -13.96 -8.67
N SER C 60 -41.74 -13.75 -8.40
CA SER C 60 -41.23 -12.39 -8.40
C SER C 60 -41.22 -11.87 -9.83
N THR C 61 -41.46 -10.59 -10.03
CA THR C 61 -41.21 -10.07 -11.37
C THR C 61 -39.91 -9.21 -11.41
N ASN C 62 -39.14 -9.27 -10.33
CA ASN C 62 -37.92 -8.46 -10.22
C ASN C 62 -36.69 -9.42 -10.20
N PRO C 63 -35.87 -9.40 -11.26
CA PRO C 63 -34.68 -10.27 -11.29
C PRO C 63 -33.72 -10.01 -10.11
N GLN C 64 -33.67 -8.78 -9.57
CA GLN C 64 -32.83 -8.56 -8.35
C GLN C 64 -33.38 -9.29 -7.14
N SER C 65 -34.70 -9.33 -7.00
CA SER C 65 -35.29 -10.08 -5.91
C SER C 65 -34.83 -11.52 -6.01
N LYS C 66 -34.84 -12.08 -7.22
CA LYS C 66 -34.45 -13.47 -7.45
C LYS C 66 -32.98 -13.68 -7.19
N PHE C 67 -32.15 -12.72 -7.59
CA PHE C 67 -30.71 -12.82 -7.28
C PHE C 67 -30.49 -12.88 -5.77
N ILE C 68 -31.11 -12.00 -5.02
CA ILE C 68 -30.96 -12.05 -3.58
C ILE C 68 -31.57 -13.38 -2.99
N ALA C 69 -32.75 -13.81 -3.44
CA ALA C 69 -33.16 -15.18 -3.02
C ALA C 69 -32.05 -16.24 -3.20
N LEU C 70 -31.37 -16.18 -4.38
CA LEU C 70 -30.28 -17.12 -4.64
C LEU C 70 -29.12 -16.92 -3.63
N SER C 71 -28.81 -15.66 -3.26
CA SER C 71 -27.75 -15.41 -2.16
C SER C 71 -28.19 -16.02 -0.87
N ILE C 72 -29.48 -15.98 -0.65
CA ILE C 72 -30.04 -16.61 0.58
C ILE C 72 -29.84 -18.12 0.62
N LEU C 73 -30.20 -18.79 -0.46
CA LEU C 73 -29.97 -20.19 -0.66
C LEU C 73 -28.47 -20.56 -0.62
N ASP C 74 -27.66 -19.74 -1.28
CA ASP C 74 -26.20 -19.91 -1.26
C ASP C 74 -25.65 -20.01 0.19
N LYS C 75 -26.03 -19.10 1.06
CA LYS C 75 -25.58 -19.17 2.43
C LYS C 75 -26.09 -20.40 3.19
N LEU C 76 -27.34 -20.75 2.95
CA LEU C 76 -27.82 -22.06 3.52
C LEU C 76 -26.98 -23.25 3.01
N ILE C 77 -26.83 -23.35 1.69
CA ILE C 77 -26.12 -24.47 1.06
C ILE C 77 -24.70 -24.55 1.61
N THR C 78 -24.03 -23.40 1.75
CA THR C 78 -22.62 -23.35 2.24
C THR C 78 -22.48 -23.61 3.72
N ARG C 79 -23.46 -23.18 4.54
CA ARG C 79 -23.29 -23.29 6.01
C ARG C 79 -24.10 -24.33 6.77
N LYS C 80 -25.28 -24.70 6.25
CA LYS C 80 -26.21 -25.47 7.07
C LYS C 80 -26.75 -26.65 6.33
N TRP C 81 -26.29 -26.88 5.09
CA TRP C 81 -26.80 -27.93 4.23
C TRP C 81 -26.92 -29.31 4.91
N LYS C 82 -25.93 -29.70 5.66
CA LYS C 82 -25.97 -30.98 6.40
C LYS C 82 -27.07 -31.09 7.47
N LEU C 83 -27.29 -30.04 8.25
CA LEU C 83 -28.43 -29.96 9.19
C LEU C 83 -29.79 -30.25 8.53
N LEU C 84 -29.86 -30.09 7.20
CA LEU C 84 -31.16 -30.08 6.50
C LEU C 84 -31.69 -31.50 6.23
N PRO C 85 -32.98 -31.75 6.55
CA PRO C 85 -33.63 -33.01 6.14
C PRO C 85 -33.55 -33.31 4.64
N ASN C 86 -33.26 -34.54 4.28
CA ASN C 86 -33.09 -34.84 2.87
C ASN C 86 -34.25 -34.33 1.98
N ASP C 87 -35.46 -34.24 2.57
CA ASP C 87 -36.64 -33.62 1.95
C ASP C 87 -36.35 -32.23 1.34
N HIS C 88 -35.89 -31.29 2.16
CA HIS C 88 -35.54 -29.96 1.66
C HIS C 88 -34.39 -29.98 0.63
N ARG C 89 -33.47 -30.94 0.77
CA ARG C 89 -32.29 -30.95 -0.05
C ARG C 89 -32.58 -31.31 -1.50
N ILE C 90 -33.44 -32.30 -1.68
CA ILE C 90 -33.80 -32.71 -3.03
C ILE C 90 -34.68 -31.62 -3.68
N GLY C 91 -35.53 -30.95 -2.89
CA GLY C 91 -36.56 -30.00 -3.47
C GLY C 91 -35.77 -28.77 -3.97
N ILE C 92 -34.81 -28.37 -3.15
CA ILE C 92 -33.88 -27.29 -3.58
C ILE C 92 -33.12 -27.60 -4.89
N ARG C 93 -32.45 -28.71 -4.91
CA ARG C 93 -31.80 -29.05 -6.11
C ARG C 93 -32.79 -29.05 -7.30
N ASN C 94 -34.00 -29.63 -7.10
CA ASN C 94 -34.97 -29.73 -8.16
C ASN C 94 -35.39 -28.35 -8.64
N PHE C 95 -35.66 -27.44 -7.72
CA PHE C 95 -36.13 -26.17 -8.21
C PHE C 95 -35.06 -25.24 -8.77
N VAL C 96 -33.82 -25.34 -8.26
CA VAL C 96 -32.68 -24.64 -8.90
C VAL C 96 -32.43 -25.23 -10.33
N VAL C 97 -32.38 -26.56 -10.49
CA VAL C 97 -32.17 -27.12 -11.86
C VAL C 97 -33.35 -26.69 -12.76
N GLY C 98 -34.55 -26.70 -12.17
CA GLY C 98 -35.79 -26.39 -12.91
C GLY C 98 -35.80 -24.95 -13.41
N MET C 99 -35.44 -24.03 -12.51
CA MET C 99 -35.20 -22.63 -12.86
C MET C 99 -34.21 -22.41 -14.02
N ILE C 100 -33.11 -23.15 -14.00
CA ILE C 100 -32.08 -22.96 -15.00
C ILE C 100 -32.63 -23.42 -16.35
N ILE C 101 -33.30 -24.58 -16.39
CA ILE C 101 -33.93 -25.05 -17.61
C ILE C 101 -34.91 -24.03 -18.14
N SER C 102 -35.71 -23.40 -17.26
CA SER C 102 -36.75 -22.45 -17.71
C SER C 102 -36.10 -21.37 -18.47
N MET C 103 -35.11 -20.79 -17.79
CA MET C 103 -34.37 -19.65 -18.32
C MET C 103 -33.67 -19.93 -19.66
N CYS C 104 -33.01 -21.07 -19.78
CA CYS C 104 -32.46 -21.52 -21.08
C CYS C 104 -33.48 -21.65 -22.23
N GLN C 105 -34.68 -22.08 -21.89
CA GLN C 105 -35.75 -22.27 -22.85
C GLN C 105 -36.29 -20.95 -23.39
N ASP C 106 -36.34 -19.92 -22.55
CA ASP C 106 -36.87 -18.61 -22.95
C ASP C 106 -35.78 -17.77 -23.66
N ASP C 107 -35.73 -17.82 -24.98
CA ASP C 107 -34.64 -17.15 -25.73
C ASP C 107 -34.35 -15.69 -25.28
N GLU C 108 -35.41 -14.92 -25.04
CA GLU C 108 -35.31 -13.54 -24.58
C GLU C 108 -34.82 -13.42 -23.12
N VAL C 109 -35.22 -14.34 -22.26
CA VAL C 109 -34.71 -14.31 -20.85
C VAL C 109 -33.23 -14.71 -20.76
N PHE C 110 -32.88 -15.77 -21.49
CA PHE C 110 -31.49 -16.21 -21.63
C PHE C 110 -30.61 -15.07 -22.13
N LYS C 111 -31.07 -14.31 -23.14
CA LYS C 111 -30.33 -13.15 -23.64
C LYS C 111 -30.33 -12.00 -22.62
N THR C 112 -31.44 -11.71 -21.95
CA THR C 112 -31.50 -10.51 -21.10
C THR C 112 -31.22 -10.63 -19.57
N GLN C 113 -31.15 -11.85 -19.03
CA GLN C 113 -30.96 -12.03 -17.59
C GLN C 113 -29.70 -12.83 -17.27
N LYS C 114 -28.64 -12.44 -17.96
CA LYS C 114 -27.36 -13.04 -17.74
C LYS C 114 -26.99 -13.11 -16.26
N ASN C 115 -27.20 -12.01 -15.54
CA ASN C 115 -26.81 -11.87 -14.11
C ASN C 115 -27.39 -12.99 -13.30
N LEU C 116 -28.68 -13.20 -13.53
CA LEU C 116 -29.49 -14.18 -12.76
C LEU C 116 -29.16 -15.64 -13.12
N ILE C 117 -29.04 -15.92 -14.43
CA ILE C 117 -28.61 -17.22 -14.87
C ILE C 117 -27.21 -17.55 -14.33
N ASN C 118 -26.26 -16.61 -14.39
CA ASN C 118 -24.88 -16.87 -13.87
C ASN C 118 -24.89 -17.13 -12.34
N LYS C 119 -25.69 -16.37 -11.62
CA LYS C 119 -25.89 -16.60 -10.19
C LYS C 119 -26.63 -17.93 -9.91
N SER C 120 -27.62 -18.26 -10.74
CA SER C 120 -28.28 -19.58 -10.57
C SER C 120 -27.29 -20.71 -10.83
N ASP C 121 -26.49 -20.55 -11.92
CA ASP C 121 -25.42 -21.51 -12.20
C ASP C 121 -24.46 -21.66 -11.01
N LEU C 122 -24.14 -20.53 -10.38
CA LEU C 122 -23.22 -20.61 -9.22
C LEU C 122 -23.85 -21.32 -8.06
N THR C 123 -25.14 -21.08 -7.89
CA THR C 123 -25.90 -21.75 -6.80
C THR C 123 -25.94 -23.29 -7.02
N LEU C 124 -26.21 -23.73 -8.24
CA LEU C 124 -26.10 -25.15 -8.61
C LEU C 124 -24.70 -25.73 -8.28
N VAL C 125 -23.65 -25.00 -8.62
CA VAL C 125 -22.26 -25.44 -8.29
C VAL C 125 -22.05 -25.56 -6.76
N GLN C 126 -22.59 -24.66 -5.96
CA GLN C 126 -22.49 -24.87 -4.52
C GLN C 126 -23.14 -26.19 -4.06
N ILE C 127 -24.24 -26.56 -4.70
CA ILE C 127 -24.88 -27.80 -4.31
C ILE C 127 -24.00 -28.97 -4.82
N LEU C 128 -23.36 -28.81 -5.99
CA LEU C 128 -22.44 -29.86 -6.48
C LEU C 128 -21.30 -30.06 -5.44
N LYS C 129 -20.88 -28.97 -4.82
CA LYS C 129 -19.77 -29.06 -3.86
C LYS C 129 -20.20 -29.93 -2.71
N GLN C 130 -21.50 -29.90 -2.34
CA GLN C 130 -22.02 -30.74 -1.20
C GLN C 130 -22.45 -32.16 -1.57
N GLU C 131 -22.94 -32.38 -2.80
CA GLU C 131 -23.61 -33.64 -3.10
C GLU C 131 -22.94 -34.46 -4.18
N TRP C 132 -22.06 -33.84 -4.98
CA TRP C 132 -21.50 -34.56 -6.17
C TRP C 132 -20.10 -35.08 -5.93
N PRO C 133 -19.79 -36.28 -6.42
CA PRO C 133 -20.60 -37.21 -7.22
C PRO C 133 -21.29 -38.26 -6.38
N GLN C 134 -20.98 -38.33 -5.06
CA GLN C 134 -21.46 -39.43 -4.19
C GLN C 134 -22.99 -39.50 -4.18
N ASN C 135 -23.66 -38.34 -4.28
CA ASN C 135 -25.12 -38.28 -4.29
C ASN C 135 -25.72 -37.74 -5.57
N TRP C 136 -24.92 -37.69 -6.64
CA TRP C 136 -25.38 -37.18 -7.91
C TRP C 136 -24.49 -37.77 -9.02
N PRO C 137 -24.40 -39.12 -9.04
CA PRO C 137 -23.34 -39.65 -9.92
C PRO C 137 -23.62 -39.37 -11.39
N GLU C 138 -24.90 -39.17 -11.76
CA GLU C 138 -25.32 -38.96 -13.17
C GLU C 138 -25.03 -37.53 -13.65
N PHE C 139 -24.61 -36.63 -12.75
CA PHE C 139 -24.55 -35.20 -13.11
C PHE C 139 -23.84 -34.94 -14.46
N ILE C 140 -22.60 -35.42 -14.59
CA ILE C 140 -21.84 -35.12 -15.79
C ILE C 140 -22.38 -35.83 -17.04
N PRO C 141 -22.65 -37.17 -16.96
CA PRO C 141 -23.20 -37.80 -18.17
C PRO C 141 -24.52 -37.13 -18.61
N GLU C 142 -25.34 -36.73 -17.65
CA GLU C 142 -26.57 -36.01 -17.98
C GLU C 142 -26.39 -34.58 -18.56
N LEU C 143 -25.38 -33.88 -18.04
CA LEU C 143 -25.16 -32.54 -18.49
C LEU C 143 -24.70 -32.69 -19.93
N ILE C 144 -23.86 -33.68 -20.24
CA ILE C 144 -23.38 -33.90 -21.59
C ILE C 144 -24.54 -34.24 -22.60
N GLY C 145 -25.41 -35.18 -22.24
CA GLY C 145 -26.61 -35.49 -23.05
C GLY C 145 -27.53 -34.28 -23.27
N SER C 146 -27.84 -33.56 -22.18
CA SER C 146 -28.70 -32.37 -22.26
C SER C 146 -28.12 -31.23 -23.14
N SER C 147 -26.79 -31.15 -23.26
CA SER C 147 -26.19 -30.22 -24.19
C SER C 147 -26.68 -30.28 -25.64
N SER C 148 -27.00 -31.48 -26.16
CA SER C 148 -27.55 -31.61 -27.52
C SER C 148 -29.01 -31.11 -27.62
N SER C 149 -29.66 -30.93 -26.48
CA SER C 149 -31.10 -30.63 -26.49
C SER C 149 -31.37 -29.19 -26.96
N SER C 150 -30.38 -28.31 -26.80
CA SER C 150 -30.65 -26.91 -26.96
C SER C 150 -29.35 -26.12 -27.04
N VAL C 151 -29.25 -25.13 -27.94
CA VAL C 151 -27.98 -24.40 -28.03
C VAL C 151 -27.76 -23.47 -26.81
N ASN C 152 -28.86 -22.92 -26.25
CA ASN C 152 -28.75 -22.19 -24.94
C ASN C 152 -28.32 -23.10 -23.78
N VAL C 153 -28.86 -24.32 -23.71
CA VAL C 153 -28.45 -25.24 -22.63
C VAL C 153 -27.01 -25.66 -22.78
N CYS C 154 -26.57 -25.95 -24.00
CA CYS C 154 -25.15 -26.25 -24.21
C CYS C 154 -24.26 -25.07 -23.74
N GLU C 155 -24.61 -23.85 -24.14
CA GLU C 155 -23.83 -22.69 -23.74
C GLU C 155 -23.83 -22.58 -22.23
N ASN C 156 -25.00 -22.67 -21.63
CA ASN C 156 -25.07 -22.55 -20.16
C ASN C 156 -24.31 -23.67 -19.41
N ASN C 157 -24.34 -24.90 -19.94
CA ASN C 157 -23.58 -25.98 -19.38
C ASN C 157 -22.06 -25.61 -19.35
N MET C 158 -21.57 -24.86 -20.34
CA MET C 158 -20.17 -24.50 -20.35
C MET C 158 -19.90 -23.55 -19.16
N ILE C 159 -20.88 -22.69 -18.88
CA ILE C 159 -20.78 -21.81 -17.70
C ILE C 159 -20.69 -22.60 -16.43
N VAL C 160 -21.60 -23.54 -16.23
CA VAL C 160 -21.58 -24.34 -15.05
C VAL C 160 -20.27 -25.05 -14.85
N LEU C 161 -19.73 -25.67 -15.90
CA LEU C 161 -18.45 -26.39 -15.80
C LEU C 161 -17.26 -25.45 -15.55
N LYS C 162 -17.28 -24.25 -16.16
CA LYS C 162 -16.30 -23.20 -15.82
C LYS C 162 -16.34 -22.86 -14.34
N LEU C 163 -17.55 -22.67 -13.78
CA LEU C 163 -17.58 -22.27 -12.36
C LEU C 163 -17.19 -23.46 -11.48
N LEU C 164 -17.54 -24.67 -11.94
CA LEU C 164 -17.20 -25.86 -11.15
C LEU C 164 -15.66 -25.96 -11.04
N SER C 165 -14.95 -25.79 -12.17
CA SER C 165 -13.49 -25.87 -12.21
C SER C 165 -12.86 -24.84 -11.30
N GLU C 166 -13.40 -23.63 -11.33
CA GLU C 166 -12.96 -22.50 -10.47
C GLU C 166 -13.07 -22.82 -9.02
N GLU C 167 -14.22 -23.32 -8.66
CA GLU C 167 -14.48 -23.53 -7.22
C GLU C 167 -13.69 -24.71 -6.67
N VAL C 168 -13.43 -25.71 -7.52
CA VAL C 168 -12.73 -26.91 -7.11
C VAL C 168 -11.22 -26.70 -7.17
N PHE C 169 -10.74 -26.07 -8.25
CA PHE C 169 -9.29 -25.95 -8.42
C PHE C 169 -8.68 -24.59 -8.08
N ASP C 170 -9.36 -23.48 -8.38
CA ASP C 170 -8.68 -22.15 -8.17
C ASP C 170 -8.99 -21.56 -6.80
N PHE C 171 -10.16 -21.87 -6.25
CA PHE C 171 -10.52 -21.23 -4.98
C PHE C 171 -10.81 -22.19 -3.83
N SER C 172 -10.43 -23.47 -3.93
CA SER C 172 -10.78 -24.43 -2.83
C SER C 172 -9.90 -24.27 -1.60
N ALA C 173 -8.67 -23.80 -1.78
CA ALA C 173 -7.70 -23.79 -0.70
C ALA C 173 -8.17 -22.78 0.33
N GLU C 174 -8.18 -23.15 1.59
CA GLU C 174 -8.81 -22.16 2.50
C GLU C 174 -10.35 -22.01 2.49
N GLN C 175 -11.09 -22.42 1.47
CA GLN C 175 -12.53 -22.52 1.75
C GLN C 175 -13.15 -23.91 1.95
N MET C 176 -12.39 -24.99 1.70
CA MET C 176 -12.82 -26.36 1.90
C MET C 176 -11.74 -27.02 2.71
N THR C 177 -12.06 -28.11 3.45
CA THR C 177 -11.00 -28.85 4.12
C THR C 177 -10.10 -29.49 3.03
N GLN C 178 -8.88 -29.87 3.38
CA GLN C 178 -7.99 -30.59 2.47
C GLN C 178 -8.63 -31.84 1.91
N ALA C 179 -9.31 -32.59 2.77
CA ALA C 179 -9.96 -33.81 2.31
C ALA C 179 -11.09 -33.57 1.31
N LYS C 180 -11.88 -32.50 1.54
CA LYS C 180 -12.99 -32.28 0.63
C LYS C 180 -12.51 -31.79 -0.75
N ALA C 181 -11.52 -30.92 -0.68
CA ALA C 181 -10.90 -30.36 -1.90
C ALA C 181 -10.29 -31.53 -2.70
N LEU C 182 -9.58 -32.45 -2.04
CA LEU C 182 -9.07 -33.59 -2.77
C LEU C 182 -10.18 -34.49 -3.43
N HIS C 183 -11.22 -34.80 -2.65
CA HIS C 183 -12.40 -35.48 -3.16
C HIS C 183 -12.95 -34.82 -4.42
N LEU C 184 -13.16 -33.53 -4.40
CA LEU C 184 -13.74 -32.86 -5.59
C LEU C 184 -12.73 -32.86 -6.74
N LYS C 185 -11.44 -32.58 -6.46
CA LYS C 185 -10.48 -32.60 -7.55
C LYS C 185 -10.37 -33.99 -8.20
N ASN C 186 -10.36 -35.04 -7.38
CA ASN C 186 -10.33 -36.38 -7.89
C ASN C 186 -11.57 -36.68 -8.75
N SER C 187 -12.72 -36.25 -8.29
CA SER C 187 -13.94 -36.53 -9.00
C SER C 187 -13.97 -35.78 -10.34
N MET C 188 -13.45 -34.54 -10.41
CA MET C 188 -13.51 -33.86 -11.69
C MET C 188 -12.48 -34.52 -12.64
N SER C 189 -11.32 -34.86 -12.08
CA SER C 189 -10.26 -35.53 -12.86
C SER C 189 -10.80 -36.85 -13.53
N LYS C 190 -11.55 -37.63 -12.77
CA LYS C 190 -12.04 -38.91 -13.26
C LYS C 190 -13.06 -38.76 -14.40
N GLU C 191 -13.86 -37.68 -14.38
CA GLU C 191 -14.85 -37.46 -15.43
C GLU C 191 -14.37 -36.50 -16.56
N PHE C 192 -13.13 -36.05 -16.50
CA PHE C 192 -12.75 -35.00 -17.45
C PHE C 192 -12.71 -35.45 -18.90
N GLU C 193 -12.42 -36.74 -19.16
CA GLU C 193 -12.36 -37.21 -20.57
C GLU C 193 -13.69 -36.90 -21.32
N GLN C 194 -14.83 -37.13 -20.67
CA GLN C 194 -16.15 -36.84 -21.28
C GLN C 194 -16.35 -35.34 -21.52
N ILE C 195 -15.89 -34.52 -20.58
CA ILE C 195 -16.04 -33.06 -20.68
C ILE C 195 -15.14 -32.52 -21.75
N PHE C 196 -13.89 -32.99 -21.80
CA PHE C 196 -13.07 -32.53 -22.89
C PHE C 196 -13.70 -32.90 -24.25
N LYS C 197 -14.23 -34.10 -24.38
CA LYS C 197 -14.80 -34.51 -25.69
C LYS C 197 -15.93 -33.56 -26.15
N LEU C 198 -16.81 -33.20 -25.20
CA LEU C 198 -17.87 -32.26 -25.43
C LEU C 198 -17.25 -30.91 -25.79
N CYS C 199 -16.31 -30.41 -24.96
CA CYS C 199 -15.69 -29.11 -25.22
C CYS C 199 -14.99 -29.09 -26.61
N PHE C 200 -14.21 -30.13 -26.91
CA PHE C 200 -13.56 -30.19 -28.21
C PHE C 200 -14.59 -30.26 -29.36
N GLN C 201 -15.63 -31.08 -29.24
CA GLN C 201 -16.65 -31.15 -30.30
C GLN C 201 -17.27 -29.80 -30.62
N VAL C 202 -17.60 -29.05 -29.57
CA VAL C 202 -18.19 -27.74 -29.76
C VAL C 202 -17.20 -26.80 -30.45
N LEU C 203 -15.94 -26.91 -30.09
CA LEU C 203 -14.96 -26.04 -30.71
C LEU C 203 -14.72 -26.41 -32.17
N GLU C 204 -14.71 -27.69 -32.51
CA GLU C 204 -14.44 -28.00 -33.92
C GLU C 204 -15.70 -27.68 -34.69
N GLN C 205 -16.88 -27.87 -34.09
CA GLN C 205 -18.15 -27.82 -34.87
C GLN C 205 -19.05 -26.63 -34.61
N GLY C 206 -19.03 -26.16 -33.37
CA GLY C 206 -19.89 -25.10 -32.87
C GLY C 206 -19.82 -23.87 -33.75
N SER C 207 -20.69 -22.92 -33.41
CA SER C 207 -21.39 -22.13 -34.39
C SER C 207 -21.66 -20.73 -33.85
N SER C 208 -22.57 -20.72 -32.88
CA SER C 208 -22.90 -19.57 -32.07
C SER C 208 -21.58 -19.02 -31.53
N SER C 209 -21.33 -17.75 -31.83
CA SER C 209 -20.21 -17.04 -31.26
C SER C 209 -20.32 -17.11 -29.75
N SER C 210 -21.51 -16.86 -29.18
CA SER C 210 -21.56 -16.87 -27.72
C SER C 210 -21.30 -18.29 -27.17
N LEU C 211 -21.73 -19.34 -27.87
CA LEU C 211 -21.42 -20.66 -27.35
C LEU C 211 -19.89 -20.92 -27.41
N ILE C 212 -19.25 -20.52 -28.51
CA ILE C 212 -17.81 -20.72 -28.70
C ILE C 212 -17.04 -19.95 -27.61
N VAL C 213 -17.44 -18.71 -27.38
CA VAL C 213 -16.81 -17.89 -26.33
C VAL C 213 -16.98 -18.59 -24.94
N ALA C 214 -18.20 -19.04 -24.56
CA ALA C 214 -18.40 -19.73 -23.22
C ALA C 214 -17.53 -21.01 -23.12
N THR C 215 -17.46 -21.76 -24.19
CA THR C 215 -16.58 -22.96 -24.27
C THR C 215 -15.05 -22.63 -24.04
N LEU C 216 -14.56 -21.60 -24.73
CA LEU C 216 -13.19 -21.17 -24.54
C LEU C 216 -12.93 -20.64 -23.10
N GLU C 217 -13.89 -19.95 -22.50
CA GLU C 217 -13.73 -19.52 -21.15
C GLU C 217 -13.60 -20.68 -20.16
N SER C 218 -14.36 -21.76 -20.39
CA SER C 218 -14.25 -22.91 -19.54
C SER C 218 -12.87 -23.53 -19.84
N LEU C 219 -12.46 -23.60 -21.11
CA LEU C 219 -11.13 -24.14 -21.46
C LEU C 219 -10.01 -23.39 -20.71
N LEU C 220 -10.13 -22.07 -20.57
CA LEU C 220 -9.08 -21.31 -19.85
C LEU C 220 -8.93 -21.88 -18.42
N ARG C 221 -10.04 -22.15 -17.72
CA ARG C 221 -9.90 -22.71 -16.38
C ARG C 221 -9.30 -24.12 -16.40
N TYR C 222 -9.73 -25.00 -17.32
CA TYR C 222 -9.22 -26.36 -17.32
C TYR C 222 -7.72 -26.34 -17.52
N LEU C 223 -7.22 -25.37 -18.28
CA LEU C 223 -5.79 -25.32 -18.57
C LEU C 223 -4.96 -25.08 -17.30
N HIS C 224 -5.58 -24.61 -16.26
CA HIS C 224 -4.88 -24.54 -14.96
C HIS C 224 -4.47 -25.89 -14.36
N TRP C 225 -5.21 -26.97 -14.65
CA TRP C 225 -4.95 -28.23 -13.94
C TRP C 225 -4.86 -29.48 -14.82
N ILE C 226 -5.40 -29.45 -16.04
CA ILE C 226 -5.57 -30.72 -16.75
C ILE C 226 -4.25 -31.30 -17.27
N PRO C 227 -4.20 -32.63 -17.41
CA PRO C 227 -3.01 -33.35 -17.97
C PRO C 227 -2.60 -32.75 -19.33
N TYR C 228 -1.29 -32.66 -19.55
CA TYR C 228 -0.71 -32.07 -20.73
C TYR C 228 -1.15 -32.79 -22.04
N ARG C 229 -1.51 -34.08 -21.96
CA ARG C 229 -1.85 -34.82 -23.20
C ARG C 229 -3.08 -34.24 -23.89
N TYR C 230 -4.03 -33.68 -23.12
CA TYR C 230 -5.18 -32.97 -23.69
C TYR C 230 -4.85 -31.73 -24.53
N ILE C 231 -3.74 -31.10 -24.22
CA ILE C 231 -3.28 -29.88 -24.87
C ILE C 231 -2.41 -30.23 -26.06
N TYR C 232 -1.54 -31.23 -25.94
CA TYR C 232 -0.59 -31.47 -27.02
C TYR C 232 -0.95 -32.64 -27.96
N GLU C 233 -1.92 -33.47 -27.59
CA GLU C 233 -2.15 -34.75 -28.29
C GLU C 233 -3.46 -34.75 -29.05
N THR C 234 -4.21 -33.66 -28.88
CA THR C 234 -5.47 -33.43 -29.58
C THR C 234 -5.18 -32.37 -30.66
N ASN C 235 -6.13 -32.02 -31.47
CA ASN C 235 -5.69 -30.98 -32.38
C ASN C 235 -5.92 -29.52 -31.86
N ILE C 236 -6.15 -29.38 -30.55
CA ILE C 236 -6.69 -28.14 -29.99
C ILE C 236 -5.80 -26.85 -30.14
N LEU C 237 -4.48 -27.01 -30.09
CA LEU C 237 -3.57 -25.87 -30.24
C LEU C 237 -3.69 -25.27 -31.64
N GLU C 238 -3.94 -26.12 -32.65
CA GLU C 238 -4.03 -25.61 -34.02
C GLU C 238 -5.34 -24.81 -34.09
N LEU C 239 -6.39 -25.28 -33.44
CA LEU C 239 -7.67 -24.55 -33.45
C LEU C 239 -7.54 -23.19 -32.78
N LEU C 240 -6.99 -23.19 -31.56
CA LEU C 240 -6.85 -21.91 -30.83
C LEU C 240 -6.01 -20.93 -31.57
N SER C 241 -4.96 -21.39 -32.24
CA SER C 241 -4.03 -20.44 -32.77
C SER C 241 -4.36 -20.06 -34.21
N THR C 242 -5.30 -20.79 -34.84
CA THR C 242 -5.76 -20.39 -36.16
C THR C 242 -7.16 -19.80 -36.09
N LYS C 243 -8.16 -20.69 -36.09
CA LYS C 243 -9.53 -20.19 -36.22
C LYS C 243 -9.96 -19.21 -35.19
N PHE C 244 -9.55 -19.39 -33.94
CA PHE C 244 -10.10 -18.59 -32.88
C PHE C 244 -9.37 -17.26 -32.68
N MET C 245 -8.19 -17.14 -33.29
CA MET C 245 -7.47 -15.85 -33.33
C MET C 245 -8.07 -15.00 -34.45
N THR C 246 -8.51 -15.65 -35.53
CA THR C 246 -9.09 -14.89 -36.63
C THR C 246 -10.34 -14.09 -36.22
N SER C 247 -11.29 -14.71 -35.52
CA SER C 247 -12.55 -14.02 -35.10
C SER C 247 -12.39 -13.17 -33.83
N PRO C 248 -12.71 -11.86 -33.92
CA PRO C 248 -12.50 -10.91 -32.80
C PRO C 248 -13.25 -11.31 -31.53
N ASP C 249 -14.40 -11.99 -31.70
CA ASP C 249 -15.18 -12.30 -30.47
C ASP C 249 -14.45 -13.33 -29.61
N THR C 250 -13.62 -14.18 -30.24
CA THR C 250 -12.90 -15.25 -29.54
C THR C 250 -11.43 -14.93 -29.27
N ARG C 251 -10.96 -13.79 -29.78
CA ARG C 251 -9.54 -13.50 -29.84
C ARG C 251 -8.98 -13.30 -28.43
N ALA C 252 -9.70 -12.51 -27.61
CA ALA C 252 -9.17 -12.19 -26.29
C ALA C 252 -9.09 -13.43 -25.45
N ILE C 253 -10.14 -14.25 -25.47
CA ILE C 253 -10.12 -15.47 -24.61
C ILE C 253 -9.08 -16.46 -25.14
N THR C 254 -8.99 -16.62 -26.47
CA THR C 254 -7.95 -17.46 -27.06
C THR C 254 -6.54 -17.09 -26.68
N LEU C 255 -6.21 -15.79 -26.70
CA LEU C 255 -4.89 -15.37 -26.31
C LEU C 255 -4.63 -15.69 -24.85
N LYS C 256 -5.65 -15.57 -24.01
CA LYS C 256 -5.46 -15.88 -22.61
C LYS C 256 -5.24 -17.41 -22.45
N CYS C 257 -5.92 -18.24 -23.27
CA CYS C 257 -5.70 -19.68 -23.21
C CYS C 257 -4.30 -19.98 -23.65
N LEU C 258 -3.86 -19.37 -24.73
CA LEU C 258 -2.51 -19.66 -25.24
C LEU C 258 -1.42 -19.17 -24.29
N THR C 259 -1.79 -18.16 -23.51
CA THR C 259 -0.80 -17.58 -22.53
C THR C 259 -0.63 -18.59 -21.42
N GLU C 260 -1.73 -19.22 -21.02
CA GLU C 260 -1.63 -20.35 -20.05
C GLU C 260 -0.78 -21.53 -20.52
N VAL C 261 -1.02 -22.01 -21.74
CA VAL C 261 -0.11 -22.97 -22.38
C VAL C 261 1.35 -22.48 -22.46
N SER C 262 1.56 -21.21 -22.81
CA SER C 262 2.87 -20.70 -23.08
C SER C 262 3.74 -20.67 -21.80
N ASN C 263 3.13 -20.71 -20.64
CA ASN C 263 3.93 -20.61 -19.38
C ASN C 263 4.37 -22.03 -18.92
N LEU C 264 3.75 -23.06 -19.55
CA LEU C 264 4.04 -24.48 -19.20
C LEU C 264 5.49 -24.84 -19.40
N LYS C 265 6.07 -25.48 -18.38
CA LYS C 265 7.40 -26.05 -18.57
C LYS C 265 7.24 -27.35 -19.35
N ILE C 266 7.90 -27.42 -20.49
CA ILE C 266 7.74 -28.58 -21.30
C ILE C 266 8.89 -29.59 -21.07
N PRO C 267 8.54 -30.89 -21.07
CA PRO C 267 9.50 -32.00 -21.17
C PRO C 267 10.52 -31.71 -22.27
N GLN C 268 11.79 -31.52 -21.92
CA GLN C 268 12.81 -31.10 -22.89
C GLN C 268 13.26 -32.11 -23.94
N ASP C 269 13.07 -33.40 -23.68
CA ASP C 269 13.59 -34.39 -24.65
C ASP C 269 12.57 -34.83 -25.72
N ASN C 270 11.42 -34.15 -25.74
CA ASN C 270 10.31 -34.52 -26.60
C ASN C 270 10.17 -33.59 -27.82
N ASP C 271 10.80 -33.99 -28.92
CA ASP C 271 10.93 -33.16 -30.11
C ASP C 271 9.64 -32.78 -30.83
N LEU C 272 8.57 -33.55 -30.58
CA LEU C 272 7.28 -33.35 -31.20
C LEU C 272 6.45 -32.32 -30.44
N ILE C 273 6.53 -32.34 -29.11
CA ILE C 273 5.94 -31.28 -28.31
C ILE C 273 6.65 -29.92 -28.48
N LYS C 274 7.96 -29.94 -28.59
CA LYS C 274 8.69 -28.79 -29.03
C LYS C 274 8.13 -28.21 -30.35
N ARG C 275 8.03 -29.03 -31.40
CA ARG C 275 7.52 -28.55 -32.69
C ARG C 275 6.10 -28.00 -32.49
N GLN C 276 5.32 -28.60 -31.62
CA GLN C 276 3.99 -28.11 -31.41
C GLN C 276 3.94 -26.71 -30.76
N THR C 277 4.88 -26.49 -29.84
CA THR C 277 4.99 -25.21 -29.18
C THR C 277 5.51 -24.15 -30.10
N VAL C 278 6.38 -24.51 -31.04
CA VAL C 278 6.80 -23.57 -32.09
C VAL C 278 5.59 -23.24 -32.95
N LEU C 279 4.85 -24.28 -33.35
CA LEU C 279 3.80 -24.14 -34.39
C LEU C 279 2.67 -23.22 -33.89
N PHE C 280 2.30 -23.32 -32.60
CA PHE C 280 1.13 -22.52 -32.22
C PHE C 280 1.52 -21.02 -32.12
N PHE C 281 2.79 -20.82 -31.85
CA PHE C 281 3.30 -19.46 -31.72
C PHE C 281 3.41 -18.89 -33.12
N GLN C 282 3.97 -19.66 -34.03
CA GLN C 282 3.99 -19.29 -35.47
C GLN C 282 2.59 -18.89 -35.99
N ASN C 283 1.61 -19.75 -35.74
CA ASN C 283 0.22 -19.50 -36.23
C ASN C 283 -0.34 -18.25 -35.59
N THR C 284 -0.16 -18.13 -34.28
CA THR C 284 -0.70 -17.00 -33.58
C THR C 284 -0.08 -15.67 -34.15
N LEU C 285 1.25 -15.57 -34.27
CA LEU C 285 1.81 -14.34 -34.81
C LEU C 285 1.39 -14.07 -36.30
N GLN C 286 1.31 -15.14 -37.12
CA GLN C 286 0.80 -14.94 -38.49
C GLN C 286 -0.64 -14.32 -38.44
N GLN C 287 -1.49 -14.82 -37.57
CA GLN C 287 -2.84 -14.31 -37.51
C GLN C 287 -2.90 -12.87 -37.05
N ILE C 288 -2.09 -12.49 -36.06
CA ILE C 288 -2.02 -11.11 -35.69
C ILE C 288 -1.60 -10.25 -36.82
N ALA C 289 -0.51 -10.61 -37.52
CA ALA C 289 0.00 -9.75 -38.59
C ALA C 289 -1.02 -9.62 -39.77
N THR C 290 -1.88 -10.64 -39.94
CA THR C 290 -2.88 -10.70 -41.05
C THR C 290 -4.20 -10.07 -40.68
N SER C 291 -4.67 -10.37 -39.45
CA SER C 291 -6.04 -9.95 -39.05
C SER C 291 -6.11 -8.78 -38.13
N VAL C 292 -5.00 -8.37 -37.51
CA VAL C 292 -5.08 -7.33 -36.49
C VAL C 292 -4.18 -6.17 -36.85
N MET C 293 -2.82 -6.35 -36.91
CA MET C 293 -1.98 -5.21 -37.35
C MET C 293 -0.61 -5.72 -37.64
N PRO C 294 0.06 -5.15 -38.63
CA PRO C 294 1.36 -5.61 -39.03
C PRO C 294 2.39 -5.18 -37.95
N VAL C 295 3.56 -5.80 -37.97
CA VAL C 295 4.65 -5.43 -37.07
C VAL C 295 5.03 -3.98 -37.05
N THR C 296 4.85 -3.29 -38.18
CA THR C 296 5.27 -1.87 -38.27
C THR C 296 4.31 -0.93 -37.61
N ALA C 297 3.13 -1.41 -37.18
CA ALA C 297 2.08 -0.44 -36.82
C ALA C 297 2.51 0.32 -35.56
N ASP C 298 1.97 1.52 -35.40
CA ASP C 298 2.27 2.41 -34.30
C ASP C 298 1.32 2.09 -33.13
N LEU C 299 1.75 1.16 -32.27
CA LEU C 299 0.86 0.69 -31.19
C LEU C 299 0.74 1.79 -30.12
N LYS C 300 1.72 2.68 -29.99
CA LYS C 300 1.59 3.82 -29.06
C LYS C 300 0.35 4.65 -29.43
N ALA C 301 0.21 4.95 -30.70
CA ALA C 301 -0.99 5.72 -31.16
C ALA C 301 -2.24 4.90 -30.98
N THR C 302 -2.19 3.63 -31.41
CA THR C 302 -3.37 2.80 -31.32
C THR C 302 -3.90 2.77 -29.86
N TYR C 303 -2.97 2.49 -28.95
CA TYR C 303 -3.30 2.43 -27.54
C TYR C 303 -3.89 3.78 -27.02
N ALA C 304 -3.21 4.91 -27.29
CA ALA C 304 -3.76 6.22 -26.83
C ALA C 304 -5.15 6.51 -27.39
N ASN C 305 -5.45 6.09 -28.63
CA ASN C 305 -6.77 6.38 -29.23
C ASN C 305 -7.84 5.58 -28.54
N ALA C 306 -7.47 4.40 -28.02
CA ALA C 306 -8.38 3.64 -27.19
C ALA C 306 -9.69 3.23 -27.86
N ASN C 307 -9.67 2.85 -29.14
CA ASN C 307 -10.93 2.49 -29.80
C ASN C 307 -11.31 1.06 -29.40
N GLY C 308 -12.62 0.79 -29.22
CA GLY C 308 -13.07 -0.59 -28.91
C GLY C 308 -12.24 -1.29 -27.82
N ASN C 309 -11.78 -2.52 -28.10
CA ASN C 309 -11.07 -3.28 -27.07
C ASN C 309 -9.55 -3.21 -27.29
N ASP C 310 -9.07 -2.15 -27.91
CA ASP C 310 -7.70 -2.16 -28.39
C ASP C 310 -6.73 -2.20 -27.21
N GLN C 311 -7.01 -1.46 -26.14
CA GLN C 311 -6.05 -1.46 -25.02
C GLN C 311 -5.91 -2.82 -24.35
N SER C 312 -7.05 -3.48 -24.09
CA SER C 312 -7.05 -4.85 -23.58
C SER C 312 -6.35 -5.83 -24.49
N PHE C 313 -6.59 -5.72 -25.78
CA PHE C 313 -5.93 -6.61 -26.69
C PHE C 313 -4.40 -6.38 -26.66
N LEU C 314 -3.97 -5.11 -26.66
CA LEU C 314 -2.51 -4.84 -26.59
C LEU C 314 -1.87 -5.29 -25.25
N GLN C 315 -2.59 -5.20 -24.15
CA GLN C 315 -2.16 -5.77 -22.89
C GLN C 315 -2.07 -7.32 -22.97
N ASP C 316 -3.12 -7.97 -23.52
CA ASP C 316 -3.09 -9.44 -23.63
C ASP C 316 -1.94 -9.85 -24.54
N LEU C 317 -1.72 -9.10 -25.62
CA LEU C 317 -0.65 -9.49 -26.48
C LEU C 317 0.70 -9.34 -25.79
N ALA C 318 0.92 -8.23 -25.04
CA ALA C 318 2.19 -8.16 -24.31
C ALA C 318 2.31 -9.34 -23.33
N MET C 319 1.24 -9.65 -22.60
CA MET C 319 1.34 -10.81 -21.69
C MET C 319 1.66 -12.13 -22.45
N PHE C 320 1.01 -12.33 -23.60
CA PHE C 320 1.24 -13.57 -24.36
C PHE C 320 2.70 -13.63 -24.84
N LEU C 321 3.19 -12.54 -25.47
CA LEU C 321 4.51 -12.62 -26.04
C LEU C 321 5.57 -12.73 -24.92
N THR C 322 5.43 -11.96 -23.82
CA THR C 322 6.46 -12.04 -22.75
C THR C 322 6.43 -13.38 -22.02
N THR C 323 5.25 -13.96 -21.79
CA THR C 323 5.15 -15.30 -21.18
C THR C 323 5.78 -16.36 -22.08
N TYR C 324 5.42 -16.40 -23.36
CA TYR C 324 5.95 -17.45 -24.25
C TYR C 324 7.43 -17.27 -24.46
N LEU C 325 7.89 -16.06 -24.74
CA LEU C 325 9.33 -15.91 -24.98
C LEU C 325 10.18 -16.14 -23.76
N ALA C 326 9.77 -15.71 -22.57
CA ALA C 326 10.53 -15.95 -21.31
C ALA C 326 10.67 -17.50 -21.14
N ARG C 327 9.67 -18.25 -21.54
CA ARG C 327 9.77 -19.75 -21.42
C ARG C 327 10.48 -20.42 -22.60
N ASN C 328 10.16 -20.05 -23.85
CA ASN C 328 10.47 -20.87 -25.06
C ASN C 328 11.34 -20.22 -26.13
N ARG C 329 11.93 -19.06 -25.84
CA ARG C 329 12.59 -18.42 -26.98
C ARG C 329 13.80 -19.26 -27.42
N ALA C 330 14.36 -20.09 -26.55
CA ALA C 330 15.41 -21.03 -27.00
C ALA C 330 14.98 -21.93 -28.19
N LEU C 331 13.70 -22.27 -28.26
CA LEU C 331 13.19 -23.14 -29.33
C LEU C 331 13.33 -22.47 -30.67
N LEU C 332 13.36 -21.15 -30.66
CA LEU C 332 13.43 -20.34 -31.88
C LEU C 332 14.81 -19.84 -32.25
N GLU C 333 15.75 -19.93 -31.33
CA GLU C 333 17.04 -19.26 -31.57
C GLU C 333 18.06 -20.04 -32.41
N SER C 334 17.89 -21.33 -32.63
CA SER C 334 18.98 -22.01 -33.35
C SER C 334 18.66 -22.38 -34.81
N ASP C 335 17.40 -22.76 -35.06
CA ASP C 335 16.91 -22.98 -36.43
C ASP C 335 16.79 -21.67 -37.23
N GLU C 336 17.46 -21.59 -38.37
CA GLU C 336 17.50 -20.35 -39.14
C GLU C 336 16.16 -20.05 -39.80
N SER C 337 15.35 -21.09 -40.03
CA SER C 337 14.00 -20.94 -40.50
C SER C 337 13.05 -20.25 -39.48
N LEU C 338 13.44 -20.20 -38.23
CA LEU C 338 12.57 -19.58 -37.19
C LEU C 338 13.07 -18.20 -36.80
N ARG C 339 14.11 -17.72 -37.44
CA ARG C 339 14.78 -16.52 -36.98
C ARG C 339 13.85 -15.33 -37.23
N GLU C 340 13.14 -15.38 -38.36
CA GLU C 340 12.29 -14.28 -38.68
C GLU C 340 11.09 -14.21 -37.69
N LEU C 341 10.53 -15.34 -37.31
CA LEU C 341 9.46 -15.36 -36.35
C LEU C 341 9.96 -14.84 -34.91
N LEU C 342 11.16 -15.24 -34.51
CA LEU C 342 11.77 -14.77 -33.24
C LEU C 342 11.89 -13.27 -33.24
N LEU C 343 12.49 -12.73 -34.32
CA LEU C 343 12.69 -11.30 -34.42
C LEU C 343 11.39 -10.50 -34.64
N ASN C 344 10.43 -10.99 -35.43
CA ASN C 344 9.09 -10.34 -35.47
C ASN C 344 8.40 -10.29 -34.15
N ALA C 345 8.43 -11.37 -33.39
CA ALA C 345 7.75 -11.32 -32.07
C ALA C 345 8.41 -10.28 -31.12
N HIS C 346 9.74 -10.22 -31.19
CA HIS C 346 10.49 -9.18 -30.41
C HIS C 346 10.23 -7.75 -30.93
N GLN C 347 10.04 -7.62 -32.22
CA GLN C 347 9.66 -6.36 -32.78
C GLN C 347 8.25 -5.87 -32.36
N TYR C 348 7.23 -6.78 -32.28
CA TYR C 348 5.96 -6.36 -31.68
C TYR C 348 6.22 -5.89 -30.21
N LEU C 349 7.12 -6.58 -29.48
CA LEU C 349 7.39 -6.16 -28.08
C LEU C 349 8.06 -4.81 -28.07
N ILE C 350 8.97 -4.55 -28.99
CA ILE C 350 9.52 -3.19 -29.08
C ILE C 350 8.39 -2.15 -29.34
N GLN C 351 7.46 -2.44 -30.28
CA GLN C 351 6.40 -1.47 -30.54
C GLN C 351 5.51 -1.30 -29.29
N LEU C 352 5.25 -2.38 -28.58
CA LEU C 352 4.41 -2.33 -27.34
C LEU C 352 5.10 -1.51 -26.23
N SER C 353 6.45 -1.50 -26.22
CA SER C 353 7.27 -0.80 -25.14
C SER C 353 7.25 0.71 -25.40
N LYS C 354 6.73 1.16 -26.55
CA LYS C 354 6.60 2.62 -26.84
C LYS C 354 5.27 3.15 -26.33
N ILE C 355 4.37 2.27 -25.97
CA ILE C 355 3.06 2.72 -25.45
C ILE C 355 3.22 3.55 -24.13
N GLU C 356 2.52 4.68 -24.01
CA GLU C 356 2.50 5.46 -22.79
C GLU C 356 1.43 4.87 -21.82
N GLU C 357 1.87 4.01 -20.94
CA GLU C 357 1.00 3.37 -19.97
C GLU C 357 1.99 2.69 -19.05
N ARG C 358 2.15 3.24 -17.85
CA ARG C 358 3.18 2.77 -16.97
C ARG C 358 3.13 1.28 -16.61
N GLU C 359 1.94 0.75 -16.28
CA GLU C 359 1.86 -0.65 -15.95
C GLU C 359 2.20 -1.61 -17.06
N LEU C 360 1.80 -1.28 -18.28
CA LEU C 360 2.15 -2.08 -19.42
C LEU C 360 3.66 -1.93 -19.72
N PHE C 361 4.19 -0.70 -19.60
CA PHE C 361 5.67 -0.54 -19.75
C PHE C 361 6.39 -1.42 -18.71
N LYS C 362 5.95 -1.46 -17.46
CA LYS C 362 6.63 -2.33 -16.51
C LYS C 362 6.56 -3.83 -16.88
N THR C 363 5.42 -4.28 -17.45
CA THR C 363 5.34 -5.69 -17.92
C THR C 363 6.37 -5.99 -19.04
N THR C 364 6.51 -5.11 -20.01
CA THR C 364 7.44 -5.35 -21.10
C THR C 364 8.88 -5.20 -20.55
N LEU C 365 9.11 -4.23 -19.63
CA LEU C 365 10.48 -4.03 -19.10
C LEU C 365 10.93 -5.22 -18.34
N ASP C 366 10.02 -5.84 -17.61
CA ASP C 366 10.36 -7.07 -16.86
C ASP C 366 10.83 -8.17 -17.83
N TYR C 367 10.18 -8.28 -18.98
CA TYR C 367 10.68 -9.20 -19.99
C TYR C 367 12.07 -8.73 -20.57
N TRP C 368 12.24 -7.45 -20.88
CA TRP C 368 13.47 -7.04 -21.49
C TRP C 368 14.61 -7.34 -20.47
N HIS C 369 14.35 -7.16 -19.16
CA HIS C 369 15.32 -7.53 -18.14
C HIS C 369 15.74 -9.02 -18.23
N ASN C 370 14.75 -9.91 -18.32
CA ASN C 370 14.95 -11.32 -18.52
C ASN C 370 15.77 -11.61 -19.80
N LEU C 371 15.46 -10.95 -20.91
CA LEU C 371 16.22 -11.13 -22.13
C LEU C 371 17.69 -10.60 -21.97
N VAL C 372 17.89 -9.37 -21.56
CA VAL C 372 19.23 -8.79 -21.66
C VAL C 372 20.17 -9.45 -20.63
N ALA C 373 19.64 -9.86 -19.48
CA ALA C 373 20.43 -10.58 -18.50
C ALA C 373 20.89 -11.90 -19.16
N ASP C 374 20.02 -12.58 -19.93
CA ASP C 374 20.42 -13.81 -20.62
C ASP C 374 21.50 -13.57 -21.68
N LEU C 375 21.35 -12.49 -22.49
CA LEU C 375 22.37 -12.04 -23.47
C LEU C 375 23.72 -11.71 -22.79
N PHE C 376 23.70 -11.17 -21.59
CA PHE C 376 24.92 -10.87 -20.85
C PHE C 376 25.67 -12.16 -20.41
N TYR C 377 24.96 -13.23 -20.05
CA TYR C 377 25.51 -14.43 -19.45
C TYR C 377 25.56 -15.60 -20.37
N GLU C 378 24.64 -15.74 -21.30
CA GLU C 378 24.55 -17.01 -22.03
C GLU C 378 25.41 -17.04 -23.34
N PRO C 379 26.41 -17.93 -23.76
CA PRO C 379 27.33 -17.84 -24.89
C PRO C 379 26.51 -17.82 -26.14
N LEU C 380 26.94 -17.04 -27.14
CA LEU C 380 26.42 -17.15 -28.53
C LEU C 380 24.98 -16.62 -28.74
N LYS C 381 24.45 -15.85 -27.81
CA LYS C 381 23.07 -15.36 -28.02
C LYS C 381 22.97 -13.87 -28.41
N LYS C 382 23.80 -12.98 -27.82
CA LYS C 382 23.65 -11.52 -28.07
C LYS C 382 23.61 -11.13 -29.58
N HIS C 383 24.36 -11.84 -30.43
CA HIS C 383 24.44 -11.47 -31.85
C HIS C 383 23.09 -11.59 -32.51
N ILE C 384 22.23 -12.50 -32.07
CA ILE C 384 20.92 -12.68 -32.72
C ILE C 384 20.08 -11.41 -32.57
N TYR C 385 20.23 -10.74 -31.42
CA TYR C 385 19.31 -9.70 -31.03
C TYR C 385 19.86 -8.31 -31.21
N GLU C 386 20.91 -8.16 -32.01
CA GLU C 386 21.68 -6.87 -32.03
C GLU C 386 20.75 -5.71 -32.42
N GLU C 387 19.92 -5.99 -33.41
CA GLU C 387 19.06 -4.93 -33.91
C GLU C 387 17.89 -4.65 -32.94
N ILE C 388 17.36 -5.70 -32.32
CA ILE C 388 16.35 -5.48 -31.24
C ILE C 388 16.98 -4.61 -30.10
N CYS C 389 18.18 -4.98 -29.68
CA CYS C 389 18.89 -4.25 -28.57
C CYS C 389 19.09 -2.79 -28.88
N SER C 390 19.43 -2.48 -30.13
CA SER C 390 19.62 -1.09 -30.56
C SER C 390 18.39 -0.27 -30.39
N GLN C 391 17.30 -0.79 -30.89
CA GLN C 391 16.01 -0.09 -30.77
C GLN C 391 15.64 0.04 -29.28
N LEU C 392 15.93 -1.00 -28.50
CA LEU C 392 15.54 -0.96 -27.07
C LEU C 392 16.32 0.11 -26.31
N ARG C 393 17.61 0.27 -26.61
CA ARG C 393 18.43 1.33 -26.00
C ARG C 393 17.72 2.64 -26.17
N LEU C 394 17.28 2.92 -27.38
CA LEU C 394 16.59 4.17 -27.69
C LEU C 394 15.25 4.34 -26.93
N VAL C 395 14.48 3.26 -26.86
CA VAL C 395 13.19 3.31 -26.16
C VAL C 395 13.45 3.60 -24.62
N ILE C 396 14.42 2.92 -24.02
CA ILE C 396 14.60 3.13 -22.59
C ILE C 396 15.17 4.55 -22.35
N ILE C 397 16.19 4.95 -23.11
CA ILE C 397 16.81 6.29 -22.99
C ILE C 397 15.75 7.35 -23.07
N GLU C 398 14.80 7.17 -24.00
CA GLU C 398 13.80 8.21 -24.19
C GLU C 398 12.68 8.19 -23.17
N ASN C 399 12.51 7.10 -22.41
CA ASN C 399 11.42 6.95 -21.42
C ASN C 399 11.95 6.77 -19.95
N MET C 400 13.11 7.34 -19.67
CA MET C 400 13.71 7.23 -18.36
C MET C 400 12.84 8.01 -17.43
N VAL C 401 12.55 7.50 -16.24
CA VAL C 401 11.79 8.34 -15.29
C VAL C 401 12.72 8.84 -14.16
N ARG C 402 12.18 9.73 -13.33
CA ARG C 402 12.99 10.61 -12.46
C ARG C 402 13.62 9.82 -11.31
N PRO C 403 14.95 9.83 -11.19
CA PRO C 403 15.58 9.10 -10.07
C PRO C 403 15.15 9.70 -8.73
N GLU C 404 15.36 8.98 -7.69
CA GLU C 404 14.93 9.58 -6.42
C GLU C 404 15.77 10.79 -5.93
N GLU C 405 17.00 10.87 -6.36
CA GLU C 405 17.80 11.98 -5.89
C GLU C 405 17.44 13.27 -6.61
N VAL C 406 16.54 13.22 -7.59
CA VAL C 406 16.27 14.45 -8.37
C VAL C 406 15.08 15.10 -7.69
N LEU C 407 15.33 16.23 -7.03
CA LEU C 407 14.34 16.83 -6.12
C LEU C 407 13.48 17.95 -6.73
N VAL C 408 13.64 18.19 -8.02
CA VAL C 408 12.94 19.23 -8.73
C VAL C 408 11.97 18.59 -9.77
N VAL C 409 10.76 19.13 -9.94
CA VAL C 409 9.72 18.53 -10.85
C VAL C 409 8.81 19.62 -11.37
N GLU C 410 8.23 19.42 -12.57
CA GLU C 410 7.24 20.38 -13.12
C GLU C 410 5.80 20.24 -12.55
N ASN C 411 5.27 21.30 -11.94
CA ASN C 411 3.90 21.27 -11.45
C ASN C 411 2.95 21.43 -12.62
N ASP C 412 1.64 21.38 -12.33
CA ASP C 412 0.60 21.37 -13.38
C ASP C 412 0.47 22.69 -14.17
N GLU C 413 0.99 23.79 -13.63
CA GLU C 413 0.97 25.06 -14.37
C GLU C 413 2.33 25.48 -15.00
N GLY C 414 3.20 24.49 -15.25
CA GLY C 414 4.52 24.72 -15.90
C GLY C 414 5.63 25.38 -15.07
N GLU C 415 5.53 25.33 -13.73
CA GLU C 415 6.59 25.84 -12.84
C GLU C 415 7.47 24.71 -12.27
N ILE C 416 8.76 24.97 -12.08
CA ILE C 416 9.66 23.91 -11.60
C ILE C 416 9.70 24.05 -10.07
N VAL C 417 9.26 23.03 -9.35
CA VAL C 417 9.12 23.16 -7.88
C VAL C 417 9.79 21.97 -7.20
N ARG C 418 10.01 22.12 -5.89
CA ARG C 418 10.49 21.05 -5.05
C ARG C 418 9.41 19.96 -4.99
N GLU C 419 9.81 18.71 -5.06
CA GLU C 419 8.81 17.67 -4.91
C GLU C 419 8.31 17.59 -3.47
N PHE C 420 6.98 17.55 -3.30
CA PHE C 420 6.35 17.38 -1.98
C PHE C 420 6.40 15.91 -1.52
N VAL C 421 6.08 14.97 -2.40
CA VAL C 421 6.04 13.53 -2.03
C VAL C 421 7.11 12.70 -2.76
N LYS C 422 7.78 11.77 -2.08
CA LYS C 422 8.60 10.75 -2.78
C LYS C 422 7.64 9.81 -3.53
N GLU C 423 8.01 9.33 -4.72
CA GLU C 423 7.13 8.42 -5.43
C GLU C 423 7.79 7.08 -5.50
N SER C 424 7.38 6.16 -4.62
CA SER C 424 8.00 4.83 -4.61
C SER C 424 7.83 4.08 -5.93
N ASP C 425 6.69 4.27 -6.58
CA ASP C 425 6.45 3.58 -7.88
C ASP C 425 7.45 4.09 -8.92
N THR C 426 7.62 5.42 -8.97
CA THR C 426 8.54 5.86 -9.97
C THR C 426 10.02 5.52 -9.64
N ILE C 427 10.39 5.52 -8.36
CA ILE C 427 11.73 5.22 -8.00
C ILE C 427 12.03 3.77 -8.37
N GLN C 428 11.12 2.87 -8.09
CA GLN C 428 11.27 1.48 -8.56
C GLN C 428 11.37 1.31 -10.07
N LEU C 429 10.56 2.04 -10.80
CA LEU C 429 10.59 1.92 -12.24
C LEU C 429 11.99 2.45 -12.74
N TYR C 430 12.43 3.61 -12.22
CA TYR C 430 13.83 4.10 -12.51
C TYR C 430 14.87 2.97 -12.24
N LYS C 431 14.82 2.33 -11.05
CA LYS C 431 15.80 1.25 -10.81
C LYS C 431 15.72 0.07 -11.82
N SER C 432 14.52 -0.32 -12.22
CA SER C 432 14.43 -1.41 -13.22
C SER C 432 14.91 -0.90 -14.55
N GLU C 433 14.61 0.36 -14.94
CA GLU C 433 15.15 0.90 -16.20
C GLU C 433 16.66 0.93 -16.23
N ARG C 434 17.25 1.36 -15.11
CA ARG C 434 18.67 1.36 -15.02
C ARG C 434 19.27 -0.01 -15.15
N GLU C 435 18.71 -1.03 -14.52
CA GLU C 435 19.31 -2.35 -14.60
C GLU C 435 19.29 -2.83 -16.07
N VAL C 436 18.21 -2.53 -16.78
CA VAL C 436 18.15 -2.95 -18.19
C VAL C 436 19.16 -2.19 -19.07
N LEU C 437 19.21 -0.89 -18.85
CA LEU C 437 20.13 -0.05 -19.58
C LEU C 437 21.59 -0.38 -19.34
N VAL C 438 21.93 -0.71 -18.09
CA VAL C 438 23.29 -1.16 -17.81
C VAL C 438 23.68 -2.42 -18.60
N TYR C 439 22.82 -3.44 -18.57
CA TYR C 439 23.08 -4.65 -19.36
C TYR C 439 23.21 -4.32 -20.84
N LEU C 440 22.30 -3.48 -21.31
CA LEU C 440 22.33 -3.03 -22.74
C LEU C 440 23.63 -2.33 -23.08
N THR C 441 24.10 -1.52 -22.17
CA THR C 441 25.32 -0.83 -22.46
C THR C 441 26.56 -1.75 -22.43
N HIS C 442 26.60 -2.71 -21.50
CA HIS C 442 27.61 -3.72 -21.55
C HIS C 442 27.56 -4.49 -22.87
N LEU C 443 26.36 -4.80 -23.36
CA LEU C 443 26.27 -5.49 -24.64
C LEU C 443 26.84 -4.68 -25.84
N ASN C 444 26.72 -3.34 -25.85
CA ASN C 444 27.39 -2.59 -26.92
C ASN C 444 27.67 -1.19 -26.43
N VAL C 445 28.83 -1.03 -25.83
CA VAL C 445 29.14 0.23 -25.19
C VAL C 445 29.33 1.33 -26.28
N ILE C 446 29.87 0.96 -27.42
CA ILE C 446 30.01 1.92 -28.53
C ILE C 446 28.64 2.49 -29.01
N ASP C 447 27.65 1.64 -29.27
CA ASP C 447 26.29 2.08 -29.70
C ASP C 447 25.60 2.97 -28.62
N THR C 448 25.77 2.64 -27.33
CA THR C 448 25.17 3.47 -26.27
C THR C 448 25.80 4.85 -26.19
N GLU C 449 27.14 4.87 -26.20
CA GLU C 449 27.81 6.14 -26.14
C GLU C 449 27.41 7.01 -27.35
N GLU C 450 27.34 6.40 -28.54
CA GLU C 450 26.96 7.20 -29.74
C GLU C 450 25.52 7.80 -29.69
N ILE C 451 24.52 7.02 -29.30
CA ILE C 451 23.16 7.55 -29.10
C ILE C 451 23.09 8.71 -28.08
N MET C 452 23.81 8.61 -26.96
CA MET C 452 23.68 9.62 -25.92
C MET C 452 24.40 10.91 -26.35
N ILE C 453 25.59 10.75 -26.88
CA ILE C 453 26.39 11.89 -27.28
C ILE C 453 25.70 12.62 -28.45
N SER C 454 25.09 11.87 -29.32
CA SER C 454 24.37 12.50 -30.42
C SER C 454 23.09 13.20 -29.94
N LYS C 455 22.38 12.62 -28.94
CA LYS C 455 21.25 13.35 -28.33
C LYS C 455 21.67 14.58 -27.61
N LEU C 456 22.83 14.50 -26.97
CA LEU C 456 23.32 15.63 -26.21
C LEU C 456 23.62 16.83 -27.15
N ALA C 457 24.29 16.55 -28.27
CA ALA C 457 24.50 17.55 -29.33
C ALA C 457 23.18 18.29 -29.73
N ARG C 458 22.08 17.57 -29.87
CA ARG C 458 20.81 18.20 -30.26
C ARG C 458 20.17 19.03 -29.11
N GLN C 459 20.63 18.84 -27.87
CA GLN C 459 20.22 19.64 -26.73
C GLN C 459 20.99 20.97 -26.74
N ILE C 460 22.32 20.89 -26.93
CA ILE C 460 23.26 22.03 -26.96
C ILE C 460 22.95 23.04 -28.07
N ASP C 461 22.67 22.52 -29.25
CA ASP C 461 22.44 23.39 -30.38
C ASP C 461 20.96 23.84 -30.49
N GLY C 462 20.14 23.41 -29.54
CA GLY C 462 18.77 23.92 -29.40
C GLY C 462 17.75 23.16 -30.20
N SER C 463 18.22 22.29 -31.10
CA SER C 463 17.32 21.68 -32.08
C SER C 463 16.26 20.79 -31.42
N GLU C 464 16.63 20.12 -30.33
CA GLU C 464 15.72 19.24 -29.62
C GLU C 464 15.49 19.66 -28.13
N TRP C 465 15.97 20.86 -27.78
CA TRP C 465 15.88 21.35 -26.39
C TRP C 465 14.49 21.25 -25.81
N SER C 466 14.35 20.56 -24.67
CA SER C 466 13.19 20.67 -23.81
C SER C 466 13.54 20.09 -22.47
N TRP C 467 12.72 20.40 -21.46
CA TRP C 467 13.03 19.92 -20.12
C TRP C 467 12.90 18.42 -20.08
N HIS C 468 11.85 17.91 -20.71
CA HIS C 468 11.72 16.49 -20.86
C HIS C 468 12.97 15.84 -21.46
N ASN C 469 13.46 16.40 -22.56
CA ASN C 469 14.55 15.77 -23.32
C ASN C 469 15.88 15.89 -22.62
N ILE C 470 16.16 17.02 -21.99
CA ILE C 470 17.42 17.08 -21.29
C ILE C 470 17.37 16.19 -20.03
N ASN C 471 16.22 16.14 -19.35
CA ASN C 471 16.04 15.31 -18.18
C ASN C 471 16.24 13.83 -18.52
N THR C 472 15.52 13.30 -19.53
CA THR C 472 15.60 11.85 -19.70
C THR C 472 17.01 11.48 -20.13
N LEU C 473 17.65 12.36 -20.92
CA LEU C 473 19.04 12.06 -21.37
C LEU C 473 19.99 12.06 -20.15
N SER C 474 19.90 13.09 -19.30
CA SER C 474 20.79 13.19 -18.11
C SER C 474 20.58 12.01 -17.18
N TRP C 475 19.32 11.63 -17.00
CA TRP C 475 19.06 10.53 -16.09
C TRP C 475 19.68 9.26 -16.70
N ALA C 476 19.49 9.08 -18.00
CA ALA C 476 20.09 7.91 -18.66
C ALA C 476 21.61 7.89 -18.58
N ILE C 477 22.21 9.05 -18.81
CA ILE C 477 23.69 9.18 -18.69
C ILE C 477 24.16 8.81 -17.24
N GLY C 478 23.50 9.35 -16.24
CA GLY C 478 23.83 8.98 -14.83
C GLY C 478 23.63 7.52 -14.57
N SER C 479 22.59 6.93 -15.17
CA SER C 479 22.24 5.57 -14.80
C SER C 479 23.25 4.50 -15.27
N ILE C 480 24.03 4.76 -16.33
CA ILE C 480 24.97 3.75 -16.86
C ILE C 480 26.41 3.85 -16.24
N SER C 481 26.56 4.67 -15.19
CA SER C 481 27.86 4.75 -14.57
C SER C 481 28.36 3.35 -14.22
N GLY C 482 29.56 3.04 -14.64
CA GLY C 482 30.18 1.80 -14.18
C GLY C 482 30.36 0.85 -15.38
N THR C 483 29.72 1.16 -16.51
CA THR C 483 29.71 0.29 -17.69
C THR C 483 30.85 0.51 -18.69
N MET C 484 31.50 1.68 -18.66
CA MET C 484 32.51 2.02 -19.63
C MET C 484 33.86 1.81 -19.00
N SER C 485 34.87 1.58 -19.83
CA SER C 485 36.21 1.57 -19.31
C SER C 485 36.53 2.95 -18.67
N GLU C 486 37.55 2.96 -17.82
CA GLU C 486 37.93 4.20 -17.16
C GLU C 486 38.34 5.25 -18.20
N ASP C 487 39.05 4.78 -19.26
CA ASP C 487 39.43 5.65 -20.41
C ASP C 487 38.26 6.24 -21.18
N THR C 488 37.28 5.39 -21.51
CA THR C 488 36.14 5.81 -22.31
C THR C 488 35.29 6.76 -21.42
N GLU C 489 35.16 6.40 -20.15
CA GLU C 489 34.37 7.20 -19.22
C GLU C 489 34.94 8.58 -19.04
N LYS C 490 36.25 8.70 -18.99
CA LYS C 490 36.86 9.97 -18.81
C LYS C 490 36.49 10.89 -19.96
N ARG C 491 36.69 10.44 -21.21
CA ARG C 491 36.32 11.22 -22.39
C ARG C 491 34.83 11.56 -22.37
N PHE C 492 33.99 10.55 -22.10
CA PHE C 492 32.52 10.75 -22.11
C PHE C 492 32.07 11.77 -21.03
N VAL C 493 32.46 11.58 -19.79
CA VAL C 493 32.07 12.48 -18.70
C VAL C 493 32.59 13.94 -18.87
N VAL C 494 33.79 14.08 -19.40
CA VAL C 494 34.30 15.45 -19.65
C VAL C 494 33.39 16.12 -20.65
N THR C 495 33.06 15.43 -21.72
CA THR C 495 32.20 16.01 -22.74
C THR C 495 30.81 16.39 -22.17
N VAL C 496 30.19 15.44 -21.48
CA VAL C 496 28.87 15.67 -20.89
C VAL C 496 28.89 16.86 -19.90
N ILE C 497 29.82 16.89 -18.97
CA ILE C 497 29.83 17.97 -18.01
C ILE C 497 30.10 19.37 -18.65
N LYS C 498 31.01 19.43 -19.61
CA LYS C 498 31.28 20.71 -20.26
C LYS C 498 30.01 21.12 -21.01
N ASP C 499 29.34 20.16 -21.60
CA ASP C 499 28.14 20.53 -22.31
C ASP C 499 27.00 20.99 -21.38
N LEU C 500 26.75 20.29 -20.27
CA LEU C 500 25.73 20.76 -19.32
C LEU C 500 26.07 22.14 -18.70
N LEU C 501 27.36 22.37 -18.41
CA LEU C 501 27.86 23.70 -17.99
C LEU C 501 27.60 24.78 -18.99
N ASP C 502 27.79 24.51 -20.26
CA ASP C 502 27.49 25.57 -21.19
C ASP C 502 25.98 25.81 -21.38
N LEU C 503 25.16 24.80 -21.04
CA LEU C 503 23.69 24.94 -21.08
C LEU C 503 23.21 25.87 -19.98
N THR C 504 23.78 25.77 -18.78
CA THR C 504 23.46 26.68 -17.71
C THR C 504 23.94 28.12 -18.04
N VAL C 505 24.37 28.36 -19.28
CA VAL C 505 24.84 29.69 -19.66
C VAL C 505 23.81 30.30 -20.60
N LYS C 506 23.53 29.61 -21.70
CA LYS C 506 22.25 29.82 -22.39
C LYS C 506 21.17 29.34 -21.38
N LYS C 507 19.89 29.48 -21.68
CA LYS C 507 18.84 29.01 -20.73
C LYS C 507 18.91 29.78 -19.39
N ARG C 508 18.46 31.02 -19.44
CA ARG C 508 18.29 31.84 -18.24
C ARG C 508 16.88 31.62 -17.62
N GLY C 509 16.66 32.15 -16.42
CA GLY C 509 15.34 32.15 -15.79
C GLY C 509 15.29 31.05 -14.76
N LYS C 510 14.54 31.29 -13.70
CA LYS C 510 14.54 30.42 -12.54
C LYS C 510 14.26 28.94 -12.92
N ASP C 511 13.28 28.71 -13.80
CA ASP C 511 12.87 27.39 -14.16
C ASP C 511 13.98 26.60 -14.89
N ASN C 512 14.52 27.20 -15.95
CA ASN C 512 15.56 26.56 -16.72
C ASN C 512 16.77 26.26 -15.87
N LYS C 513 17.10 27.19 -14.98
CA LYS C 513 18.32 27.08 -14.17
C LYS C 513 18.16 25.91 -13.14
N ALA C 514 16.96 25.73 -12.59
CA ALA C 514 16.70 24.62 -11.71
C ALA C 514 16.79 23.30 -12.46
N VAL C 515 16.22 23.22 -13.68
CA VAL C 515 16.25 21.96 -14.44
C VAL C 515 17.69 21.55 -14.73
N VAL C 516 18.47 22.47 -15.26
CA VAL C 516 19.81 22.09 -15.68
C VAL C 516 20.73 21.75 -14.48
N ALA C 517 20.60 22.50 -13.42
CA ALA C 517 21.33 22.25 -12.20
C ALA C 517 21.00 20.88 -11.63
N SER C 518 19.72 20.50 -11.62
CA SER C 518 19.35 19.15 -11.18
C SER C 518 20.06 18.10 -12.03
N ASP C 519 20.14 18.33 -13.36
CA ASP C 519 20.71 17.34 -14.21
C ASP C 519 22.22 17.29 -14.05
N ILE C 520 22.91 18.42 -13.97
CA ILE C 520 24.33 18.35 -13.67
C ILE C 520 24.62 17.66 -12.32
N MET C 521 23.86 17.99 -11.28
CA MET C 521 24.11 17.34 -10.00
C MET C 521 23.84 15.85 -10.08
N TYR C 522 22.75 15.44 -10.75
CA TYR C 522 22.49 14.02 -10.82
C TYR C 522 23.72 13.33 -11.52
N VAL C 523 24.20 13.91 -12.62
CA VAL C 523 25.25 13.21 -13.41
C VAL C 523 26.53 13.16 -12.60
N VAL C 524 26.88 14.29 -11.97
CA VAL C 524 28.14 14.36 -11.28
C VAL C 524 28.19 13.40 -10.05
N GLY C 525 27.08 13.29 -9.29
CA GLY C 525 26.98 12.37 -8.17
C GLY C 525 27.10 10.91 -8.59
N GLN C 526 26.81 10.60 -9.86
CA GLN C 526 26.81 9.20 -10.32
C GLN C 526 28.17 8.76 -10.80
N TYR C 527 29.14 9.68 -10.91
CA TYR C 527 30.48 9.30 -11.44
C TYR C 527 31.70 9.54 -10.49
N PRO C 528 31.68 9.01 -9.25
CA PRO C 528 32.81 9.18 -8.30
C PRO C 528 34.12 8.56 -8.80
N ARG C 529 34.06 7.47 -9.58
CA ARG C 529 35.33 6.97 -10.14
C ARG C 529 36.08 8.06 -10.92
N PHE C 530 35.37 8.77 -11.77
CA PHE C 530 35.97 9.85 -12.51
C PHE C 530 36.50 10.96 -11.58
N LEU C 531 35.66 11.38 -10.63
CA LEU C 531 36.02 12.49 -9.71
C LEU C 531 37.26 12.17 -8.92
N LYS C 532 37.39 10.93 -8.43
CA LYS C 532 38.48 10.52 -7.60
C LYS C 532 39.80 10.60 -8.40
N ALA C 533 39.76 10.34 -9.71
CA ALA C 533 41.00 10.36 -10.54
C ALA C 533 41.34 11.76 -11.01
N HIS C 534 40.39 12.73 -10.86
CA HIS C 534 40.56 14.10 -11.37
C HIS C 534 40.32 15.20 -10.35
N TRP C 535 41.36 15.46 -9.53
CA TRP C 535 41.16 16.35 -8.40
C TRP C 535 40.64 17.72 -8.87
N ASN C 536 41.19 18.24 -9.94
CA ASN C 536 40.76 19.59 -10.39
C ASN C 536 39.27 19.57 -10.74
N PHE C 537 38.79 18.47 -11.33
CA PHE C 537 37.35 18.32 -11.63
C PHE C 537 36.52 18.19 -10.32
N LEU C 538 36.94 17.33 -9.41
CA LEU C 538 36.25 17.16 -8.14
C LEU C 538 36.15 18.51 -7.43
N ARG C 539 37.29 19.20 -7.36
CA ARG C 539 37.29 20.52 -6.66
C ARG C 539 36.30 21.48 -7.30
N THR C 540 36.36 21.64 -8.62
CA THR C 540 35.40 22.45 -9.38
C THR C 540 33.96 22.00 -9.16
N VAL C 541 33.70 20.69 -9.19
CA VAL C 541 32.33 20.19 -8.90
C VAL C 541 31.86 20.63 -7.46
N ILE C 542 32.68 20.45 -6.41
CA ILE C 542 32.20 20.82 -5.06
C ILE C 542 31.91 22.33 -4.98
N LEU C 543 32.83 23.13 -5.53
CA LEU C 543 32.61 24.58 -5.61
C LEU C 543 31.33 24.95 -6.32
N LYS C 544 31.00 24.22 -7.40
CA LYS C 544 29.70 24.46 -8.05
C LYS C 544 28.48 24.08 -7.17
N LEU C 545 28.56 22.97 -6.45
CA LEU C 545 27.54 22.63 -5.42
C LEU C 545 27.44 23.79 -4.40
N PHE C 546 28.58 24.32 -3.95
CA PHE C 546 28.50 25.41 -2.94
C PHE C 546 27.79 26.64 -3.53
N GLU C 547 28.05 26.93 -4.82
CA GLU C 547 27.29 27.93 -5.56
C GLU C 547 25.80 27.63 -5.54
N PHE C 548 25.43 26.37 -5.86
CA PHE C 548 24.02 25.96 -5.91
C PHE C 548 23.35 26.11 -4.53
N MET C 549 24.13 25.99 -3.47
CA MET C 549 23.60 26.27 -2.14
C MET C 549 23.16 27.76 -1.87
N HIS C 550 23.58 28.69 -2.71
CA HIS C 550 23.12 30.11 -2.66
C HIS C 550 21.95 30.44 -3.58
N GLU C 551 21.56 29.45 -4.38
CA GLU C 551 20.45 29.59 -5.33
C GLU C 551 19.20 29.80 -4.50
N THR C 552 18.22 30.55 -5.01
CA THR C 552 17.03 30.77 -4.23
C THR C 552 15.99 29.64 -4.36
N HIS C 553 16.20 28.70 -5.29
CA HIS C 553 15.26 27.58 -5.43
C HIS C 553 15.57 26.53 -4.38
N GLU C 554 14.60 26.22 -3.51
CA GLU C 554 14.88 25.29 -2.34
C GLU C 554 15.19 23.84 -2.74
N GLY C 555 14.51 23.33 -3.78
CA GLY C 555 14.86 22.05 -4.44
C GLY C 555 16.30 22.02 -4.84
N VAL C 556 16.79 23.09 -5.49
CA VAL C 556 18.18 23.11 -5.97
C VAL C 556 19.15 23.08 -4.77
N GLN C 557 18.80 23.86 -3.73
CA GLN C 557 19.65 23.92 -2.54
C GLN C 557 19.61 22.57 -1.86
N ASP C 558 18.42 21.94 -1.81
CA ASP C 558 18.31 20.64 -1.18
C ASP C 558 19.16 19.60 -1.92
N MET C 559 19.05 19.63 -3.24
CA MET C 559 19.78 18.67 -4.06
C MET C 559 21.27 18.84 -3.97
N ALA C 560 21.69 20.10 -3.86
CA ALA C 560 23.13 20.39 -3.72
C ALA C 560 23.68 19.74 -2.45
N CYS C 561 22.94 19.84 -1.35
CA CYS C 561 23.43 19.19 -0.10
C CYS C 561 23.45 17.65 -0.20
N ASP C 562 22.40 17.08 -0.80
CA ASP C 562 22.39 15.63 -0.94
C ASP C 562 23.46 15.10 -1.90
N THR C 563 23.74 15.84 -2.97
CA THR C 563 24.80 15.43 -3.92
C THR C 563 26.16 15.53 -3.24
N PHE C 564 26.33 16.57 -2.41
CA PHE C 564 27.58 16.74 -1.60
C PHE C 564 27.79 15.47 -0.76
N ILE C 565 26.78 15.05 -0.01
CA ILE C 565 26.86 13.79 0.71
C ILE C 565 27.22 12.62 -0.17
N LYS C 566 26.47 12.51 -1.28
CA LYS C 566 26.63 11.37 -2.13
C LYS C 566 28.08 11.29 -2.73
N ILE C 567 28.63 12.45 -3.11
CA ILE C 567 30.04 12.51 -3.56
C ILE C 567 31.04 12.19 -2.46
N VAL C 568 30.88 12.78 -1.24
CA VAL C 568 31.86 12.55 -0.22
C VAL C 568 31.83 11.14 0.32
N GLN C 569 30.68 10.47 0.33
CA GLN C 569 30.65 9.04 0.71
C GLN C 569 31.63 8.21 -0.13
N LYS C 570 31.80 8.53 -1.39
CA LYS C 570 32.74 7.77 -2.22
C LYS C 570 34.13 8.42 -2.30
N CYS C 571 34.22 9.73 -2.13
CA CYS C 571 35.40 10.47 -2.57
C CYS C 571 36.14 11.05 -1.35
N LYS C 572 35.72 10.70 -0.14
CA LYS C 572 36.22 11.39 1.06
C LYS C 572 37.75 11.33 1.21
N TYR C 573 38.39 10.26 0.79
CA TYR C 573 39.89 10.22 0.82
C TYR C 573 40.50 11.47 0.21
N HIS C 574 39.97 11.93 -0.92
CA HIS C 574 40.55 13.11 -1.60
C HIS C 574 40.34 14.44 -0.94
N PHE C 575 39.52 14.46 0.09
CA PHE C 575 39.28 15.68 0.88
C PHE C 575 40.22 15.75 2.10
N VAL C 576 40.72 14.60 2.53
CA VAL C 576 41.49 14.52 3.77
C VAL C 576 43.01 14.63 3.50
N ILE C 577 43.49 14.15 2.35
CA ILE C 577 44.93 14.33 2.03
C ILE C 577 45.19 15.73 1.51
N GLN C 578 46.44 16.16 1.53
CA GLN C 578 46.79 17.40 0.89
C GLN C 578 47.18 17.00 -0.52
N GLN C 579 46.51 17.59 -1.51
CA GLN C 579 46.64 17.27 -2.94
C GLN C 579 47.85 18.05 -3.45
N PRO C 580 48.44 17.64 -4.60
CA PRO C 580 49.62 18.42 -5.10
C PRO C 580 49.13 19.81 -5.45
N ARG C 581 49.91 20.85 -5.14
CA ARG C 581 49.52 22.18 -5.62
C ARG C 581 48.44 22.82 -4.73
N GLU C 582 48.02 22.13 -3.66
CA GLU C 582 47.19 22.81 -2.65
C GLU C 582 47.99 22.99 -1.38
N SER C 583 47.61 24.00 -0.60
CA SER C 583 48.32 24.28 0.67
C SER C 583 47.79 23.54 1.89
N GLU C 584 46.60 22.92 1.77
CA GLU C 584 46.01 22.20 2.90
C GLU C 584 44.95 21.18 2.40
N PRO C 585 44.65 20.14 3.20
CA PRO C 585 43.49 19.29 2.87
C PRO C 585 42.24 20.12 2.68
N PHE C 586 41.47 19.80 1.63
CA PHE C 586 40.26 20.57 1.29
C PHE C 586 39.26 20.66 2.42
N ILE C 587 39.20 19.64 3.25
CA ILE C 587 38.29 19.62 4.39
C ILE C 587 38.57 20.78 5.37
N GLN C 588 39.84 21.15 5.48
CA GLN C 588 40.17 22.31 6.30
C GLN C 588 39.53 23.56 5.67
N THR C 589 39.61 23.65 4.35
CA THR C 589 39.11 24.86 3.64
C THR C 589 37.57 24.87 3.79
N ILE C 590 36.94 23.70 3.65
CA ILE C 590 35.47 23.60 3.81
C ILE C 590 35.03 24.01 5.21
N ILE C 591 35.70 23.47 6.20
CA ILE C 591 35.27 23.76 7.59
C ILE C 591 35.41 25.28 7.87
N ARG C 592 36.48 25.85 7.38
CA ARG C 592 36.78 27.27 7.66
C ARG C 592 35.65 28.21 7.10
N ASP C 593 35.02 27.81 6.00
CA ASP C 593 34.15 28.68 5.21
C ASP C 593 32.72 28.27 5.42
N ILE C 594 32.50 27.42 6.39
CA ILE C 594 31.18 26.81 6.57
C ILE C 594 30.07 27.87 6.78
N GLN C 595 30.40 28.96 7.50
CA GLN C 595 29.39 29.96 7.81
C GLN C 595 28.96 30.68 6.52
N LYS C 596 29.95 31.01 5.70
CA LYS C 596 29.71 31.63 4.42
C LYS C 596 28.98 30.65 3.46
N THR C 597 29.43 29.42 3.40
CA THR C 597 28.90 28.49 2.41
C THR C 597 27.42 28.19 2.71
N THR C 598 27.07 28.06 3.98
CA THR C 598 25.76 27.66 4.40
C THR C 598 24.74 28.78 4.73
N ALA C 599 25.11 30.06 4.55
CA ALA C 599 24.32 31.21 5.06
C ALA C 599 22.91 31.30 4.47
N ASP C 600 22.75 30.71 3.28
CA ASP C 600 21.46 30.79 2.61
C ASP C 600 20.64 29.51 2.76
N LEU C 601 21.17 28.52 3.45
CA LEU C 601 20.46 27.27 3.66
C LEU C 601 19.47 27.34 4.86
N GLN C 602 18.35 26.63 4.78
CA GLN C 602 17.48 26.37 5.94
C GLN C 602 18.26 25.42 6.89
N PRO C 603 17.95 25.50 8.20
CA PRO C 603 18.55 24.63 9.24
C PRO C 603 18.67 23.14 8.87
N GLN C 604 17.61 22.50 8.39
CA GLN C 604 17.75 21.11 7.95
C GLN C 604 18.88 20.85 6.90
N GLN C 605 19.02 21.71 5.89
CA GLN C 605 20.09 21.60 4.92
C GLN C 605 21.46 21.93 5.56
N VAL C 606 21.51 22.89 6.48
CA VAL C 606 22.75 23.04 7.18
C VAL C 606 23.15 21.79 7.90
N HIS C 607 22.20 21.08 8.54
CA HIS C 607 22.59 19.89 9.27
C HIS C 607 23.11 18.79 8.32
N THR C 608 22.50 18.74 7.13
CA THR C 608 23.02 17.86 6.10
C THR C 608 24.47 18.22 5.72
N PHE C 609 24.76 19.51 5.50
CA PHE C 609 26.10 19.92 5.23
C PHE C 609 27.09 19.46 6.33
N TYR C 610 26.74 19.66 7.60
CA TYR C 610 27.59 19.11 8.68
C TYR C 610 27.73 17.62 8.62
N LYS C 611 26.64 16.91 8.32
CA LYS C 611 26.73 15.45 8.19
C LYS C 611 27.75 15.08 7.10
N ALA C 612 27.74 15.76 5.97
CA ALA C 612 28.76 15.50 4.92
C ALA C 612 30.18 15.74 5.43
N CYS C 613 30.39 16.85 6.14
CA CYS C 613 31.72 17.05 6.75
C CYS C 613 32.09 15.94 7.70
N GLY C 614 31.09 15.45 8.47
CA GLY C 614 31.38 14.31 9.37
C GLY C 614 31.83 13.05 8.59
N ILE C 615 31.24 12.77 7.43
CA ILE C 615 31.67 11.63 6.61
C ILE C 615 33.13 11.83 6.21
N ILE C 616 33.45 13.02 5.73
CA ILE C 616 34.86 13.31 5.40
C ILE C 616 35.82 13.07 6.58
N ILE C 617 35.51 13.66 7.74
CA ILE C 617 36.40 13.59 8.87
C ILE C 617 36.64 12.13 9.32
N SER C 618 35.63 11.28 9.19
CA SER C 618 35.82 9.94 9.71
C SER C 618 36.71 9.08 8.80
N GLU C 619 37.08 9.60 7.63
CA GLU C 619 38.10 8.97 6.76
C GLU C 619 39.47 9.08 7.41
N GLU C 620 39.71 10.14 8.21
CA GLU C 620 41.02 10.36 8.82
C GLU C 620 41.23 9.35 9.97
N ARG C 621 42.18 8.41 9.86
CA ARG C 621 42.25 7.42 10.94
C ARG C 621 43.23 7.69 12.06
N SER C 622 44.13 8.66 11.97
CA SER C 622 44.81 8.97 13.24
C SER C 622 43.93 9.80 14.15
N VAL C 623 43.82 9.28 15.36
CA VAL C 623 42.95 9.78 16.36
C VAL C 623 43.15 11.30 16.64
N ALA C 624 44.39 11.75 16.82
CA ALA C 624 44.63 13.18 17.13
C ALA C 624 44.16 14.11 16.02
N GLU C 625 44.42 13.73 14.77
CA GLU C 625 44.07 14.56 13.62
C GLU C 625 42.54 14.59 13.45
N ARG C 626 41.92 13.42 13.56
CA ARG C 626 40.49 13.30 13.42
C ARG C 626 39.78 14.10 14.49
N ASN C 627 40.21 13.91 15.73
CA ASN C 627 39.69 14.65 16.87
C ASN C 627 39.77 16.18 16.70
N ARG C 628 40.88 16.71 16.15
CA ARG C 628 41.02 18.15 15.91
C ARG C 628 40.07 18.66 14.84
N LEU C 629 39.97 17.89 13.76
CA LEU C 629 38.98 18.16 12.72
C LEU C 629 37.54 18.22 13.27
N LEU C 630 37.21 17.29 14.14
CA LEU C 630 35.88 17.25 14.75
C LEU C 630 35.66 18.50 15.60
N SER C 631 36.68 18.84 16.36
CA SER C 631 36.67 20.07 17.15
C SER C 631 36.48 21.33 16.31
N ASP C 632 37.21 21.40 15.18
CA ASP C 632 37.10 22.56 14.29
C ASP C 632 35.65 22.61 13.62
N LEU C 633 35.13 21.46 13.16
CA LEU C 633 33.76 21.36 12.58
C LEU C 633 32.72 21.86 13.60
N MET C 634 32.86 21.43 14.87
CA MET C 634 31.84 21.73 15.91
C MET C 634 31.99 23.13 16.53
N GLN C 635 32.92 23.95 16.01
CA GLN C 635 33.22 25.27 16.61
C GLN C 635 31.95 26.15 16.68
N LEU C 636 31.21 26.31 15.58
CA LEU C 636 30.04 27.19 15.63
C LEU C 636 28.98 26.67 16.61
N PRO C 637 28.59 25.38 16.49
CA PRO C 637 27.59 24.95 17.42
C PRO C 637 28.06 24.92 18.86
N ASN C 638 29.36 24.69 19.12
CA ASN C 638 29.82 24.62 20.48
C ASN C 638 29.85 26.02 21.07
N MET C 639 30.18 27.02 20.28
CA MET C 639 30.17 28.40 20.82
C MET C 639 28.73 28.84 21.13
N ALA C 640 27.80 28.55 20.21
CA ALA C 640 26.39 28.83 20.45
C ALA C 640 25.89 28.11 21.72
N TRP C 641 26.31 26.87 21.89
CA TRP C 641 25.98 26.04 23.07
C TRP C 641 26.48 26.62 24.40
N ASP C 642 27.75 26.97 24.41
CA ASP C 642 28.32 27.51 25.62
C ASP C 642 27.50 28.73 26.06
N THR C 643 27.14 29.60 25.14
CA THR C 643 26.46 30.80 25.55
C THR C 643 24.99 30.52 25.97
N ILE C 644 24.33 29.67 25.20
CA ILE C 644 22.96 29.21 25.48
C ILE C 644 22.94 28.49 26.83
N VAL C 645 23.97 27.71 27.16
CA VAL C 645 24.01 27.10 28.49
C VAL C 645 24.21 28.14 29.63
N GLU C 646 25.23 28.98 29.52
CA GLU C 646 25.43 30.06 30.49
C GLU C 646 24.10 30.81 30.69
N GLN C 647 23.60 31.41 29.60
CA GLN C 647 22.35 32.20 29.61
C GLN C 647 21.08 31.54 30.17
N SER C 648 20.69 30.39 29.61
CA SER C 648 19.49 29.70 30.09
C SER C 648 19.70 29.00 31.46
N THR C 649 20.95 28.72 31.84
CA THR C 649 21.32 28.37 33.26
C THR C 649 21.04 29.51 34.25
N ALA C 650 21.22 30.75 33.79
CA ALA C 650 21.04 31.93 34.64
C ALA C 650 19.62 32.48 34.52
N ASN C 651 18.90 32.05 33.49
CA ASN C 651 17.51 32.47 33.32
C ASN C 651 16.60 31.38 32.73
N PRO C 652 16.16 30.41 33.57
CA PRO C 652 15.32 29.32 33.10
C PRO C 652 14.12 29.74 32.20
N THR C 653 13.64 30.99 32.34
CA THR C 653 12.47 31.46 31.58
C THR C 653 12.76 31.77 30.10
N LEU C 654 14.06 31.86 29.75
CA LEU C 654 14.52 31.80 28.34
C LEU C 654 13.96 30.58 27.58
N LEU C 655 13.94 29.43 28.23
CA LEU C 655 13.42 28.23 27.59
C LEU C 655 11.99 28.43 27.07
N LEU C 656 11.32 29.50 27.51
CA LEU C 656 10.02 29.86 26.96
C LEU C 656 10.14 30.82 25.77
N ASP C 657 11.36 31.33 25.57
CA ASP C 657 11.68 32.23 24.49
C ASP C 657 11.78 31.39 23.23
N SER C 658 10.77 31.50 22.40
CA SER C 658 10.69 30.87 21.12
C SER C 658 12.04 30.75 20.40
N GLU C 659 12.77 31.88 20.42
CA GLU C 659 14.05 31.99 19.72
C GLU C 659 15.10 31.10 20.32
N THR C 660 15.13 31.12 21.64
CA THR C 660 16.13 30.34 22.34
C THR C 660 15.92 28.86 22.15
N VAL C 661 14.67 28.44 22.19
CA VAL C 661 14.31 27.06 21.99
C VAL C 661 14.70 26.65 20.57
N LYS C 662 14.53 27.54 19.57
CA LYS C 662 14.92 27.18 18.20
C LYS C 662 16.44 27.06 18.05
N ILE C 663 17.20 27.96 18.68
CA ILE C 663 18.68 27.87 18.69
C ILE C 663 19.17 26.54 19.32
N ILE C 664 18.59 26.18 20.46
CA ILE C 664 18.97 24.94 21.16
C ILE C 664 18.70 23.72 20.31
N ALA C 665 17.47 23.65 19.77
CA ALA C 665 17.10 22.48 18.96
C ALA C 665 18.07 22.34 17.76
N ASN C 666 18.39 23.45 17.07
CA ASN C 666 19.35 23.42 15.99
C ASN C 666 20.75 22.99 16.31
N ILE C 667 21.27 23.39 17.47
CA ILE C 667 22.56 22.90 17.95
C ILE C 667 22.51 21.38 18.19
N ILE C 668 21.46 20.89 18.85
CA ILE C 668 21.40 19.45 19.07
C ILE C 668 21.22 18.68 17.76
N LYS C 669 20.37 19.16 16.87
CA LYS C 669 20.20 18.48 15.57
C LYS C 669 21.49 18.45 14.79
N THR C 670 22.30 19.51 14.94
CA THR C 670 23.61 19.53 14.29
C THR C 670 24.51 18.44 14.83
N ASN C 671 24.55 18.30 16.16
CA ASN C 671 25.26 17.19 16.77
C ASN C 671 24.68 15.78 16.29
N VAL C 672 23.35 15.62 16.20
CA VAL C 672 22.81 14.35 15.69
C VAL C 672 23.34 14.07 14.29
N ALA C 673 23.35 15.09 13.44
CA ALA C 673 23.78 14.89 12.07
C ALA C 673 25.22 14.40 11.97
N VAL C 674 26.11 15.03 12.72
CA VAL C 674 27.55 14.67 12.67
C VAL C 674 27.77 13.33 13.35
N CYS C 675 27.02 13.09 14.41
CA CYS C 675 27.12 11.81 15.10
C CYS C 675 26.63 10.70 14.17
N THR C 676 25.62 10.99 13.37
CA THR C 676 25.14 9.92 12.46
C THR C 676 26.19 9.50 11.41
N SER C 677 26.99 10.43 10.92
CA SER C 677 28.03 9.99 10.01
C SER C 677 29.32 9.54 10.71
N MET C 678 29.59 10.04 11.92
CA MET C 678 30.83 9.70 12.56
C MET C 678 30.73 8.53 13.49
N GLY C 679 29.55 8.30 14.06
CA GLY C 679 29.40 7.05 14.77
C GLY C 679 30.33 7.03 15.98
N ALA C 680 31.06 5.91 16.17
CA ALA C 680 31.95 5.74 17.30
C ALA C 680 32.96 6.87 17.43
N ASP C 681 33.36 7.44 16.29
CA ASP C 681 34.35 8.53 16.31
C ASP C 681 33.82 9.84 16.92
N PHE C 682 32.51 9.94 17.10
CA PHE C 682 31.90 11.13 17.70
C PHE C 682 32.12 11.30 19.20
N TYR C 683 32.45 10.20 19.88
CA TYR C 683 32.64 10.26 21.31
C TYR C 683 33.19 11.56 21.95
N PRO C 684 34.31 12.11 21.48
CA PRO C 684 34.91 13.31 22.09
C PRO C 684 33.99 14.55 22.05
N GLN C 685 33.14 14.67 21.04
CA GLN C 685 32.19 15.79 20.96
C GLN C 685 31.02 15.49 21.93
N LEU C 686 30.55 14.24 21.96
CA LEU C 686 29.47 13.89 22.89
C LEU C 686 29.94 14.19 24.33
N GLY C 687 31.17 13.77 24.65
CA GLY C 687 31.83 14.02 25.95
C GLY C 687 31.91 15.49 26.26
N HIS C 688 32.12 16.29 25.25
CA HIS C 688 32.21 17.74 25.46
C HIS C 688 30.89 18.37 25.98
N ILE C 689 29.75 17.94 25.44
CA ILE C 689 28.52 18.54 25.80
C ILE C 689 27.73 17.71 26.82
N TYR C 690 28.14 16.46 27.13
CA TYR C 690 27.17 15.51 27.73
C TYR C 690 26.52 15.92 29.06
N TYR C 691 27.32 16.45 29.98
CA TYR C 691 26.86 16.85 31.33
C TYR C 691 25.86 18.00 31.23
N ASN C 692 26.22 19.05 30.48
CA ASN C 692 25.30 20.17 30.34
C ASN C 692 24.06 19.79 29.54
N MET C 693 24.24 18.95 28.51
CA MET C 693 23.07 18.42 27.82
C MET C 693 22.01 17.74 28.75
N LEU C 694 22.43 16.80 29.62
CA LEU C 694 21.47 16.11 30.47
C LEU C 694 20.93 17.12 31.54
N GLN C 695 21.71 18.12 31.92
CA GLN C 695 21.13 19.17 32.81
C GLN C 695 20.02 19.96 32.08
N LEU C 696 20.28 20.28 30.82
CA LEU C 696 19.29 20.88 29.95
C LEU C 696 18.05 19.97 29.82
N TYR C 697 18.25 18.68 29.55
CA TYR C 697 17.11 17.77 29.53
C TYR C 697 16.23 17.94 30.79
N ARG C 698 16.84 17.90 31.96
CA ARG C 698 16.12 18.14 33.23
C ARG C 698 15.44 19.55 33.34
N ALA C 699 16.09 20.63 32.91
CA ALA C 699 15.46 21.97 32.99
C ALA C 699 14.26 22.04 32.02
N VAL C 700 14.39 21.41 30.84
CA VAL C 700 13.32 21.45 29.86
C VAL C 700 12.13 20.64 30.37
N SER C 701 12.43 19.52 31.00
CA SER C 701 11.43 18.64 31.53
C SER C 701 10.52 19.35 32.58
N SER C 702 11.17 20.09 33.45
CA SER C 702 10.46 20.80 34.54
C SER C 702 9.61 21.97 33.93
N MET C 703 10.13 22.67 32.90
CA MET C 703 9.28 23.57 32.08
C MET C 703 8.04 22.93 31.48
N ILE C 704 8.20 21.82 30.80
CA ILE C 704 7.03 21.11 30.23
C ILE C 704 5.96 20.75 31.31
N SER C 705 6.43 20.13 32.39
CA SER C 705 5.60 19.68 33.53
C SER C 705 4.80 20.85 34.11
N ALA C 706 5.51 21.97 34.30
CA ALA C 706 4.97 23.21 34.76
C ALA C 706 3.91 23.72 33.81
N GLN C 707 4.25 23.87 32.52
CA GLN C 707 3.30 24.44 31.52
C GLN C 707 2.04 23.65 31.44
N VAL C 708 2.16 22.33 31.53
CA VAL C 708 1.01 21.46 31.45
C VAL C 708 0.15 21.70 32.70
N ALA C 709 0.81 21.85 33.84
CA ALA C 709 0.04 22.06 35.07
C ALA C 709 -0.64 23.44 34.97
N ALA C 710 0.06 24.44 34.40
CA ALA C 710 -0.51 25.83 34.37
C ALA C 710 -1.55 26.05 33.20
N GLU C 711 -1.46 25.27 32.14
CA GLU C 711 -2.31 25.54 30.99
C GLU C 711 -3.17 24.35 30.55
N GLY C 712 -2.89 23.16 31.08
CA GLY C 712 -3.72 22.02 30.79
C GLY C 712 -3.02 21.14 29.79
N LEU C 713 -3.56 19.95 29.62
CA LEU C 713 -3.04 19.03 28.65
C LEU C 713 -3.03 19.65 27.23
N ILE C 714 -3.90 20.61 26.95
CA ILE C 714 -3.75 21.29 25.63
C ILE C 714 -2.42 22.03 25.36
N ALA C 715 -1.75 22.55 26.39
CA ALA C 715 -0.40 23.03 26.27
C ALA C 715 0.51 22.07 25.48
N THR C 716 0.26 20.76 25.49
CA THR C 716 1.19 19.89 24.76
C THR C 716 1.00 20.12 23.21
N LYS C 717 -0.13 20.71 22.82
CA LYS C 717 -0.29 21.04 21.42
C LYS C 717 0.11 22.47 21.02
N THR C 718 0.78 23.22 21.90
CA THR C 718 1.16 24.64 21.62
C THR C 718 2.57 24.74 21.09
N PRO C 719 2.91 25.82 20.34
CA PRO C 719 4.24 25.87 19.75
C PRO C 719 5.35 25.89 20.79
N LYS C 720 5.11 26.53 21.93
CA LYS C 720 6.08 26.57 23.02
C LYS C 720 6.48 25.19 23.52
N VAL C 721 5.48 24.39 23.90
CA VAL C 721 5.76 23.09 24.52
C VAL C 721 6.27 22.05 23.47
N ARG C 722 5.75 22.13 22.25
CA ARG C 722 6.24 21.29 21.19
C ARG C 722 7.75 21.63 20.92
N GLY C 723 8.14 22.92 21.00
CA GLY C 723 9.55 23.30 20.88
C GLY C 723 10.41 22.72 22.00
N LEU C 724 9.88 22.76 23.22
CA LEU C 724 10.53 22.12 24.33
C LEU C 724 10.65 20.63 24.17
N ARG C 725 9.56 19.98 23.77
CA ARG C 725 9.64 18.54 23.66
C ARG C 725 10.60 18.14 22.48
N THR C 726 10.74 18.99 21.45
CA THR C 726 11.68 18.72 20.32
C THR C 726 13.13 18.67 20.88
N ILE C 727 13.47 19.59 21.78
CA ILE C 727 14.73 19.52 22.47
C ILE C 727 15.00 18.18 23.19
N LYS C 728 14.06 17.70 24.00
CA LYS C 728 14.22 16.41 24.64
C LYS C 728 14.33 15.26 23.65
N LYS C 729 13.49 15.29 22.61
CA LYS C 729 13.52 14.25 21.62
C LYS C 729 14.87 14.18 20.91
N GLU C 730 15.47 15.35 20.61
CA GLU C 730 16.74 15.38 19.88
C GLU C 730 17.90 14.94 20.78
N ILE C 731 17.82 15.29 22.06
CA ILE C 731 18.78 14.76 23.02
C ILE C 731 18.75 13.23 23.10
N LEU C 732 17.55 12.64 23.22
CA LEU C 732 17.41 11.20 23.23
C LEU C 732 17.91 10.58 21.88
N LYS C 733 17.63 11.23 20.78
CA LYS C 733 18.06 10.73 19.46
C LYS C 733 19.60 10.83 19.38
N LEU C 734 20.19 11.87 19.93
CA LEU C 734 21.62 11.95 19.90
C LEU C 734 22.28 10.77 20.65
N VAL C 735 21.84 10.54 21.90
CA VAL C 735 22.37 9.46 22.71
C VAL C 735 22.16 8.10 22.09
N GLU C 736 20.99 7.91 21.53
CA GLU C 736 20.63 6.66 20.89
C GLU C 736 21.51 6.45 19.66
N THR C 737 21.71 7.52 18.90
CA THR C 737 22.49 7.28 17.69
C THR C 737 23.93 6.96 18.02
N TYR C 738 24.46 7.62 19.03
CA TYR C 738 25.81 7.31 19.46
C TYR C 738 25.93 5.85 20.01
N ILE C 739 25.08 5.47 20.94
CA ILE C 739 25.15 4.12 21.56
C ILE C 739 24.95 3.05 20.50
N SER C 740 24.05 3.33 19.59
CA SER C 740 23.79 2.51 18.47
C SER C 740 25.07 2.14 17.68
N LYS C 741 26.04 3.04 17.69
CA LYS C 741 27.20 2.87 16.86
C LYS C 741 28.47 2.70 17.66
N ALA C 742 28.39 2.80 18.99
CA ALA C 742 29.61 2.86 19.81
C ALA C 742 30.45 1.58 19.60
N ARG C 743 31.77 1.71 19.64
CA ARG C 743 32.64 0.53 19.68
C ARG C 743 33.11 0.32 21.10
N ASN C 744 33.37 1.38 21.86
CA ASN C 744 33.83 1.20 23.23
C ASN C 744 32.62 1.10 24.18
N LEU C 745 32.14 -0.13 24.38
CA LEU C 745 30.99 -0.34 25.20
C LEU C 745 31.26 -0.09 26.68
N ASP C 746 32.53 -0.13 27.09
CA ASP C 746 32.87 0.12 28.49
C ASP C 746 32.64 1.56 28.92
N ASP C 747 33.05 2.51 28.08
CA ASP C 747 32.73 3.91 28.33
C ASP C 747 31.21 4.19 28.26
N VAL C 748 30.48 3.53 27.35
CA VAL C 748 29.01 3.67 27.34
C VAL C 748 28.46 3.30 28.73
N VAL C 749 28.89 2.16 29.27
CA VAL C 749 28.37 1.68 30.57
C VAL C 749 28.85 2.61 31.69
N LYS C 750 30.14 2.92 31.71
CA LYS C 750 30.72 3.57 32.89
C LYS C 750 30.53 5.09 32.86
N VAL C 751 30.37 5.68 31.66
CA VAL C 751 30.25 7.13 31.54
C VAL C 751 28.84 7.67 31.11
N LEU C 752 28.22 7.02 30.14
CA LEU C 752 26.98 7.54 29.58
C LEU C 752 25.71 7.08 30.31
N VAL C 753 25.65 5.78 30.64
CA VAL C 753 24.36 5.11 30.93
C VAL C 753 23.75 5.59 32.26
N GLU C 754 24.57 5.72 33.29
CA GLU C 754 24.04 6.04 34.60
C GLU C 754 23.53 7.51 34.68
N PRO C 755 24.29 8.47 34.11
CA PRO C 755 23.62 9.77 34.10
C PRO C 755 22.36 9.81 33.19
N LEU C 756 22.37 9.06 32.10
CA LEU C 756 21.23 9.00 31.18
C LEU C 756 19.97 8.45 31.91
N LEU C 757 20.09 7.29 32.52
CA LEU C 757 18.98 6.67 33.28
C LEU C 757 18.37 7.61 34.34
N ASN C 758 19.26 8.28 35.05
CA ASN C 758 18.84 9.16 36.08
C ASN C 758 18.19 10.44 35.57
N ALA C 759 18.61 10.94 34.41
CA ALA C 759 17.90 12.08 33.81
C ALA C 759 16.54 11.70 33.21
N VAL C 760 16.41 10.49 32.67
CA VAL C 760 15.26 10.18 31.80
C VAL C 760 14.13 9.39 32.48
N LEU C 761 14.44 8.46 33.35
CA LEU C 761 13.46 7.44 33.73
C LEU C 761 12.42 8.00 34.68
N GLU C 762 12.88 8.70 35.73
CA GLU C 762 11.98 9.19 36.77
C GLU C 762 11.14 10.27 36.12
N ASP C 763 11.78 11.09 35.28
CA ASP C 763 11.01 12.08 34.56
C ASP C 763 9.84 11.46 33.70
N TYR C 764 10.12 10.39 32.99
CA TYR C 764 9.09 9.69 32.20
C TYR C 764 7.98 9.19 33.15
N MET C 765 8.36 8.43 34.17
CA MET C 765 7.38 7.82 35.05
C MET C 765 6.50 8.91 35.74
N ASN C 766 7.11 10.05 36.05
CA ASN C 766 6.40 11.06 36.84
C ASN C 766 5.68 12.17 36.07
N ASN C 767 5.65 12.12 34.76
CA ASN C 767 4.88 13.04 33.93
C ASN C 767 3.51 12.44 33.71
N VAL C 768 2.48 13.24 33.49
CA VAL C 768 1.17 12.70 33.05
C VAL C 768 1.30 12.00 31.68
N PRO C 769 0.41 11.03 31.37
CA PRO C 769 0.54 10.25 30.09
C PRO C 769 0.76 11.10 28.84
N ASP C 770 0.05 12.23 28.72
CA ASP C 770 0.18 13.05 27.48
C ASP C 770 1.48 13.79 27.29
N ALA C 771 2.24 13.89 28.36
CA ALA C 771 3.52 14.50 28.28
C ALA C 771 4.69 13.46 28.26
N ARG C 772 4.42 12.17 28.26
CA ARG C 772 5.54 11.19 28.19
C ARG C 772 5.93 11.00 26.70
N ASP C 773 7.24 11.04 26.43
CA ASP C 773 7.79 10.84 25.07
C ASP C 773 8.07 9.37 24.85
N ALA C 774 7.44 8.81 23.80
CA ALA C 774 7.68 7.45 23.37
C ALA C 774 9.13 7.23 22.99
N GLU C 775 9.78 8.29 22.53
CA GLU C 775 11.23 8.25 22.23
C GLU C 775 12.07 7.83 23.40
N VAL C 776 11.60 8.07 24.66
CA VAL C 776 12.30 7.50 25.81
C VAL C 776 12.37 5.98 25.71
N LEU C 777 11.30 5.34 25.29
CA LEU C 777 11.34 3.86 25.26
C LEU C 777 12.22 3.39 24.14
N ASN C 778 12.15 4.11 23.02
CA ASN C 778 13.06 3.87 21.88
C ASN C 778 14.54 3.97 22.26
N CYS C 779 14.94 5.03 22.98
CA CYS C 779 16.30 5.14 23.47
C CYS C 779 16.66 4.00 24.39
N MET C 780 15.73 3.63 25.29
CA MET C 780 16.03 2.51 26.19
C MET C 780 16.21 1.22 25.49
N THR C 781 15.44 1.00 24.42
CA THR C 781 15.62 -0.24 23.68
C THR C 781 17.00 -0.42 23.01
N THR C 782 17.52 0.65 22.41
CA THR C 782 18.91 0.74 21.98
C THR C 782 19.90 0.47 23.07
N VAL C 783 19.73 1.11 24.22
CA VAL C 783 20.59 0.88 25.38
C VAL C 783 20.58 -0.60 25.75
N VAL C 784 19.40 -1.20 25.85
CA VAL C 784 19.32 -2.58 26.32
C VAL C 784 19.90 -3.50 25.21
N GLU C 785 19.58 -3.20 23.97
CA GLU C 785 20.12 -3.99 22.85
C GLU C 785 21.68 -4.01 22.76
N LYS C 786 22.32 -2.90 23.09
CA LYS C 786 23.73 -2.75 22.81
C LYS C 786 24.52 -3.21 23.99
N VAL C 787 24.02 -2.85 25.17
CA VAL C 787 24.74 -2.89 26.42
C VAL C 787 23.92 -3.56 27.57
N GLY C 788 22.75 -4.09 27.23
CA GLY C 788 21.89 -4.70 28.23
C GLY C 788 22.58 -5.85 28.96
N HIS C 789 23.27 -6.70 28.20
CA HIS C 789 24.04 -7.79 28.79
C HIS C 789 25.02 -7.31 29.89
N MET C 790 25.39 -6.04 29.88
CA MET C 790 26.35 -5.53 30.86
C MET C 790 25.81 -4.74 32.05
N ILE C 791 24.51 -4.42 32.02
CA ILE C 791 23.89 -3.56 33.06
C ILE C 791 22.60 -4.21 33.58
N PRO C 792 22.69 -5.47 34.07
CA PRO C 792 21.45 -6.13 34.54
C PRO C 792 20.63 -5.28 35.52
N GLN C 793 21.28 -4.49 36.37
CA GLN C 793 20.54 -3.68 37.32
C GLN C 793 19.91 -2.45 36.69
N GLY C 794 20.58 -1.92 35.67
CA GLY C 794 20.05 -0.82 34.93
C GLY C 794 18.82 -1.29 34.23
N VAL C 795 18.85 -2.52 33.75
CA VAL C 795 17.67 -3.06 33.03
C VAL C 795 16.42 -3.09 33.94
N ILE C 796 16.64 -3.57 35.17
CA ILE C 796 15.67 -3.53 36.23
C ILE C 796 15.14 -2.12 36.52
N LEU C 797 16.00 -1.11 36.62
CA LEU C 797 15.50 0.27 36.70
C LEU C 797 14.60 0.67 35.53
N ILE C 798 14.99 0.28 34.32
CA ILE C 798 14.23 0.67 33.19
C ILE C 798 12.83 0.13 33.29
N LEU C 799 12.75 -1.17 33.53
CA LEU C 799 11.50 -1.86 33.72
C LEU C 799 10.65 -1.25 34.85
N GLN C 800 11.25 -0.93 36.01
CA GLN C 800 10.48 -0.37 37.07
C GLN C 800 9.91 0.97 36.67
N SER C 801 10.66 1.71 35.88
CA SER C 801 10.22 3.07 35.66
C SER C 801 9.23 3.23 34.51
N VAL C 802 9.25 2.32 33.51
CA VAL C 802 8.35 2.47 32.36
C VAL C 802 7.28 1.40 32.25
N PHE C 803 7.49 0.25 32.86
CA PHE C 803 6.62 -0.85 32.54
C PHE C 803 5.14 -0.66 32.92
N GLU C 804 4.83 -0.52 34.21
CA GLU C 804 3.44 -0.42 34.63
C GLU C 804 2.71 0.80 34.15
N CYS C 805 3.40 1.94 34.15
CA CYS C 805 2.76 3.17 33.73
C CYS C 805 2.61 3.19 32.20
N THR C 806 3.51 2.57 31.43
CA THR C 806 3.17 2.51 29.97
C THR C 806 1.99 1.57 29.72
N LEU C 807 1.99 0.41 30.37
CA LEU C 807 0.98 -0.61 30.16
C LEU C 807 -0.39 0.00 30.40
N ASP C 808 -0.45 0.78 31.50
CA ASP C 808 -1.67 1.50 31.82
C ASP C 808 -2.14 2.50 30.76
N MET C 809 -1.23 3.08 29.95
CA MET C 809 -1.67 4.01 28.94
C MET C 809 -2.28 3.23 27.76
N ILE C 810 -1.80 2.01 27.52
CA ILE C 810 -2.18 1.34 26.24
C ILE C 810 -3.15 0.14 26.42
N ASN C 811 -3.63 -0.09 27.62
CA ASN C 811 -4.44 -1.29 27.85
C ASN C 811 -5.95 -1.05 28.02
N LYS C 812 -6.43 0.15 27.66
CA LYS C 812 -7.86 0.47 27.64
C LYS C 812 -8.49 0.20 26.27
N ASP C 813 -7.72 0.38 25.23
CA ASP C 813 -8.25 0.22 23.91
C ASP C 813 -7.06 -0.11 22.97
N PHE C 814 -7.31 -0.23 21.67
CA PHE C 814 -6.23 -0.60 20.77
C PHE C 814 -5.65 0.58 20.04
N THR C 815 -6.23 1.76 20.25
CA THR C 815 -5.95 2.95 19.42
C THR C 815 -5.07 4.04 20.05
N GLU C 816 -5.31 4.37 21.33
CA GLU C 816 -4.65 5.48 21.96
C GLU C 816 -3.09 5.27 22.12
N TYR C 817 -2.32 6.36 22.02
CA TYR C 817 -0.87 6.35 22.17
C TYR C 817 -0.19 5.33 21.24
N PRO C 818 -0.34 5.49 19.91
CA PRO C 818 0.11 4.40 19.01
C PRO C 818 1.64 4.26 19.02
N GLU C 819 2.36 5.34 19.16
CA GLU C 819 3.81 5.18 19.23
C GLU C 819 4.32 4.47 20.50
N HIS C 820 3.70 4.76 21.65
CA HIS C 820 4.17 4.18 22.91
C HIS C 820 3.91 2.67 22.84
N ARG C 821 2.83 2.29 22.18
CA ARG C 821 2.37 0.92 22.16
C ARG C 821 3.42 0.18 21.35
N VAL C 822 3.83 0.77 20.23
CA VAL C 822 4.86 0.15 19.38
C VAL C 822 6.22 0.06 20.08
N GLU C 823 6.69 1.17 20.64
CA GLU C 823 7.99 1.13 21.37
C GLU C 823 7.99 0.26 22.60
N PHE C 824 6.85 0.19 23.30
CA PHE C 824 6.73 -0.60 24.50
C PHE C 824 7.03 -2.08 24.22
N TYR C 825 6.42 -2.62 23.18
CA TYR C 825 6.60 -4.00 22.88
C TYR C 825 7.99 -4.30 22.27
N LYS C 826 8.55 -3.35 21.51
CA LYS C 826 9.96 -3.45 21.13
C LYS C 826 10.87 -3.53 22.32
N LEU C 827 10.70 -2.64 23.29
CA LEU C 827 11.52 -2.70 24.48
C LEU C 827 11.33 -4.00 25.31
N LEU C 828 10.06 -4.39 25.55
CA LEU C 828 9.80 -5.68 26.24
C LEU C 828 10.47 -6.83 25.48
N LYS C 829 10.38 -6.77 24.17
CA LYS C 829 11.03 -7.83 23.41
C LYS C 829 12.52 -7.93 23.65
N VAL C 830 13.21 -6.81 23.57
CA VAL C 830 14.70 -6.83 23.71
C VAL C 830 15.12 -7.18 25.13
N ILE C 831 14.36 -6.72 26.11
CA ILE C 831 14.63 -7.15 27.50
C ILE C 831 14.41 -8.66 27.65
N ASN C 832 13.31 -9.18 27.12
CA ASN C 832 13.11 -10.61 27.21
C ASN C 832 14.20 -11.45 26.46
N GLU C 833 14.77 -10.92 25.37
CA GLU C 833 15.88 -11.59 24.65
C GLU C 833 17.19 -11.48 25.39
N LYS C 834 17.51 -10.31 25.90
CA LYS C 834 18.88 -9.97 26.29
C LYS C 834 19.03 -9.96 27.81
N SER C 835 18.00 -9.59 28.54
CA SER C 835 18.09 -9.54 29.96
C SER C 835 16.88 -10.19 30.64
N PHE C 836 16.67 -11.48 30.32
CA PHE C 836 15.50 -12.16 30.82
C PHE C 836 15.39 -12.16 32.36
N ALA C 837 16.56 -12.12 33.03
CA ALA C 837 16.61 -12.13 34.51
C ALA C 837 15.91 -10.95 35.16
N ALA C 838 15.82 -9.82 34.46
CA ALA C 838 15.03 -8.67 34.94
C ALA C 838 13.56 -9.09 35.23
N PHE C 839 13.03 -10.03 34.45
CA PHE C 839 11.62 -10.39 34.62
C PHE C 839 11.46 -11.31 35.83
N LEU C 840 12.54 -12.01 36.20
CA LEU C 840 12.51 -12.85 37.39
C LEU C 840 12.50 -12.09 38.69
N GLU C 841 12.89 -10.82 38.66
CA GLU C 841 12.96 -9.98 39.86
C GLU C 841 11.67 -9.26 40.09
N LEU C 842 10.84 -9.16 39.06
CA LEU C 842 9.51 -8.56 39.22
C LEU C 842 8.72 -9.20 40.38
N PRO C 843 8.04 -8.37 41.21
CA PRO C 843 7.10 -8.97 42.17
C PRO C 843 5.97 -9.71 41.42
N PRO C 844 5.48 -10.84 41.96
CA PRO C 844 4.57 -11.70 41.20
C PRO C 844 3.37 -10.99 40.54
N ALA C 845 2.85 -9.93 41.17
CA ALA C 845 1.68 -9.23 40.61
C ALA C 845 2.08 -8.55 39.30
N ALA C 846 3.33 -8.11 39.23
CA ALA C 846 3.83 -7.41 38.02
C ALA C 846 4.17 -8.43 36.92
N PHE C 847 4.72 -9.59 37.31
CA PHE C 847 4.93 -10.66 36.35
C PHE C 847 3.60 -11.07 35.72
N LYS C 848 2.54 -11.12 36.53
CA LYS C 848 1.22 -11.37 35.99
C LYS C 848 0.80 -10.30 34.98
N LEU C 849 1.13 -9.04 35.27
CA LEU C 849 0.80 -8.00 34.30
C LEU C 849 1.64 -8.18 33.01
N PHE C 850 2.81 -8.78 33.13
CA PHE C 850 3.67 -8.95 31.99
C PHE C 850 3.01 -10.00 31.07
N VAL C 851 2.58 -11.12 31.63
CA VAL C 851 1.91 -12.13 30.82
C VAL C 851 0.67 -11.49 30.18
N ASP C 852 -0.08 -10.74 30.97
CA ASP C 852 -1.26 -10.00 30.48
C ASP C 852 -0.90 -9.11 29.36
N ALA C 853 0.23 -8.41 29.46
CA ALA C 853 0.60 -7.50 28.38
C ALA C 853 0.94 -8.26 27.03
N ILE C 854 1.45 -9.48 27.12
CA ILE C 854 1.85 -10.24 25.93
C ILE C 854 0.60 -10.69 25.24
N CYS C 855 -0.38 -11.17 26.01
CA CYS C 855 -1.65 -11.61 25.42
C CYS C 855 -2.41 -10.44 24.82
N TRP C 856 -2.38 -9.30 25.49
CA TRP C 856 -2.94 -8.08 24.96
C TRP C 856 -2.28 -7.73 23.59
N ALA C 857 -0.93 -7.86 23.46
CA ALA C 857 -0.29 -7.55 22.22
C ALA C 857 -0.90 -8.45 21.12
N PHE C 858 -1.21 -9.66 21.48
CA PHE C 858 -1.63 -10.40 20.39
C PHE C 858 -3.06 -10.32 19.89
N LYS C 859 -3.89 -9.60 20.66
CA LYS C 859 -5.20 -9.15 20.19
C LYS C 859 -5.19 -7.87 19.34
N HIS C 860 -4.01 -7.28 19.12
CA HIS C 860 -3.91 -6.13 18.26
C HIS C 860 -3.99 -6.51 16.77
N ASN C 861 -4.51 -5.58 15.97
CA ASN C 861 -4.49 -5.73 14.52
C ASN C 861 -3.31 -4.98 13.94
N ASN C 862 -2.90 -3.91 14.63
CA ASN C 862 -1.66 -3.23 14.31
C ASN C 862 -0.61 -4.33 14.18
N ARG C 863 -0.10 -4.49 12.96
CA ARG C 863 0.81 -5.56 12.65
C ARG C 863 2.08 -5.55 13.50
N ASP C 864 2.64 -4.39 13.73
CA ASP C 864 3.95 -4.37 14.36
C ASP C 864 3.82 -4.90 15.86
N VAL C 865 2.73 -4.50 16.54
CA VAL C 865 2.44 -4.95 17.90
C VAL C 865 2.13 -6.44 17.94
N GLU C 866 1.14 -6.94 17.19
CA GLU C 866 0.75 -8.35 17.18
C GLU C 866 1.98 -9.25 16.97
N VAL C 867 2.88 -8.84 16.06
CA VAL C 867 4.03 -9.71 15.69
C VAL C 867 5.03 -9.77 16.81
N ASN C 868 5.33 -8.61 17.37
CA ASN C 868 6.12 -8.56 18.60
C ASN C 868 5.50 -9.36 19.73
N GLY C 869 4.19 -9.31 19.84
CA GLY C 869 3.44 -10.06 20.89
C GLY C 869 3.64 -11.56 20.78
N LEU C 870 3.38 -12.09 19.57
CA LEU C 870 3.55 -13.52 19.36
C LEU C 870 4.99 -13.94 19.53
N GLN C 871 5.94 -13.12 19.05
CA GLN C 871 7.38 -13.41 19.25
C GLN C 871 7.81 -13.42 20.71
N ILE C 872 7.32 -12.46 21.49
CA ILE C 872 7.70 -12.42 22.94
C ILE C 872 7.18 -13.67 23.62
N ALA C 873 5.94 -14.06 23.29
CA ALA C 873 5.31 -15.23 23.93
C ALA C 873 6.18 -16.47 23.66
N LEU C 874 6.60 -16.63 22.39
CA LEU C 874 7.48 -17.74 21.96
C LEU C 874 8.75 -17.72 22.71
N ASP C 875 9.40 -16.55 22.78
CA ASP C 875 10.72 -16.44 23.40
C ASP C 875 10.59 -16.65 24.93
N LEU C 876 9.49 -16.17 25.51
CA LEU C 876 9.25 -16.34 26.95
C LEU C 876 9.16 -17.83 27.31
N VAL C 877 8.35 -18.56 26.54
CA VAL C 877 8.20 -20.00 26.69
C VAL C 877 9.57 -20.68 26.58
N LYS C 878 10.34 -20.32 25.55
CA LYS C 878 11.72 -20.80 25.39
C LYS C 878 12.61 -20.44 26.59
N ASN C 879 12.51 -19.21 27.09
CA ASN C 879 13.29 -18.78 28.28
C ASN C 879 12.90 -19.62 29.51
N ILE C 880 11.61 -19.89 29.66
CA ILE C 880 11.16 -20.70 30.80
C ILE C 880 11.66 -22.14 30.62
N GLU C 881 11.42 -22.72 29.46
CA GLU C 881 11.98 -24.04 29.15
C GLU C 881 13.46 -24.11 29.46
N ARG C 882 14.24 -23.08 29.13
CA ARG C 882 15.68 -23.12 29.37
C ARG C 882 16.06 -23.22 30.84
N MET C 883 15.24 -22.68 31.74
CA MET C 883 15.56 -22.77 33.17
C MET C 883 15.39 -24.23 33.60
N GLY C 884 15.79 -24.58 34.80
CA GLY C 884 15.67 -25.98 35.17
C GLY C 884 14.27 -26.60 35.23
N ASN C 885 14.25 -27.80 35.81
CA ASN C 885 13.10 -28.32 36.52
C ASN C 885 13.27 -27.58 37.86
N VAL C 886 12.76 -26.36 37.92
CA VAL C 886 13.00 -25.44 39.03
C VAL C 886 11.67 -24.79 39.45
N PRO C 887 11.52 -24.36 40.71
CA PRO C 887 10.23 -23.80 41.17
C PRO C 887 9.67 -22.66 40.32
N PHE C 888 10.51 -21.71 39.94
CA PHE C 888 10.00 -20.65 39.11
C PHE C 888 9.39 -21.21 37.80
N ALA C 889 10.09 -22.10 37.08
CA ALA C 889 9.52 -22.66 35.83
C ALA C 889 8.20 -23.38 36.10
N ASN C 890 8.19 -24.14 37.19
CA ASN C 890 7.06 -25.03 37.46
C ASN C 890 5.86 -24.20 37.84
N GLU C 891 6.07 -23.17 38.65
CA GLU C 891 5.03 -22.21 38.95
C GLU C 891 4.50 -21.50 37.69
N PHE C 892 5.44 -21.16 36.80
CA PHE C 892 5.07 -20.48 35.54
C PHE C 892 4.08 -21.36 34.79
N HIS C 893 4.42 -22.64 34.58
CA HIS C 893 3.46 -23.51 33.88
C HIS C 893 2.15 -23.68 34.63
N LYS C 894 2.21 -23.93 35.92
CA LYS C 894 0.97 -24.05 36.69
C LYS C 894 0.08 -22.79 36.56
N ASN C 895 0.70 -21.62 36.57
CA ASN C 895 -0.08 -20.40 36.48
C ASN C 895 -0.44 -19.93 35.03
N TYR C 896 0.41 -20.20 34.04
CA TYR C 896 0.21 -19.54 32.73
C TYR C 896 0.16 -20.43 31.52
N PHE C 897 0.50 -21.71 31.69
CA PHE C 897 0.50 -22.55 30.47
C PHE C 897 -0.87 -22.48 29.74
N PHE C 898 -1.97 -22.64 30.48
CA PHE C 898 -3.30 -22.66 29.88
C PHE C 898 -3.78 -21.31 29.42
N ILE C 899 -3.34 -20.26 30.10
CA ILE C 899 -3.55 -18.88 29.66
C ILE C 899 -2.99 -18.69 28.27
N PHE C 900 -1.77 -19.15 28.01
CA PHE C 900 -1.19 -19.01 26.72
C PHE C 900 -1.88 -19.89 25.68
N VAL C 901 -2.31 -21.09 26.07
CA VAL C 901 -2.90 -22.00 25.09
C VAL C 901 -4.28 -21.43 24.64
N SER C 902 -5.07 -21.00 25.59
CA SER C 902 -6.40 -20.50 25.28
C SER C 902 -6.38 -19.14 24.59
N GLU C 903 -5.47 -18.26 24.98
CA GLU C 903 -5.32 -16.96 24.32
C GLU C 903 -4.87 -17.11 22.84
N THR C 904 -4.01 -18.07 22.60
CA THR C 904 -3.60 -18.33 21.25
C THR C 904 -4.64 -19.02 20.37
N PHE C 905 -5.38 -19.98 20.95
CA PHE C 905 -6.57 -20.47 20.29
C PHE C 905 -7.58 -19.40 19.99
N PHE C 906 -7.79 -18.46 20.93
CA PHE C 906 -8.74 -17.42 20.72
C PHE C 906 -8.39 -16.57 19.45
N VAL C 907 -7.16 -16.10 19.33
CA VAL C 907 -6.86 -15.22 18.19
C VAL C 907 -6.78 -16.03 16.88
N LEU C 908 -6.42 -17.30 16.97
CA LEU C 908 -6.35 -18.17 15.80
C LEU C 908 -7.77 -18.34 15.15
N THR C 909 -8.78 -18.36 16.00
CA THR C 909 -10.09 -18.87 15.68
C THR C 909 -11.14 -17.79 15.53
N ASP C 910 -10.79 -16.54 15.82
CA ASP C 910 -11.88 -15.56 15.71
C ASP C 910 -11.71 -14.91 14.36
N SER C 911 -12.61 -14.14 13.89
CA SER C 911 -12.20 -13.89 12.49
C SER C 911 -11.41 -12.58 12.23
N ASP C 912 -10.70 -12.18 13.27
CA ASP C 912 -10.19 -10.82 13.37
C ASP C 912 -8.65 -10.76 13.38
N HIS C 913 -7.96 -11.91 13.31
CA HIS C 913 -6.50 -11.89 13.45
C HIS C 913 -5.83 -12.80 12.45
N LYS C 914 -6.42 -12.86 11.24
CA LYS C 914 -5.96 -13.82 10.22
C LYS C 914 -4.53 -13.58 9.78
N SER C 915 -4.06 -12.34 9.95
CA SER C 915 -2.69 -12.02 9.52
C SER C 915 -1.63 -12.67 10.40
N GLY C 916 -1.94 -12.94 11.67
CA GLY C 916 -0.92 -13.62 12.52
C GLY C 916 -0.94 -15.18 12.48
N PHE C 917 -1.63 -15.78 11.52
CA PHE C 917 -1.87 -17.22 11.50
C PHE C 917 -0.58 -18.04 11.65
N SER C 918 0.45 -17.83 10.81
CA SER C 918 1.72 -18.61 10.98
C SER C 918 2.36 -18.61 12.36
N LYS C 919 2.52 -17.43 12.97
CA LYS C 919 3.09 -17.36 14.30
C LYS C 919 2.17 -17.84 15.38
N GLN C 920 0.84 -17.73 15.17
CA GLN C 920 -0.05 -18.32 16.20
C GLN C 920 0.16 -19.81 16.19
N ALA C 921 0.30 -20.38 15.00
CA ALA C 921 0.45 -21.81 14.85
C ALA C 921 1.80 -22.27 15.49
N LEU C 922 2.88 -21.56 15.18
CA LEU C 922 4.17 -21.88 15.75
C LEU C 922 4.13 -21.83 17.22
N LEU C 923 3.42 -20.86 17.77
CA LEU C 923 3.29 -20.79 19.21
C LEU C 923 2.53 -21.98 19.77
N LEU C 924 1.36 -22.26 19.18
CA LEU C 924 0.59 -23.43 19.57
C LEU C 924 1.44 -24.73 19.48
N MET C 925 2.25 -24.88 18.44
CA MET C 925 2.95 -26.15 18.28
C MET C 925 3.94 -26.30 19.43
N LYS C 926 4.64 -25.22 19.76
CA LYS C 926 5.59 -25.22 20.85
C LYS C 926 4.86 -25.46 22.16
N LEU C 927 3.72 -24.83 22.39
CA LEU C 927 2.96 -25.14 23.64
C LEU C 927 2.59 -26.63 23.70
N ILE C 928 1.99 -27.18 22.65
CA ILE C 928 1.70 -28.63 22.67
C ILE C 928 2.96 -29.48 22.95
N SER C 929 4.03 -29.18 22.24
CA SER C 929 5.28 -29.93 22.38
C SER C 929 5.77 -29.94 23.84
N LEU C 930 5.54 -28.88 24.62
CA LEU C 930 6.01 -28.90 26.02
C LEU C 930 5.40 -30.07 26.78
N VAL C 931 4.14 -30.36 26.49
CA VAL C 931 3.45 -31.50 27.09
C VAL C 931 3.83 -32.82 26.40
N TYR C 932 3.74 -32.88 25.06
CA TYR C 932 3.92 -34.19 24.40
C TYR C 932 5.37 -34.66 24.38
N ASP C 933 6.30 -33.75 24.65
CA ASP C 933 7.70 -34.12 24.70
C ASP C 933 8.13 -34.25 26.14
N ASN C 934 7.21 -34.08 27.08
CA ASN C 934 7.51 -34.30 28.50
C ASN C 934 8.50 -33.29 29.04
N LYS C 935 8.37 -32.03 28.60
CA LYS C 935 9.21 -30.94 29.08
C LYS C 935 8.73 -30.28 30.37
N ILE C 936 7.45 -30.41 30.71
CA ILE C 936 6.93 -29.79 31.92
C ILE C 936 6.96 -30.89 32.99
N SER C 937 7.59 -30.59 34.13
CA SER C 937 7.92 -31.63 35.14
C SER C 937 6.75 -32.01 36.04
N VAL C 938 5.80 -31.09 36.08
CA VAL C 938 4.89 -30.99 37.18
C VAL C 938 3.47 -31.16 36.61
N PRO C 939 2.54 -31.70 37.42
CA PRO C 939 1.16 -31.79 36.97
C PRO C 939 0.58 -30.42 36.72
N LEU C 940 -0.10 -30.26 35.60
CA LEU C 940 -0.68 -28.97 35.28
C LEU C 940 -2.04 -28.80 35.91
N TYR C 941 -2.59 -29.87 36.44
CA TYR C 941 -3.87 -29.78 37.08
C TYR C 941 -3.71 -29.65 38.58
N GLN C 942 -4.78 -29.25 39.25
CA GLN C 942 -4.88 -29.22 40.71
C GLN C 942 -5.03 -30.62 41.34
N GLU C 943 -4.58 -30.75 42.57
CA GLU C 943 -4.66 -32.02 43.33
C GLU C 943 -5.81 -32.95 42.90
N ALA C 944 -7.02 -32.66 43.36
CA ALA C 944 -8.13 -33.61 43.25
C ALA C 944 -9.06 -33.22 42.11
N GLU C 945 -8.47 -32.84 40.99
CA GLU C 945 -9.24 -32.42 39.86
C GLU C 945 -9.47 -33.59 38.90
N VAL C 946 -8.62 -34.61 39.03
CA VAL C 946 -8.49 -35.67 38.03
C VAL C 946 -7.79 -36.92 38.68
N PRO C 947 -8.02 -38.15 38.14
CA PRO C 947 -7.52 -39.41 38.74
C PRO C 947 -5.99 -39.51 38.96
N GLN C 948 -5.58 -40.60 39.61
CA GLN C 948 -4.34 -40.73 40.44
C GLN C 948 -3.09 -39.99 39.94
N GLY C 949 -2.40 -40.54 38.95
CA GLY C 949 -1.35 -39.79 38.27
C GLY C 949 -1.67 -39.62 36.78
N THR C 950 -2.74 -38.92 36.43
CA THR C 950 -2.99 -38.76 34.99
C THR C 950 -1.89 -37.88 34.34
N SER C 951 -1.54 -38.24 33.11
CA SER C 951 -0.53 -37.53 32.35
C SER C 951 -1.02 -36.14 31.98
N ASN C 952 -0.08 -35.23 31.75
CA ASN C 952 -0.41 -33.93 31.20
C ASN C 952 -1.04 -34.06 29.81
N GLN C 953 -0.66 -35.12 29.10
CA GLN C 953 -1.23 -35.40 27.80
C GLN C 953 -2.74 -35.50 27.91
N VAL C 954 -3.22 -36.44 28.69
CA VAL C 954 -4.65 -36.65 28.69
C VAL C 954 -5.34 -35.41 29.30
N TYR C 955 -4.74 -34.77 30.30
CA TYR C 955 -5.33 -33.57 30.85
C TYR C 955 -5.43 -32.40 29.83
N LEU C 956 -4.35 -32.13 29.09
CA LEU C 956 -4.39 -31.14 28.03
C LEU C 956 -5.51 -31.41 27.04
N SER C 957 -5.64 -32.63 26.57
CA SER C 957 -6.66 -32.99 25.65
C SER C 957 -8.08 -32.76 26.24
N GLN C 958 -8.30 -33.09 27.51
CA GLN C 958 -9.59 -32.81 28.17
C GLN C 958 -9.88 -31.32 28.34
N TYR C 959 -8.88 -30.56 28.77
CA TYR C 959 -8.98 -29.11 28.85
C TYR C 959 -9.38 -28.48 27.49
N LEU C 960 -8.68 -28.89 26.42
CA LEU C 960 -8.96 -28.38 25.09
C LEU C 960 -10.33 -28.85 24.60
N ALA C 961 -10.73 -30.11 24.86
CA ALA C 961 -12.05 -30.57 24.37
C ALA C 961 -13.12 -29.71 25.03
N ASN C 962 -12.94 -29.45 26.31
CA ASN C 962 -13.91 -28.61 27.04
C ASN C 962 -13.96 -27.14 26.54
N MET C 963 -12.77 -26.57 26.35
CA MET C 963 -12.64 -25.18 25.91
C MET C 963 -13.33 -25.04 24.54
N LEU C 964 -13.03 -25.96 23.63
CA LEU C 964 -13.54 -25.82 22.28
C LEU C 964 -15.05 -26.08 22.23
N SER C 965 -15.51 -27.03 23.03
CA SER C 965 -16.93 -27.39 23.14
C SER C 965 -17.74 -26.15 23.59
N ASN C 966 -17.22 -25.39 24.56
CA ASN C 966 -17.93 -24.19 25.03
C ASN C 966 -17.82 -23.02 24.04
N ALA C 967 -16.63 -22.87 23.44
CA ALA C 967 -16.41 -21.84 22.46
C ALA C 967 -17.15 -22.13 21.17
N PHE C 968 -17.26 -23.39 20.73
CA PHE C 968 -17.93 -23.69 19.43
C PHE C 968 -18.97 -24.77 19.64
N PRO C 969 -20.12 -24.38 20.22
CA PRO C 969 -21.06 -25.40 20.69
C PRO C 969 -21.71 -26.15 19.52
N HIS C 970 -21.66 -25.59 18.31
CA HIS C 970 -22.29 -26.28 17.19
C HIS C 970 -21.46 -27.45 16.68
N LEU C 971 -20.26 -27.66 17.21
CA LEU C 971 -19.42 -28.76 16.71
C LEU C 971 -19.80 -30.03 17.48
N THR C 972 -19.69 -31.20 16.85
CA THR C 972 -19.90 -32.44 17.63
C THR C 972 -18.67 -32.76 18.49
N SER C 973 -18.86 -33.51 19.58
CA SER C 973 -17.76 -33.95 20.42
C SER C 973 -16.78 -34.78 19.55
N GLU C 974 -17.28 -35.56 18.62
CA GLU C 974 -16.42 -36.30 17.70
C GLU C 974 -15.54 -35.38 16.84
N GLN C 975 -16.12 -34.37 16.21
CA GLN C 975 -15.27 -33.52 15.41
C GLN C 975 -14.16 -32.85 16.27
N ILE C 976 -14.48 -32.48 17.50
CA ILE C 976 -13.50 -31.89 18.37
C ILE C 976 -12.46 -32.93 18.73
N ALA C 977 -12.89 -34.14 19.07
CA ALA C 977 -11.90 -35.16 19.47
C ALA C 977 -10.96 -35.56 18.30
N SER C 978 -11.47 -35.59 17.06
CA SER C 978 -10.63 -35.99 15.89
C SER C 978 -9.62 -34.89 15.57
N PHE C 979 -10.10 -33.67 15.72
CA PHE C 979 -9.32 -32.50 15.51
C PHE C 979 -8.14 -32.55 16.44
N LEU C 980 -8.43 -32.72 17.72
CA LEU C 980 -7.37 -32.69 18.71
C LEU C 980 -6.43 -33.88 18.59
N SER C 981 -6.96 -35.05 18.28
CA SER C 981 -6.13 -36.22 18.02
C SER C 981 -5.13 -35.89 16.85
N ALA C 982 -5.61 -35.27 15.77
CA ALA C 982 -4.67 -34.89 14.71
C ALA C 982 -3.59 -33.88 15.20
N LEU C 983 -4.00 -32.78 15.81
CA LEU C 983 -3.06 -31.76 16.27
C LEU C 983 -1.97 -32.26 17.15
N THR C 984 -2.36 -33.09 18.12
CA THR C 984 -1.41 -33.57 19.07
C THR C 984 -0.45 -34.62 18.44
N LYS C 985 -0.72 -35.08 17.20
CA LYS C 985 0.21 -35.95 16.45
C LYS C 985 1.05 -35.22 15.42
N GLN C 986 0.76 -33.94 15.18
CA GLN C 986 1.34 -33.24 14.04
C GLN C 986 2.18 -32.08 14.50
N TYR C 987 2.40 -31.96 15.81
CA TYR C 987 3.05 -30.75 16.35
C TYR C 987 4.55 -30.60 16.02
N LYS C 988 5.18 -31.60 15.40
CA LYS C 988 6.53 -31.37 14.83
C LYS C 988 6.52 -30.90 13.37
N ASP C 989 5.38 -30.85 12.70
CA ASP C 989 5.39 -30.72 11.22
C ASP C 989 4.48 -29.55 10.87
N LEU C 990 5.10 -28.41 10.62
CA LEU C 990 4.43 -27.15 10.54
C LEU C 990 3.43 -27.15 9.40
N VAL C 991 3.86 -27.58 8.23
CA VAL C 991 2.98 -27.61 7.07
C VAL C 991 1.70 -28.46 7.35
N VAL C 992 1.88 -29.62 7.98
CA VAL C 992 0.73 -30.50 8.25
C VAL C 992 -0.15 -29.93 9.36
N PHE C 993 0.49 -29.41 10.39
CA PHE C 993 -0.19 -28.84 11.52
C PHE C 993 -1.03 -27.62 11.13
N LYS C 994 -0.48 -26.77 10.29
CA LYS C 994 -1.24 -25.65 9.78
C LYS C 994 -2.39 -26.10 8.88
N GLY C 995 -2.22 -27.14 8.05
CA GLY C 995 -3.33 -27.66 7.23
C GLY C 995 -4.47 -28.09 8.19
N THR C 996 -4.10 -28.71 9.29
CA THR C 996 -5.08 -29.13 10.33
C THR C 996 -5.84 -27.95 11.00
N LEU C 997 -5.12 -26.89 11.38
CA LEU C 997 -5.77 -25.69 11.89
C LEU C 997 -6.68 -25.10 10.82
N ARG C 998 -6.22 -25.04 9.57
CA ARG C 998 -7.05 -24.45 8.50
C ARG C 998 -8.31 -25.28 8.30
N ASP C 999 -8.17 -26.61 8.30
CA ASP C 999 -9.36 -27.45 8.28
C ASP C 999 -10.36 -27.15 9.42
N PHE C 1000 -9.86 -26.99 10.64
CA PHE C 1000 -10.67 -26.61 11.76
C PHE C 1000 -11.43 -25.28 11.51
N LEU C 1001 -10.71 -24.27 10.97
CA LEU C 1001 -11.27 -22.99 10.63
C LEU C 1001 -12.36 -23.06 9.57
N VAL C 1002 -12.26 -24.00 8.59
CA VAL C 1002 -13.36 -24.27 7.69
C VAL C 1002 -14.54 -24.86 8.44
N GLN C 1003 -14.28 -25.90 9.26
CA GLN C 1003 -15.35 -26.59 9.89
C GLN C 1003 -16.08 -25.73 10.90
N ILE C 1004 -15.41 -24.78 11.54
CA ILE C 1004 -16.16 -23.99 12.48
C ILE C 1004 -17.13 -23.02 11.83
N LYS C 1005 -17.00 -22.78 10.52
CA LYS C 1005 -17.97 -21.88 9.84
C LYS C 1005 -19.18 -22.66 9.41
N GLU C 1006 -19.24 -23.96 9.66
CA GLU C 1006 -20.42 -24.65 9.13
C GLU C 1006 -20.93 -25.57 10.21
N VAL C 1007 -22.05 -26.20 9.95
CA VAL C 1007 -22.47 -27.26 10.80
C VAL C 1007 -22.30 -28.65 10.06
N GLY C 1008 -21.94 -29.66 10.84
CA GLY C 1008 -21.98 -31.06 10.38
C GLY C 1008 -20.70 -31.43 9.59
N GLY C 1009 -19.59 -30.75 9.84
CA GLY C 1009 -18.29 -31.08 9.20
C GLY C 1009 -17.90 -32.53 9.52
N ASP C 1010 -17.26 -33.16 8.54
CA ASP C 1010 -16.91 -34.55 8.65
C ASP C 1010 -15.64 -34.72 9.54
N PRO C 1011 -15.75 -35.43 10.68
CA PRO C 1011 -14.60 -35.56 11.59
C PRO C 1011 -13.44 -36.40 10.95
N THR C 1012 -13.74 -37.17 9.90
CA THR C 1012 -12.67 -37.98 9.27
C THR C 1012 -11.75 -37.05 8.42
N ASP C 1013 -12.19 -35.80 8.20
CA ASP C 1013 -11.38 -34.88 7.40
C ASP C 1013 -10.03 -34.70 8.11
N TYR C 1014 -9.98 -34.82 9.44
CA TYR C 1014 -8.70 -34.63 10.14
C TYR C 1014 -7.71 -35.81 10.00
N LEU C 1015 -8.07 -36.89 9.30
CA LEU C 1015 -7.10 -37.95 9.08
C LEU C 1015 -6.45 -37.69 7.74
N PHE C 1016 -6.65 -36.49 7.15
CA PHE C 1016 -6.15 -36.24 5.79
C PHE C 1016 -4.66 -36.60 5.68
N ALA C 1017 -3.90 -36.15 6.66
CA ALA C 1017 -2.43 -36.33 6.65
C ALA C 1017 -2.03 -37.78 6.88
N GLU C 1018 -2.82 -38.56 7.61
CA GLU C 1018 -2.54 -40.00 7.83
C GLU C 1018 -2.52 -40.86 6.54
N ASP C 1019 -2.97 -40.29 5.40
CA ASP C 1019 -3.03 -41.02 4.09
C ASP C 1019 -1.96 -40.62 3.05
N LYS C 1020 -1.33 -39.46 3.21
CA LYS C 1020 -0.11 -39.10 2.45
C LYS C 1020 1.13 -39.58 3.24
N GLU C 1021 0.88 -39.98 4.49
CA GLU C 1021 1.85 -40.72 5.30
C GLU C 1021 1.70 -42.18 4.90
N ASN C 1022 0.45 -42.56 4.56
CA ASN C 1022 0.11 -43.87 3.93
C ASN C 1022 0.58 -43.99 2.45
N ALA C 1023 0.10 -43.09 1.59
CA ALA C 1023 0.48 -43.02 0.17
C ALA C 1023 1.90 -42.51 0.01
#